data_7N19
#
_entry.id   7N19
#
_cell.length_a   74.461
_cell.length_b   214.255
_cell.length_c   74.554
_cell.angle_alpha   90.000
_cell.angle_beta   98.956
_cell.angle_gamma   90.000
#
_symmetry.space_group_name_H-M   'P 1 21 1'
#
loop_
_entity.id
_entity.type
_entity.pdbx_description
1 polymer 'HLA class II histocompatibility antigen, DR alpha chain'
2 polymer 'HLA class II histocompatibility antigen DR beta chain'
3 polymer 'HST4 peptide'
4 branched 2-acetamido-2-deoxy-beta-D-glucopyranose-(1-4)-2-acetamido-2-deoxy-beta-D-glucopyranose
5 non-polymer 1,2-ETHANEDIOL
6 non-polymer 2-acetamido-2-deoxy-beta-D-glucopyranose
7 water water
#
loop_
_entity_poly.entity_id
_entity_poly.type
_entity_poly.pdbx_seq_one_letter_code
_entity_poly.pdbx_strand_id
1 'polypeptide(L)'
;IKEEHVIIQAEFYLNPDQSGEFMFDFDGDEIFHVDMAKKETVWRLEEFGRFASFEAQGALANIAVDKANLEIMTKRSNYT
PITNVPPEVTVLTNSPVELREPNVLICFIDKFTPPVVNVTWLRNGKPVTTGVSETVFLPREDHLFRKFHYLPFLPSTEDV
YDCRVEHWGLDEPLLKHWEFD
;
A,D,G,J
2 'polypeptide(L)'
;RPRFLEYSTSECHFFNGTERVRYLDRYFHNQEENVRFDSDVGEFRAVTELGRPDAEYWNSQKDLLEQKRGRVDNYCRHNY
GVVESFTVQRRVHPKVTVYPSKTQPLQHHNLLVCSVSGFYPGSIEVRWFRNGQEEKTGVVSTGLIHNGDWTFQTLVMLET
VPRSGEVYTCQVEHPSVTSPLTVEWRAGG
;
B,E,H,K
3 'polypeptide(L)' GGIGSDNKVTRRGG C,F,I,L
#
# COMPACT_ATOMS: atom_id res chain seq x y z
N LYS A 2 41.25 4.41 11.37
CA LYS A 2 42.13 4.99 10.36
C LYS A 2 41.46 5.08 8.97
N GLU A 3 40.44 4.26 8.71
CA GLU A 3 39.68 4.39 7.47
C GLU A 3 38.84 5.67 7.49
N GLU A 4 38.74 6.32 6.33
CA GLU A 4 38.03 7.58 6.22
C GLU A 4 36.52 7.39 6.06
N HIS A 5 36.08 6.37 5.33
CA HIS A 5 34.64 6.18 5.13
C HIS A 5 34.36 4.70 4.85
N VAL A 6 33.09 4.34 4.98
CA VAL A 6 32.59 2.99 4.77
C VAL A 6 31.26 3.09 4.07
N ILE A 7 31.09 2.31 3.01
CA ILE A 7 29.79 2.16 2.34
C ILE A 7 29.38 0.71 2.49
N ILE A 8 28.18 0.48 3.02
CA ILE A 8 27.73 -0.86 3.31
C ILE A 8 26.40 -1.09 2.60
N GLN A 9 26.33 -2.16 1.82
CA GLN A 9 25.08 -2.62 1.24
C GLN A 9 24.56 -3.74 2.14
N ALA A 10 23.44 -3.50 2.83
CA ALA A 10 22.95 -4.35 3.91
C ALA A 10 21.59 -4.90 3.55
N GLU A 11 21.41 -6.21 3.70
CA GLU A 11 20.13 -6.79 3.31
C GLU A 11 19.87 -7.98 4.21
N PHE A 12 18.59 -8.30 4.37
CA PHE A 12 18.23 -9.48 5.13
C PHE A 12 16.90 -10.01 4.61
N TYR A 13 16.65 -11.28 4.92
CA TYR A 13 15.32 -11.87 4.76
C TYR A 13 15.04 -12.68 6.01
N LEU A 14 13.84 -12.54 6.55
CA LEU A 14 13.50 -13.08 7.86
C LEU A 14 12.28 -13.98 7.73
N ASN A 15 12.40 -15.22 8.26
CA ASN A 15 11.24 -16.10 8.37
C ASN A 15 10.84 -16.23 9.84
N PRO A 16 9.54 -16.46 10.11
CA PRO A 16 8.44 -16.63 9.14
C PRO A 16 7.72 -15.34 8.75
N ASP A 17 8.28 -14.20 9.16
CA ASP A 17 7.65 -12.94 8.81
C ASP A 17 7.62 -12.70 7.31
N GLN A 18 8.52 -13.34 6.55
CA GLN A 18 8.56 -13.18 5.09
C GLN A 18 8.81 -11.71 4.75
N SER A 19 9.76 -11.11 5.45
CA SER A 19 10.01 -9.70 5.36
C SER A 19 11.49 -9.47 5.10
N GLY A 20 11.76 -8.51 4.21
CA GLY A 20 13.10 -8.30 3.72
C GLY A 20 13.45 -6.82 3.76
N GLU A 21 14.74 -6.58 3.56
CA GLU A 21 15.26 -5.23 3.52
C GLU A 21 16.46 -5.18 2.60
N PHE A 22 16.60 -4.08 1.87
CA PHE A 22 17.80 -3.82 1.10
C PHE A 22 18.07 -2.33 1.20
N MET A 23 19.22 -1.96 1.77
CA MET A 23 19.53 -0.56 1.99
C MET A 23 21.02 -0.33 1.79
N PHE A 24 21.38 0.94 1.60
CA PHE A 24 22.77 1.37 1.54
C PHE A 24 23.08 2.30 2.70
N ASP A 25 24.26 2.11 3.29
CA ASP A 25 24.71 2.88 4.44
C ASP A 25 26.05 3.53 4.14
N PHE A 26 26.14 4.84 4.42
CA PHE A 26 27.37 5.63 4.36
C PHE A 26 27.66 6.13 5.77
N ASP A 27 28.76 5.65 6.37
CA ASP A 27 29.25 6.16 7.66
C ASP A 27 28.14 6.20 8.72
N GLY A 28 27.20 5.25 8.66
CA GLY A 28 26.12 5.19 9.61
C GLY A 28 24.82 5.84 9.20
N ASP A 29 24.80 6.60 8.12
CA ASP A 29 23.55 7.16 7.64
C ASP A 29 23.05 6.41 6.42
N GLU A 30 21.74 6.47 6.18
CA GLU A 30 21.12 5.71 5.10
C GLU A 30 21.11 6.55 3.82
N ILE A 31 21.70 6.03 2.74
CA ILE A 31 21.53 6.68 1.45
C ILE A 31 20.14 6.42 0.91
N PHE A 32 19.71 5.17 0.97
CA PHE A 32 18.42 4.78 0.41
C PHE A 32 18.10 3.37 0.90
N HIS A 33 16.87 2.94 0.58
CA HIS A 33 16.48 1.55 0.69
C HIS A 33 15.46 1.29 -0.39
N VAL A 34 15.15 0.02 -0.61
CA VAL A 34 14.18 -0.38 -1.62
C VAL A 34 12.94 -0.87 -0.90
N ASP A 35 11.83 -0.18 -1.13
CA ASP A 35 10.53 -0.53 -0.56
C ASP A 35 10.08 -1.88 -1.14
N MET A 36 9.87 -2.87 -0.27
CA MET A 36 9.55 -4.21 -0.75
C MET A 36 8.15 -4.30 -1.31
N ALA A 37 7.25 -3.43 -0.84
CA ALA A 37 5.89 -3.42 -1.33
C ALA A 37 5.82 -2.80 -2.71
N LYS A 38 6.40 -1.61 -2.87
CA LYS A 38 6.29 -0.90 -4.12
C LYS A 38 7.45 -1.14 -5.08
N LYS A 39 8.44 -1.96 -4.71
CA LYS A 39 9.61 -2.25 -5.55
C LYS A 39 10.22 -0.97 -6.14
N GLU A 40 10.51 0.01 -5.29
CA GLU A 40 11.11 1.22 -5.80
C GLU A 40 12.12 1.79 -4.82
N THR A 41 13.04 2.57 -5.35
CA THR A 41 14.13 3.15 -4.57
C THR A 41 13.60 4.33 -3.78
N VAL A 42 13.86 4.33 -2.48
CA VAL A 42 13.45 5.43 -1.58
C VAL A 42 14.71 6.07 -1.04
N TRP A 43 14.97 7.32 -1.46
CA TRP A 43 16.13 8.08 -1.00
C TRP A 43 15.85 8.70 0.37
N ARG A 44 16.87 8.67 1.23
CA ARG A 44 16.64 9.07 2.61
C ARG A 44 16.45 10.57 2.75
N LEU A 45 17.12 11.35 1.90
CA LEU A 45 16.82 12.77 1.68
C LEU A 45 16.46 12.94 0.21
N GLU A 46 15.46 13.76 -0.10
CA GLU A 46 14.94 13.71 -1.45
C GLU A 46 15.95 14.28 -2.45
N GLU A 47 16.78 15.23 -2.01
CA GLU A 47 17.82 15.76 -2.88
C GLU A 47 18.75 14.66 -3.41
N PHE A 48 18.87 13.55 -2.67
CA PHE A 48 19.72 12.45 -3.13
C PHE A 48 19.24 11.93 -4.47
N GLY A 49 17.92 11.85 -4.67
CA GLY A 49 17.39 11.36 -5.93
C GLY A 49 17.72 12.23 -7.14
N ARG A 50 18.23 13.44 -6.92
CA ARG A 50 18.66 14.29 -8.01
C ARG A 50 20.12 14.10 -8.36
N PHE A 51 20.91 13.48 -7.48
CA PHE A 51 22.32 13.25 -7.72
C PHE A 51 22.65 11.81 -8.07
N ALA A 52 21.71 10.88 -7.93
CA ALA A 52 22.06 9.48 -8.05
C ALA A 52 20.84 8.68 -8.50
N SER A 53 21.12 7.49 -9.00
CA SER A 53 20.09 6.54 -9.39
C SER A 53 20.49 5.16 -8.86
N PHE A 54 19.51 4.26 -8.85
CA PHE A 54 19.72 2.88 -8.46
C PHE A 54 18.57 2.05 -9.07
N GLU A 55 18.91 0.86 -9.58
CA GLU A 55 17.94 -0.03 -10.21
C GLU A 55 17.35 -0.93 -9.12
N ALA A 56 16.09 -0.66 -8.74
CA ALA A 56 15.51 -1.41 -7.64
C ALA A 56 15.43 -2.90 -7.95
N GLN A 57 15.27 -3.25 -9.23
CA GLN A 57 15.15 -4.66 -9.60
C GLN A 57 16.38 -5.45 -9.19
N GLY A 58 17.54 -4.80 -9.12
CA GLY A 58 18.73 -5.49 -8.65
C GLY A 58 18.66 -5.82 -7.17
N ALA A 59 18.08 -4.91 -6.38
CA ALA A 59 17.85 -5.19 -4.97
C ALA A 59 16.91 -6.38 -4.80
N LEU A 60 15.82 -6.39 -5.57
CA LEU A 60 14.87 -7.49 -5.47
C LEU A 60 15.51 -8.82 -5.84
N ALA A 61 16.36 -8.83 -6.89
CA ALA A 61 17.03 -10.07 -7.28
C ALA A 61 17.96 -10.56 -6.17
N ASN A 62 18.64 -9.64 -5.50
CA ASN A 62 19.44 -9.96 -4.32
C ASN A 62 18.59 -10.53 -3.19
N ILE A 63 17.39 -9.99 -2.96
CA ILE A 63 16.55 -10.52 -1.89
C ILE A 63 16.14 -11.95 -2.18
N ALA A 64 15.98 -12.28 -3.46
CA ALA A 64 15.61 -13.64 -3.84
C ALA A 64 16.70 -14.64 -3.44
N VAL A 65 17.96 -14.22 -3.54
CA VAL A 65 19.05 -15.06 -3.10
C VAL A 65 19.10 -15.14 -1.59
N ASP A 66 18.87 -14.00 -0.94
CA ASP A 66 18.83 -14.00 0.52
C ASP A 66 17.78 -14.96 1.02
N LYS A 67 16.63 -15.01 0.34
CA LYS A 67 15.58 -15.95 0.71
C LYS A 67 16.04 -17.39 0.51
N ALA A 68 16.60 -17.68 -0.67
CA ALA A 68 17.11 -19.02 -0.94
C ALA A 68 18.18 -19.41 0.05
N ASN A 69 19.09 -18.47 0.35
CA ASN A 69 20.14 -18.77 1.31
C ASN A 69 19.55 -19.04 2.69
N LEU A 70 18.41 -18.41 3.03
CA LEU A 70 17.82 -18.59 4.36
C LEU A 70 17.31 -20.02 4.55
N GLU A 71 16.54 -20.54 3.57
CA GLU A 71 16.04 -21.91 3.67
C GLU A 71 17.19 -22.92 3.69
N ILE A 72 18.24 -22.67 2.90
CA ILE A 72 19.37 -23.58 2.91
C ILE A 72 20.07 -23.55 4.26
N MET A 73 20.22 -22.37 4.83
CA MET A 73 21.00 -22.22 6.05
C MET A 73 20.20 -22.60 7.28
N THR A 74 18.87 -22.46 7.22
CA THR A 74 18.05 -22.95 8.33
C THR A 74 18.16 -24.46 8.45
N LYS A 75 18.04 -25.18 7.33
CA LYS A 75 18.21 -26.62 7.35
C LYS A 75 19.62 -27.00 7.81
N ARG A 76 20.64 -26.28 7.35
CA ARG A 76 22.01 -26.68 7.68
C ARG A 76 22.30 -26.48 9.16
N SER A 77 21.67 -25.51 9.80
CA SER A 77 21.90 -25.28 11.21
C SER A 77 20.96 -26.10 12.10
N ASN A 78 20.08 -26.92 11.51
CA ASN A 78 19.10 -27.72 12.26
C ASN A 78 18.08 -26.83 12.96
N TYR A 79 17.58 -25.83 12.25
CA TYR A 79 16.49 -24.99 12.71
C TYR A 79 16.76 -24.33 14.07
N THR A 80 18.03 -24.05 14.40
CA THR A 80 18.32 -23.28 15.61
C THR A 80 17.79 -21.85 15.46
N PRO A 81 16.86 -21.42 16.33
CA PRO A 81 16.28 -20.09 16.19
C PRO A 81 17.24 -19.00 16.64
N ILE A 82 16.96 -17.78 16.17
CA ILE A 82 17.74 -16.62 16.56
C ILE A 82 17.51 -16.31 18.04
N THR A 83 18.57 -15.88 18.71
CA THR A 83 18.41 -15.38 20.08
C THR A 83 17.93 -13.92 20.04
N ASN A 84 16.80 -13.63 20.69
CA ASN A 84 16.31 -12.26 20.81
C ASN A 84 17.28 -11.44 21.64
N VAL A 85 17.60 -10.24 21.15
CA VAL A 85 18.37 -9.26 21.92
C VAL A 85 17.51 -8.01 21.97
N PRO A 86 17.00 -7.60 23.13
CA PRO A 86 16.04 -6.49 23.16
C PRO A 86 16.75 -5.16 23.00
N PRO A 87 16.03 -4.13 22.56
CA PRO A 87 16.69 -2.86 22.26
C PRO A 87 16.87 -1.99 23.49
N GLU A 88 17.87 -1.11 23.44
CA GLU A 88 17.83 0.06 24.29
C GLU A 88 17.18 1.19 23.52
N VAL A 89 16.38 2.00 24.22
CA VAL A 89 15.59 3.07 23.61
C VAL A 89 16.01 4.39 24.22
N THR A 90 16.22 5.39 23.38
CA THR A 90 16.51 6.75 23.82
C THR A 90 15.51 7.68 23.16
N VAL A 91 15.12 8.73 23.88
CA VAL A 91 14.30 9.79 23.32
C VAL A 91 15.02 11.10 23.55
N LEU A 92 15.15 11.88 22.49
CA LEU A 92 15.76 13.18 22.57
C LEU A 92 15.12 14.05 21.49
N THR A 93 15.32 15.36 21.61
CA THR A 93 14.85 16.30 20.60
C THR A 93 16.00 16.61 19.65
N ASN A 94 15.66 17.15 18.48
CA ASN A 94 16.73 17.40 17.54
C ASN A 94 17.32 18.80 17.67
N SER A 95 16.71 19.69 18.42
CA SER A 95 17.32 20.97 18.79
C SER A 95 16.98 21.28 20.23
N PRO A 96 17.70 22.21 20.86
CA PRO A 96 17.35 22.60 22.23
C PRO A 96 15.92 23.14 22.31
N VAL A 97 15.19 22.68 23.31
CA VAL A 97 13.77 22.93 23.41
C VAL A 97 13.51 24.37 23.85
N GLU A 98 12.69 25.08 23.08
CA GLU A 98 12.09 26.35 23.47
C GLU A 98 10.58 26.22 23.49
N LEU A 99 9.96 26.62 24.59
CA LEU A 99 8.52 26.46 24.71
C LEU A 99 7.83 27.16 23.55
N ARG A 100 6.89 26.45 22.92
CA ARG A 100 6.04 26.99 21.86
C ARG A 100 6.79 27.27 20.55
N GLU A 101 7.93 26.61 20.31
CA GLU A 101 8.65 26.69 19.03
C GLU A 101 8.81 25.30 18.43
N PRO A 102 8.43 25.08 17.18
CA PRO A 102 8.46 23.73 16.60
C PRO A 102 9.81 23.02 16.76
N ASN A 103 9.72 21.69 16.92
CA ASN A 103 10.85 20.84 17.26
C ASN A 103 10.43 19.40 16.90
N VAL A 104 11.32 18.45 17.17
CA VAL A 104 11.13 17.08 16.73
C VAL A 104 11.61 16.14 17.83
N LEU A 105 10.73 15.23 18.26
CA LEU A 105 11.15 14.15 19.14
C LEU A 105 11.74 13.03 18.30
N ILE A 106 12.85 12.47 18.79
CA ILE A 106 13.56 11.39 18.12
C ILE A 106 13.63 10.20 19.08
N CYS A 107 13.02 9.10 18.68
CA CYS A 107 13.09 7.82 19.39
C CYS A 107 14.16 6.97 18.71
N PHE A 108 15.26 6.72 19.41
CA PHE A 108 16.38 5.97 18.85
C PHE A 108 16.38 4.57 19.47
N ILE A 109 16.08 3.57 18.64
CA ILE A 109 16.00 2.16 19.03
C ILE A 109 17.27 1.46 18.55
N ASP A 110 17.98 0.78 19.48
CA ASP A 110 19.38 0.44 19.27
C ASP A 110 19.73 -0.93 19.84
N LYS A 111 20.68 -1.61 19.15
CA LYS A 111 21.36 -2.82 19.63
C LYS A 111 20.38 -3.97 19.85
N PHE A 112 19.59 -4.27 18.84
CA PHE A 112 18.58 -5.32 18.97
C PHE A 112 18.57 -6.19 17.73
N THR A 113 18.17 -7.45 17.92
CA THR A 113 17.83 -8.35 16.83
C THR A 113 16.83 -9.34 17.39
N PRO A 114 15.92 -9.88 16.55
CA PRO A 114 15.72 -9.70 15.10
C PRO A 114 15.18 -8.33 14.77
N PRO A 115 15.31 -7.92 13.49
CA PRO A 115 14.85 -6.58 13.07
C PRO A 115 13.34 -6.50 12.91
N VAL A 116 12.64 -6.64 14.04
CA VAL A 116 11.20 -6.42 14.10
C VAL A 116 10.88 -5.62 15.34
N VAL A 117 10.13 -4.54 15.19
CA VAL A 117 9.60 -3.77 16.31
C VAL A 117 8.19 -3.31 15.95
N ASN A 118 7.42 -3.02 16.97
CA ASN A 118 6.24 -2.19 16.89
C ASN A 118 6.53 -0.94 17.72
N VAL A 119 6.33 0.23 17.14
CA VAL A 119 6.69 1.48 17.79
C VAL A 119 5.48 2.41 17.72
N THR A 120 5.19 3.04 18.85
CA THR A 120 4.03 3.91 18.96
C THR A 120 4.47 5.16 19.69
N TRP A 121 4.08 6.32 19.18
CA TRP A 121 4.20 7.57 19.93
C TRP A 121 2.95 7.78 20.78
N LEU A 122 3.15 8.16 22.05
CA LEU A 122 2.05 8.48 22.96
C LEU A 122 2.17 9.93 23.40
N ARG A 123 1.10 10.70 23.20
CA ARG A 123 0.99 12.04 23.77
C ARG A 123 -0.08 12.02 24.86
N ASN A 124 0.36 12.26 26.09
CA ASN A 124 -0.50 12.17 27.28
C ASN A 124 -1.22 10.82 27.31
N GLY A 125 -0.48 9.76 26.96
CA GLY A 125 -1.00 8.42 27.00
C GLY A 125 -1.84 8.04 25.80
N LYS A 126 -2.13 8.97 24.88
CA LYS A 126 -2.91 8.69 23.68
C LYS A 126 -2.02 8.60 22.44
N PRO A 127 -2.27 7.65 21.56
CA PRO A 127 -1.45 7.53 20.34
C PRO A 127 -1.59 8.72 19.40
N VAL A 128 -0.48 9.05 18.73
CA VAL A 128 -0.42 10.17 17.81
C VAL A 128 0.35 9.75 16.55
N THR A 129 -0.17 10.17 15.38
CA THR A 129 0.41 9.86 14.09
C THR A 129 0.56 11.06 13.18
N THR A 130 0.15 12.25 13.61
CA THR A 130 0.32 13.45 12.81
C THR A 130 1.80 13.71 12.57
N GLY A 131 2.24 13.54 11.33
CA GLY A 131 3.58 13.93 10.96
C GLY A 131 4.66 12.95 11.33
N VAL A 132 4.32 11.78 11.89
CA VAL A 132 5.33 10.79 12.25
C VAL A 132 5.97 10.21 10.98
N SER A 133 7.28 9.99 11.05
CA SER A 133 8.03 9.27 10.02
C SER A 133 8.93 8.27 10.73
N GLU A 134 9.62 7.43 9.96
CA GLU A 134 10.53 6.43 10.52
C GLU A 134 11.51 5.96 9.45
N THR A 135 12.62 5.39 9.93
CA THR A 135 13.62 4.71 9.12
C THR A 135 13.42 3.19 9.13
N VAL A 136 14.12 2.53 8.21
CA VAL A 136 14.13 1.08 8.18
C VAL A 136 15.21 0.63 9.14
N PHE A 137 15.52 -0.65 9.17
CA PHE A 137 16.51 -1.12 10.12
C PHE A 137 17.93 -0.86 9.62
N LEU A 138 18.75 -0.21 10.46
CA LEU A 138 20.07 0.21 10.04
C LEU A 138 21.14 -0.70 10.63
N PRO A 139 22.22 -0.96 9.88
CA PRO A 139 23.22 -1.94 10.31
C PRO A 139 24.13 -1.42 11.40
N ARG A 140 24.76 -2.35 12.10
CA ARG A 140 25.73 -2.06 13.15
C ARG A 140 26.93 -2.96 12.95
N GLU A 141 28.11 -2.46 13.32
CA GLU A 141 29.35 -3.23 13.23
C GLU A 141 29.22 -4.59 13.93
N ASP A 142 28.41 -4.68 15.00
CA ASP A 142 28.22 -5.91 15.76
C ASP A 142 27.04 -6.74 15.25
N HIS A 143 26.33 -6.26 14.22
CA HIS A 143 25.28 -6.98 13.51
C HIS A 143 23.99 -7.06 14.31
N LEU A 144 23.83 -6.16 15.28
CA LEU A 144 22.51 -5.80 15.76
C LEU A 144 21.99 -4.65 14.90
N PHE A 145 20.76 -4.20 15.16
CA PHE A 145 20.12 -3.23 14.29
C PHE A 145 19.76 -1.96 15.06
N ARG A 146 19.60 -0.89 14.28
CA ARG A 146 19.24 0.46 14.72
C ARG A 146 17.96 0.89 14.01
N LYS A 147 17.21 1.80 14.62
CA LYS A 147 16.03 2.34 13.95
C LYS A 147 15.66 3.70 14.55
N PHE A 148 15.23 4.64 13.71
CA PHE A 148 14.77 5.94 14.21
C PHE A 148 13.30 6.17 13.89
N HIS A 149 12.56 6.70 14.89
CA HIS A 149 11.21 7.22 14.72
C HIS A 149 11.16 8.69 15.12
N TYR A 150 10.37 9.46 14.37
CA TYR A 150 10.30 10.92 14.47
C TYR A 150 8.88 11.41 14.79
N LEU A 151 8.80 12.39 15.67
CA LEU A 151 7.53 13.07 15.96
C LEU A 151 7.74 14.58 15.97
N PRO A 152 7.32 15.30 14.94
CA PRO A 152 7.12 16.76 15.05
C PRO A 152 6.16 17.08 16.19
N PHE A 153 6.51 18.08 16.99
CA PHE A 153 5.65 18.54 18.07
C PHE A 153 5.96 19.99 18.39
N LEU A 154 5.11 20.56 19.23
CA LEU A 154 5.22 21.93 19.73
C LEU A 154 5.46 21.86 21.23
N PRO A 155 6.68 22.08 21.71
CA PRO A 155 6.95 21.94 23.15
C PRO A 155 6.05 22.84 23.97
N SER A 156 5.70 22.36 25.17
CA SER A 156 4.69 22.96 26.03
C SER A 156 4.81 22.37 27.43
N THR A 157 4.55 23.18 28.45
CA THR A 157 4.54 22.65 29.82
C THR A 157 3.41 21.65 30.03
N GLU A 158 2.54 21.48 29.04
CA GLU A 158 1.25 20.87 29.21
C GLU A 158 1.15 19.44 28.70
N ASP A 159 2.12 18.96 27.93
CA ASP A 159 2.08 17.60 27.37
C ASP A 159 3.29 16.81 27.82
N VAL A 160 3.12 15.49 27.83
CA VAL A 160 4.19 14.54 28.07
C VAL A 160 4.11 13.49 26.96
N TYR A 161 5.28 12.95 26.59
CA TYR A 161 5.40 12.06 25.45
C TYR A 161 6.15 10.80 25.86
N ASP A 162 5.70 9.67 25.32
CA ASP A 162 6.37 8.39 25.42
C ASP A 162 6.53 7.80 24.02
N CYS A 163 7.72 7.26 23.77
CA CYS A 163 7.98 6.30 22.68
C CYS A 163 7.81 4.89 23.25
N ARG A 164 6.88 4.11 22.66
CA ARG A 164 6.53 2.77 23.16
C ARG A 164 7.04 1.72 22.19
N VAL A 165 7.95 0.86 22.64
CA VAL A 165 8.60 -0.14 21.78
C VAL A 165 8.23 -1.55 22.25
N GLU A 166 7.61 -2.32 21.35
CA GLU A 166 7.44 -3.76 21.53
C GLU A 166 8.54 -4.51 20.78
N HIS A 167 9.11 -5.53 21.42
CA HIS A 167 10.11 -6.39 20.81
C HIS A 167 10.09 -7.74 21.51
N TRP A 168 10.31 -8.81 20.74
CA TRP A 168 10.14 -10.17 21.26
C TRP A 168 11.13 -10.53 22.36
N GLY A 169 12.23 -9.80 22.47
CA GLY A 169 13.14 -10.01 23.58
C GLY A 169 12.79 -9.24 24.82
N LEU A 170 11.68 -8.51 24.80
CA LEU A 170 11.17 -7.78 25.95
C LEU A 170 9.94 -8.50 26.49
N ASP A 171 9.92 -8.72 27.80
CA ASP A 171 8.74 -9.36 28.38
C ASP A 171 7.53 -8.44 28.30
N GLU A 172 7.73 -7.15 28.43
CA GLU A 172 6.63 -6.19 28.34
C GLU A 172 7.07 -5.01 27.50
N PRO A 173 6.10 -4.27 26.93
CA PRO A 173 6.42 -3.06 26.18
C PRO A 173 7.25 -2.06 26.98
N LEU A 174 8.15 -1.41 26.28
CA LEU A 174 9.12 -0.49 26.85
C LEU A 174 8.68 0.93 26.52
N LEU A 175 8.43 1.73 27.54
CA LEU A 175 8.09 3.13 27.36
C LEU A 175 9.29 4.01 27.73
N LYS A 176 9.58 4.98 26.88
CA LYS A 176 10.67 5.89 27.13
C LYS A 176 10.09 7.29 27.06
N HIS A 177 10.27 8.03 28.13
CA HIS A 177 9.42 9.16 28.44
C HIS A 177 10.15 10.44 28.08
N TRP A 178 9.38 11.47 27.71
CA TRP A 178 9.92 12.80 27.54
C TRP A 178 8.89 13.81 28.02
N GLU A 179 9.37 14.81 28.76
CA GLU A 179 8.59 16.00 29.09
C GLU A 179 9.57 17.14 29.35
N PHE A 180 9.04 18.36 29.33
CA PHE A 180 9.88 19.54 29.24
C PHE A 180 10.88 19.75 30.41
N ARG B 1 7.35 -18.99 18.80
CA ARG B 1 7.46 -19.18 17.36
C ARG B 1 8.81 -18.70 16.87
N PRO B 2 9.66 -19.63 16.44
CA PRO B 2 11.06 -19.29 16.16
C PRO B 2 11.22 -18.43 14.91
N ARG B 3 12.15 -17.48 15.00
CA ARG B 3 12.58 -16.64 13.90
C ARG B 3 13.94 -17.11 13.35
N PHE B 4 14.10 -16.99 12.03
CA PHE B 4 15.35 -17.32 11.33
C PHE B 4 15.69 -16.18 10.38
N LEU B 5 16.91 -15.63 10.54
CA LEU B 5 17.34 -14.41 9.86
C LEU B 5 18.55 -14.70 8.98
N GLU B 6 18.46 -14.30 7.71
CA GLU B 6 19.56 -14.38 6.77
C GLU B 6 20.03 -12.96 6.51
N TYR B 7 21.30 -12.66 6.78
CA TYR B 7 21.81 -11.30 6.73
C TYR B 7 23.10 -11.26 5.93
N SER B 8 23.23 -10.27 5.06
CA SER B 8 24.43 -10.15 4.24
C SER B 8 24.84 -8.70 4.19
N THR B 9 26.14 -8.43 4.19
CA THR B 9 26.61 -7.09 3.85
C THR B 9 27.66 -7.15 2.75
N SER B 10 27.69 -6.14 1.90
CA SER B 10 28.84 -5.87 1.04
C SER B 10 29.39 -4.52 1.42
N GLU B 11 30.66 -4.50 1.84
CA GLU B 11 31.30 -3.37 2.48
C GLU B 11 32.46 -2.88 1.64
N CYS B 12 32.58 -1.56 1.56
CA CYS B 12 33.71 -0.89 0.98
C CYS B 12 34.31 0.03 2.03
N HIS B 13 35.56 -0.22 2.37
CA HIS B 13 36.29 0.56 3.34
C HIS B 13 37.33 1.38 2.60
N PHE B 14 37.34 2.67 2.82
CA PHE B 14 38.14 3.60 2.04
C PHE B 14 39.22 4.22 2.93
N PHE B 15 40.45 4.24 2.43
CA PHE B 15 41.58 4.80 3.14
C PHE B 15 42.25 5.81 2.24
N ASN B 16 42.51 7.01 2.78
CA ASN B 16 43.31 8.01 2.10
C ASN B 16 42.71 8.30 0.71
N GLY B 17 41.51 8.88 0.76
CA GLY B 17 40.70 9.06 -0.42
C GLY B 17 40.25 7.71 -0.94
N THR B 18 40.64 7.34 -2.15
CA THR B 18 40.40 5.98 -2.64
C THR B 18 41.70 5.27 -2.96
N GLU B 19 42.82 5.70 -2.37
CA GLU B 19 44.10 5.08 -2.70
C GLU B 19 44.16 3.63 -2.25
N ARG B 20 43.71 3.33 -1.03
CA ARG B 20 43.56 1.95 -0.56
C ARG B 20 42.08 1.64 -0.37
N VAL B 21 41.64 0.48 -0.85
CA VAL B 21 40.25 0.08 -0.74
C VAL B 21 40.20 -1.39 -0.32
N ARG B 22 39.33 -1.70 0.63
CA ARG B 22 39.09 -3.06 1.08
C ARG B 22 37.62 -3.39 0.91
N TYR B 23 37.35 -4.46 0.18
CA TYR B 23 35.99 -4.91 -0.12
C TYR B 23 35.70 -6.21 0.61
N LEU B 24 34.51 -6.29 1.21
CA LEU B 24 34.07 -7.49 1.89
C LEU B 24 32.68 -7.83 1.40
N ASP B 25 32.44 -9.13 1.17
CA ASP B 25 31.11 -9.68 0.93
C ASP B 25 30.89 -10.74 2.03
N ARG B 26 29.93 -10.48 2.93
CA ARG B 26 29.83 -11.17 4.21
C ARG B 26 28.46 -11.80 4.35
N TYR B 27 28.40 -13.03 4.81
CA TYR B 27 27.15 -13.77 4.89
C TYR B 27 26.94 -14.27 6.32
N PHE B 28 25.77 -13.94 6.89
CA PHE B 28 25.41 -14.20 8.28
C PHE B 28 24.11 -15.00 8.36
N HIS B 29 23.99 -15.79 9.43
CA HIS B 29 22.72 -16.42 9.77
C HIS B 29 22.50 -16.25 11.26
N ASN B 30 21.34 -15.70 11.64
CA ASN B 30 20.99 -15.46 13.05
C ASN B 30 22.13 -14.81 13.84
N GLN B 31 22.63 -13.69 13.35
CA GLN B 31 23.73 -12.93 13.97
C GLN B 31 25.11 -13.58 13.87
N GLU B 32 25.27 -14.67 13.11
CA GLU B 32 26.53 -15.40 13.07
C GLU B 32 27.12 -15.34 11.65
N GLU B 33 28.25 -14.64 11.51
CA GLU B 33 28.97 -14.64 10.26
C GLU B 33 29.62 -16.00 10.03
N ASN B 34 29.35 -16.62 8.89
CA ASN B 34 29.93 -17.94 8.68
C ASN B 34 30.77 -18.08 7.40
N VAL B 35 30.68 -17.15 6.47
CA VAL B 35 31.54 -17.19 5.29
C VAL B 35 31.65 -15.78 4.73
N ARG B 36 32.84 -15.43 4.24
CA ARG B 36 33.08 -14.09 3.71
C ARG B 36 34.15 -14.13 2.63
N PHE B 37 34.10 -13.15 1.74
CA PHE B 37 35.16 -12.82 0.80
C PHE B 37 35.82 -11.52 1.23
N ASP B 38 37.13 -11.55 1.46
CA ASP B 38 37.92 -10.38 1.82
C ASP B 38 38.85 -10.07 0.64
N SER B 39 38.80 -8.84 0.13
CA SER B 39 39.63 -8.48 -1.00
C SER B 39 41.11 -8.52 -0.67
N ASP B 40 41.48 -8.42 0.62
CA ASP B 40 42.88 -8.63 1.01
C ASP B 40 43.30 -10.11 0.97
N VAL B 41 42.35 -11.03 0.86
CA VAL B 41 42.68 -12.45 0.82
C VAL B 41 42.47 -13.06 -0.57
N GLY B 42 41.52 -12.55 -1.35
CA GLY B 42 41.38 -12.96 -2.74
C GLY B 42 40.50 -14.17 -2.98
N GLU B 43 39.98 -14.80 -1.93
CA GLU B 43 39.03 -15.90 -2.09
C GLU B 43 38.07 -15.89 -0.90
N PHE B 44 37.09 -16.79 -0.94
CA PHE B 44 36.15 -16.96 0.16
C PHE B 44 36.77 -17.78 1.30
N ARG B 45 36.47 -17.40 2.53
CA ARG B 45 36.94 -18.10 3.71
C ARG B 45 35.77 -18.35 4.64
N ALA B 46 35.72 -19.56 5.19
CA ALA B 46 34.74 -19.87 6.21
C ALA B 46 35.07 -19.15 7.52
N VAL B 47 34.11 -18.38 8.01
CA VAL B 47 34.22 -17.75 9.33
C VAL B 47 33.86 -18.75 10.42
N THR B 48 32.97 -19.69 10.14
CA THR B 48 32.66 -20.78 11.06
C THR B 48 32.47 -22.06 10.26
N GLU B 49 32.47 -23.18 10.97
CA GLU B 49 32.26 -24.47 10.33
C GLU B 49 30.96 -24.51 9.56
N LEU B 50 29.97 -23.71 9.95
CA LEU B 50 28.68 -23.72 9.25
C LEU B 50 28.80 -23.11 7.85
N GLY B 51 29.84 -22.32 7.60
CA GLY B 51 30.09 -21.80 6.28
C GLY B 51 31.13 -22.54 5.45
N ARG B 52 31.71 -23.63 5.98
CA ARG B 52 32.67 -24.43 5.21
C ARG B 52 32.08 -24.91 3.89
N PRO B 53 30.87 -25.47 3.84
CA PRO B 53 30.34 -25.92 2.55
C PRO B 53 30.28 -24.83 1.51
N ASP B 54 30.04 -23.58 1.93
CA ASP B 54 29.95 -22.51 0.95
C ASP B 54 31.32 -22.03 0.49
N ALA B 55 32.30 -21.90 1.40
CA ALA B 55 33.62 -21.44 0.99
C ALA B 55 34.27 -22.43 0.03
N GLU B 56 34.08 -23.73 0.26
CA GLU B 56 34.65 -24.72 -0.65
C GLU B 56 33.93 -24.69 -2.00
N TYR B 57 32.60 -24.54 -2.01
CA TYR B 57 31.86 -24.56 -3.26
C TYR B 57 32.09 -23.30 -4.07
N TRP B 58 32.06 -22.15 -3.41
CA TRP B 58 32.24 -20.88 -4.11
C TRP B 58 33.65 -20.76 -4.68
N ASN B 59 34.65 -21.18 -3.90
CA ASN B 59 36.05 -21.05 -4.32
C ASN B 59 36.40 -21.94 -5.50
N SER B 60 35.57 -22.93 -5.80
CA SER B 60 35.79 -23.78 -6.95
C SER B 60 35.17 -23.21 -8.23
N GLN B 61 34.55 -22.02 -8.16
CA GLN B 61 33.91 -21.37 -9.32
C GLN B 61 34.77 -20.17 -9.71
N LYS B 62 35.59 -20.34 -10.74
CA LYS B 62 36.68 -19.41 -11.00
C LYS B 62 36.16 -18.08 -11.51
N ASP B 63 35.06 -18.08 -12.25
CA ASP B 63 34.53 -16.82 -12.74
C ASP B 63 33.95 -15.99 -11.60
N LEU B 64 33.39 -16.67 -10.58
CA LEU B 64 32.92 -15.97 -9.39
C LEU B 64 34.07 -15.28 -8.69
N LEU B 65 35.22 -15.95 -8.58
CA LEU B 65 36.34 -15.39 -7.86
C LEU B 65 36.86 -14.14 -8.53
N GLU B 66 37.03 -14.19 -9.85
CA GLU B 66 37.50 -13.00 -10.53
C GLU B 66 36.44 -11.91 -10.53
N GLN B 67 35.15 -12.29 -10.60
CA GLN B 67 34.09 -11.30 -10.44
C GLN B 67 34.25 -10.56 -9.12
N LYS B 68 34.48 -11.30 -8.02
CA LYS B 68 34.59 -10.65 -6.71
C LYS B 68 35.91 -9.91 -6.53
N ARG B 69 36.96 -10.32 -7.27
CA ARG B 69 38.24 -9.62 -7.22
C ARG B 69 38.19 -8.27 -7.93
N GLY B 70 37.24 -8.07 -8.83
CA GLY B 70 37.11 -6.75 -9.41
C GLY B 70 36.22 -5.76 -8.65
N ARG B 71 35.57 -6.19 -7.56
CA ARG B 71 34.57 -5.34 -6.92
C ARG B 71 35.20 -4.07 -6.36
N VAL B 72 36.38 -4.21 -5.75
CA VAL B 72 37.15 -3.07 -5.28
C VAL B 72 37.20 -1.95 -6.31
N ASP B 73 37.21 -2.29 -7.60
CA ASP B 73 37.28 -1.27 -8.64
C ASP B 73 35.90 -0.87 -9.15
N ASN B 74 35.10 -1.85 -9.59
CA ASN B 74 33.87 -1.57 -10.29
C ASN B 74 32.66 -1.48 -9.36
N TYR B 75 32.85 -1.67 -8.06
CA TYR B 75 31.78 -1.50 -7.08
C TYR B 75 32.15 -0.46 -6.03
N CYS B 76 33.21 -0.71 -5.27
CA CYS B 76 33.72 0.24 -4.29
C CYS B 76 34.11 1.59 -4.85
N ARG B 77 35.12 1.62 -5.72
CA ARG B 77 35.60 2.89 -6.29
C ARG B 77 34.56 3.53 -7.20
N HIS B 78 33.78 2.73 -7.89
CA HIS B 78 32.74 3.28 -8.73
C HIS B 78 31.69 4.00 -7.89
N ASN B 79 31.23 3.34 -6.81
CA ASN B 79 30.13 3.89 -6.00
C ASN B 79 30.58 5.10 -5.19
N TYR B 80 31.81 5.04 -4.63
CA TYR B 80 32.39 6.24 -4.05
C TYR B 80 32.35 7.38 -5.05
N GLY B 81 32.70 7.10 -6.30
CA GLY B 81 32.77 8.17 -7.29
C GLY B 81 31.43 8.84 -7.52
N VAL B 82 30.36 8.06 -7.66
CA VAL B 82 29.07 8.63 -7.99
C VAL B 82 28.29 9.17 -6.79
N VAL B 83 28.70 8.87 -5.54
CA VAL B 83 28.04 9.46 -4.38
C VAL B 83 28.93 10.45 -3.63
N GLU B 84 30.20 10.56 -3.98
CA GLU B 84 31.12 11.42 -3.25
C GLU B 84 30.56 12.83 -3.02
N SER B 85 29.78 13.35 -3.98
CA SER B 85 29.43 14.78 -3.98
C SER B 85 28.42 15.13 -2.90
N PHE B 86 27.55 14.20 -2.52
CA PHE B 86 26.54 14.50 -1.52
C PHE B 86 26.72 13.66 -0.25
N THR B 87 27.83 12.95 -0.10
CA THR B 87 28.12 12.23 1.13
C THR B 87 29.49 12.63 1.68
N VAL B 88 30.58 12.20 1.04
CA VAL B 88 31.94 12.52 1.46
C VAL B 88 32.13 14.03 1.60
N GLN B 89 31.46 14.82 0.77
CA GLN B 89 31.67 16.26 0.74
C GLN B 89 30.52 17.03 1.40
N ARG B 90 29.57 16.32 2.00
CA ARG B 90 28.46 16.98 2.66
C ARG B 90 28.96 17.79 3.86
N ARG B 91 28.61 19.07 3.90
CA ARG B 91 29.01 19.92 5.01
C ARG B 91 27.79 20.74 5.46
N VAL B 92 27.44 20.62 6.73
CA VAL B 92 26.32 21.35 7.33
C VAL B 92 26.76 21.97 8.65
N HIS B 93 26.56 23.28 8.79
CA HIS B 93 27.07 24.03 9.94
C HIS B 93 26.42 23.56 11.25
N PRO B 94 27.18 23.49 12.33
CA PRO B 94 26.54 23.30 13.65
C PRO B 94 25.87 24.58 14.12
N LYS B 95 24.73 24.42 14.78
CA LYS B 95 24.18 25.49 15.62
C LYS B 95 24.66 25.30 17.05
N VAL B 96 25.27 26.34 17.61
CA VAL B 96 25.81 26.30 18.96
C VAL B 96 24.98 27.23 19.88
N THR B 97 24.53 26.70 21.01
CA THR B 97 23.90 27.49 22.07
C THR B 97 24.47 27.07 23.40
N VAL B 98 24.70 28.05 24.29
CA VAL B 98 25.20 27.81 25.63
C VAL B 98 24.14 28.20 26.65
N TYR B 99 23.99 27.40 27.71
CA TYR B 99 23.01 27.73 28.73
C TYR B 99 23.36 26.99 30.01
N PRO B 100 23.06 27.58 31.18
CA PRO B 100 23.25 26.85 32.44
C PRO B 100 22.20 25.76 32.58
N SER B 101 22.61 24.64 33.17
CA SER B 101 21.70 23.51 33.33
C SER B 101 20.56 23.86 34.31
N LYS B 102 20.89 24.47 35.44
CA LYS B 102 19.88 24.99 36.34
C LYS B 102 20.11 26.49 36.55
N THR B 103 19.01 27.22 36.74
CA THR B 103 19.11 28.62 37.16
C THR B 103 19.52 28.65 38.63
N GLN B 104 20.74 29.12 38.88
CA GLN B 104 21.40 29.10 40.16
C GLN B 104 21.90 30.49 40.49
N PRO B 105 22.11 30.78 41.77
CA PRO B 105 22.87 31.99 42.12
C PRO B 105 24.36 31.75 41.97
N LEU B 106 25.09 32.85 41.84
CA LEU B 106 26.53 32.73 41.68
C LEU B 106 27.16 32.12 42.93
N GLN B 107 28.38 31.63 42.76
CA GLN B 107 29.22 31.00 43.78
C GLN B 107 28.69 29.64 44.21
N HIS B 108 27.64 29.12 43.58
CA HIS B 108 27.22 27.73 43.71
C HIS B 108 27.62 26.92 42.47
N HIS B 109 27.82 25.62 42.64
CA HIS B 109 28.23 24.78 41.52
C HIS B 109 27.11 24.63 40.50
N ASN B 110 27.50 24.44 39.25
CA ASN B 110 26.54 24.40 38.15
C ASN B 110 27.19 23.71 36.94
N LEU B 111 26.36 23.07 36.13
CA LEU B 111 26.78 22.54 34.83
C LEU B 111 26.46 23.56 33.75
N LEU B 112 27.48 24.04 33.04
CA LEU B 112 27.32 24.93 31.89
C LEU B 112 27.25 24.08 30.62
N VAL B 113 26.12 24.13 29.92
CA VAL B 113 25.87 23.19 28.84
C VAL B 113 26.09 23.86 27.49
N CYS B 114 26.98 23.28 26.66
CA CYS B 114 27.15 23.70 25.27
C CYS B 114 26.45 22.71 24.36
N SER B 115 25.39 23.16 23.73
CA SER B 115 24.62 22.38 22.80
C SER B 115 25.08 22.66 21.38
N VAL B 116 25.43 21.60 20.65
CA VAL B 116 25.93 21.66 19.29
C VAL B 116 25.08 20.70 18.45
N SER B 117 24.26 21.25 17.55
CA SER B 117 23.28 20.41 16.86
C SER B 117 23.21 20.72 15.37
N GLY B 118 22.64 19.77 14.62
CA GLY B 118 22.37 19.91 13.21
C GLY B 118 23.54 19.77 12.27
N PHE B 119 24.71 19.35 12.75
CA PHE B 119 25.91 19.43 11.95
C PHE B 119 26.21 18.12 11.24
N TYR B 120 26.95 18.21 10.13
CA TYR B 120 27.48 17.06 9.36
C TYR B 120 28.77 17.52 8.71
N PRO B 121 29.81 16.68 8.66
CA PRO B 121 29.89 15.32 9.22
C PRO B 121 30.10 15.27 10.72
N GLY B 122 30.32 14.06 11.25
CA GLY B 122 30.31 13.79 12.67
C GLY B 122 31.52 14.26 13.43
N SER B 123 32.65 14.46 12.74
CA SER B 123 33.87 14.78 13.48
C SER B 123 33.89 16.27 13.82
N ILE B 124 34.27 16.54 15.06
CA ILE B 124 34.04 17.84 15.66
C ILE B 124 34.90 17.94 16.92
N GLU B 125 35.39 19.14 17.22
CA GLU B 125 36.00 19.41 18.51
C GLU B 125 35.22 20.50 19.21
N VAL B 126 34.97 20.29 20.49
CA VAL B 126 34.28 21.26 21.35
C VAL B 126 35.18 21.48 22.56
N ARG B 127 35.66 22.70 22.74
CA ARG B 127 36.46 23.07 23.89
C ARG B 127 35.74 24.10 24.77
N TRP B 128 36.19 24.23 26.02
CA TRP B 128 35.58 25.14 26.99
C TRP B 128 36.65 26.09 27.52
N PHE B 129 36.33 27.39 27.57
CA PHE B 129 37.29 28.38 28.05
C PHE B 129 36.67 29.18 29.19
N ARG B 130 37.51 29.56 30.16
CA ARG B 130 37.10 30.41 31.29
C ARG B 130 38.07 31.58 31.34
N ASN B 131 37.54 32.80 31.10
CA ASN B 131 38.34 34.00 31.00
C ASN B 131 39.52 33.77 30.06
N GLY B 132 39.21 33.17 28.89
CA GLY B 132 40.22 32.96 27.86
C GLY B 132 41.14 31.76 28.03
N GLN B 133 41.15 31.10 29.18
CA GLN B 133 42.03 29.95 29.40
C GLN B 133 41.24 28.65 29.26
N GLU B 134 41.84 27.65 28.62
CA GLU B 134 41.11 26.43 28.28
C GLU B 134 40.95 25.53 29.51
N GLU B 135 39.72 25.08 29.74
CA GLU B 135 39.39 24.18 30.83
C GLU B 135 39.56 22.74 30.35
N LYS B 136 40.60 22.07 30.83
CA LYS B 136 40.83 20.69 30.46
C LYS B 136 40.22 19.71 31.46
N THR B 137 39.99 20.13 32.70
CA THR B 137 39.25 19.34 33.67
C THR B 137 37.81 19.83 33.78
N GLY B 138 36.95 18.96 34.29
CA GLY B 138 35.56 19.30 34.51
C GLY B 138 34.66 19.16 33.32
N VAL B 139 35.15 18.62 32.21
CA VAL B 139 34.37 18.53 31.00
C VAL B 139 33.69 17.16 30.94
N VAL B 140 32.40 17.16 30.67
CA VAL B 140 31.58 15.96 30.53
C VAL B 140 30.87 16.04 29.19
N SER B 141 30.90 14.95 28.42
CA SER B 141 30.34 14.94 27.08
C SER B 141 29.44 13.73 26.89
N THR B 142 28.27 13.96 26.26
CA THR B 142 27.34 12.90 25.85
C THR B 142 27.88 12.06 24.69
N GLY B 143 28.94 12.52 24.03
CA GLY B 143 29.40 11.91 22.80
C GLY B 143 28.63 12.36 21.56
N LEU B 144 29.13 11.89 20.43
CA LEU B 144 28.49 12.09 19.14
C LEU B 144 27.19 11.29 19.03
N ILE B 145 26.10 11.95 18.64
CA ILE B 145 24.80 11.29 18.51
C ILE B 145 24.30 11.44 17.07
N HIS B 146 24.01 10.31 16.42
CA HIS B 146 23.35 10.29 15.13
C HIS B 146 21.88 10.63 15.29
N ASN B 147 21.38 11.55 14.49
CA ASN B 147 19.95 11.80 14.46
C ASN B 147 19.21 10.95 13.43
N GLY B 148 19.93 10.11 12.67
CA GLY B 148 19.36 9.24 11.65
C GLY B 148 18.93 9.91 10.38
N ASP B 149 19.33 11.17 10.16
CA ASP B 149 18.80 11.98 9.08
C ASP B 149 19.91 12.84 8.49
N TRP B 150 21.15 12.35 8.58
CA TRP B 150 22.33 12.99 8.04
C TRP B 150 22.71 14.25 8.80
N THR B 151 22.33 14.34 10.08
CA THR B 151 22.80 15.36 11.00
C THR B 151 23.14 14.72 12.34
N PHE B 152 24.06 15.36 13.06
CA PHE B 152 24.52 14.90 14.38
C PHE B 152 24.19 15.94 15.44
N GLN B 153 24.26 15.52 16.71
CA GLN B 153 24.31 16.49 17.80
C GLN B 153 25.22 15.96 18.91
N THR B 154 25.58 16.86 19.81
CA THR B 154 26.38 16.53 20.98
C THR B 154 26.18 17.61 22.05
N LEU B 155 26.26 17.19 23.31
CA LEU B 155 26.17 18.07 24.45
C LEU B 155 27.48 17.95 25.23
N VAL B 156 28.16 19.07 25.43
CA VAL B 156 29.43 19.10 26.15
C VAL B 156 29.26 20.03 27.33
N MET B 157 29.45 19.51 28.54
CA MET B 157 29.15 20.23 29.77
C MET B 157 30.43 20.59 30.53
N LEU B 158 30.39 21.74 31.20
CA LEU B 158 31.50 22.25 32.00
C LEU B 158 31.09 22.33 33.47
N GLU B 159 31.88 21.70 34.34
CA GLU B 159 31.64 21.79 35.78
C GLU B 159 32.24 23.09 36.30
N THR B 160 31.40 23.99 36.84
CA THR B 160 31.84 25.31 37.21
C THR B 160 31.34 25.69 38.59
N VAL B 161 32.05 26.64 39.20
CA VAL B 161 31.50 27.47 40.25
C VAL B 161 31.56 28.91 39.73
N PRO B 162 30.50 29.39 39.09
CA PRO B 162 30.51 30.73 38.52
C PRO B 162 30.66 31.82 39.58
N ARG B 163 31.54 32.79 39.29
CA ARG B 163 31.64 34.02 40.05
C ARG B 163 31.45 35.20 39.10
N SER B 164 30.90 36.29 39.64
CA SER B 164 30.59 37.48 38.84
C SER B 164 31.82 37.98 38.10
N GLY B 165 31.62 38.43 36.86
CA GLY B 165 32.69 38.90 36.03
C GLY B 165 33.29 37.84 35.10
N GLU B 166 33.06 36.56 35.37
CA GLU B 166 33.71 35.52 34.60
C GLU B 166 33.06 35.38 33.23
N VAL B 167 33.88 35.06 32.22
CA VAL B 167 33.45 34.80 30.85
C VAL B 167 33.76 33.34 30.54
N TYR B 168 32.74 32.59 30.14
CA TYR B 168 32.89 31.22 29.65
C TYR B 168 32.58 31.18 28.16
N THR B 169 33.45 30.51 27.41
CA THR B 169 33.34 30.41 25.96
C THR B 169 33.34 28.94 25.56
N CYS B 170 32.36 28.57 24.76
CA CYS B 170 32.28 27.27 24.12
C CYS B 170 32.77 27.45 22.67
N GLN B 171 33.89 26.79 22.32
CA GLN B 171 34.50 26.93 20.98
C GLN B 171 34.36 25.63 20.20
N VAL B 172 33.96 25.74 18.94
CA VAL B 172 33.64 24.57 18.12
C VAL B 172 34.45 24.64 16.82
N GLU B 173 35.22 23.59 16.54
CA GLU B 173 35.93 23.43 15.28
C GLU B 173 35.31 22.27 14.49
N HIS B 174 34.92 22.54 13.25
CA HIS B 174 34.23 21.61 12.37
C HIS B 174 34.72 21.82 10.94
N PRO B 175 34.63 20.80 10.08
CA PRO B 175 35.05 21.02 8.69
C PRO B 175 34.15 21.97 7.93
N SER B 176 32.94 22.24 8.42
CA SER B 176 32.04 23.14 7.70
C SER B 176 32.36 24.61 7.93
N VAL B 177 33.27 24.94 8.85
CA VAL B 177 33.55 26.32 9.20
C VAL B 177 35.04 26.59 9.10
N THR B 178 35.37 27.77 8.56
CA THR B 178 36.75 28.18 8.36
C THR B 178 37.39 28.63 9.67
N SER B 179 36.75 29.57 10.37
CA SER B 179 36.94 30.11 11.72
C SER B 179 36.19 29.26 12.74
N PRO B 180 36.79 28.96 13.89
CA PRO B 180 36.02 28.32 14.96
C PRO B 180 34.86 29.19 15.44
N LEU B 181 33.68 28.57 15.59
CA LEU B 181 32.56 29.27 16.22
C LEU B 181 32.79 29.34 17.73
N THR B 182 32.36 30.46 18.31
CA THR B 182 32.46 30.69 19.74
C THR B 182 31.17 31.29 20.23
N VAL B 183 30.65 30.76 21.33
CA VAL B 183 29.51 31.32 22.03
C VAL B 183 29.94 31.60 23.46
N GLU B 184 29.53 32.76 23.98
CA GLU B 184 29.88 33.21 25.31
C GLU B 184 28.70 33.05 26.26
N TRP B 185 29.00 32.76 27.51
CA TRP B 185 28.04 32.90 28.60
C TRP B 185 28.68 33.76 29.67
N ARG B 186 27.99 34.83 30.09
CA ARG B 186 28.54 35.78 31.06
C ARG B 186 27.87 35.57 32.41
N ALA B 187 28.68 35.53 33.47
CA ALA B 187 28.22 35.20 34.82
C ALA B 187 27.45 36.35 35.46
N GLY C 1 24.77 8.71 -13.63
CA GLY C 1 25.30 7.35 -13.61
C GLY C 1 24.68 6.49 -12.52
N GLY C 2 24.85 5.17 -12.59
CA GLY C 2 24.20 4.28 -11.65
C GLY C 2 25.05 3.93 -10.44
N ILE C 3 24.49 4.12 -9.21
CA ILE C 3 24.92 3.36 -8.03
C ILE C 3 24.62 1.90 -8.29
N GLY C 4 25.63 1.06 -8.15
CA GLY C 4 25.51 -0.34 -8.50
C GLY C 4 25.41 -1.18 -7.24
N SER C 5 24.74 -2.32 -7.35
CA SER C 5 24.68 -3.28 -6.26
C SER C 5 25.64 -4.44 -6.50
N ASP C 6 26.13 -5.01 -5.42
CA ASP C 6 26.95 -6.21 -5.45
C ASP C 6 26.04 -7.44 -5.48
N ASN C 7 26.46 -8.48 -6.21
CA ASN C 7 25.63 -9.67 -6.34
C ASN C 7 25.81 -10.59 -5.14
N LYS C 8 24.72 -11.20 -4.71
CA LYS C 8 24.73 -12.15 -3.60
C LYS C 8 24.94 -13.54 -4.18
N VAL C 9 25.82 -14.33 -3.58
CA VAL C 9 26.07 -15.68 -4.04
C VAL C 9 25.15 -16.66 -3.31
N THR C 10 24.50 -17.55 -4.07
CA THR C 10 23.69 -18.61 -3.48
C THR C 10 24.56 -19.67 -2.82
N ARG C 11 24.15 -20.11 -1.64
CA ARG C 11 24.89 -21.11 -0.88
C ARG C 11 24.71 -22.49 -1.50
N ARG C 12 25.56 -23.42 -1.09
CA ARG C 12 25.43 -24.80 -1.52
C ARG C 12 24.35 -25.49 -0.71
N GLY C 13 23.38 -26.10 -1.39
CA GLY C 13 22.30 -26.84 -0.74
C GLY C 13 22.60 -28.31 -0.56
N LYS D 2 -17.53 -16.25 -38.25
CA LYS D 2 -17.62 -15.54 -36.95
C LYS D 2 -16.66 -16.12 -35.90
N GLU D 3 -15.94 -15.25 -35.20
CA GLU D 3 -14.80 -15.64 -34.39
C GLU D 3 -15.22 -16.40 -33.13
N GLU D 4 -14.39 -17.34 -32.71
CA GLU D 4 -14.65 -18.17 -31.53
C GLU D 4 -14.17 -17.53 -30.23
N HIS D 5 -13.04 -16.83 -30.24
CA HIS D 5 -12.56 -16.21 -29.00
C HIS D 5 -11.70 -15.00 -29.32
N VAL D 6 -11.59 -14.11 -28.33
CA VAL D 6 -10.77 -12.90 -28.42
C VAL D 6 -9.96 -12.79 -27.15
N ILE D 7 -8.67 -12.51 -27.31
CA ILE D 7 -7.77 -12.21 -26.19
C ILE D 7 -7.27 -10.80 -26.42
N ILE D 8 -7.45 -9.93 -25.43
CA ILE D 8 -7.15 -8.52 -25.58
C ILE D 8 -6.20 -8.11 -24.47
N GLN D 9 -5.04 -7.57 -24.85
CA GLN D 9 -4.13 -6.90 -23.93
C GLN D 9 -4.49 -5.41 -23.90
N ALA D 10 -5.08 -4.95 -22.78
CA ALA D 10 -5.58 -3.59 -22.67
C ALA D 10 -4.76 -2.80 -21.66
N GLU D 11 -4.44 -1.56 -22.01
CA GLU D 11 -3.64 -0.74 -21.10
C GLU D 11 -3.98 0.71 -21.34
N PHE D 12 -3.76 1.53 -20.33
CA PHE D 12 -3.94 2.97 -20.51
C PHE D 12 -3.08 3.69 -19.51
N TYR D 13 -2.83 4.96 -19.80
CA TYR D 13 -2.28 5.91 -18.84
C TYR D 13 -3.10 7.18 -18.96
N LEU D 14 -3.50 7.72 -17.81
CA LEU D 14 -4.41 8.85 -17.76
C LEU D 14 -3.73 10.00 -17.03
N ASN D 15 -3.76 11.22 -17.64
CA ASN D 15 -3.32 12.44 -16.96
C ASN D 15 -4.52 13.35 -16.66
N PRO D 16 -4.44 14.15 -15.59
CA PRO D 16 -3.31 14.28 -14.66
C PRO D 16 -3.35 13.33 -13.47
N ASP D 17 -4.22 12.33 -13.52
CA ASP D 17 -4.30 11.42 -12.38
C ASP D 17 -3.03 10.60 -12.24
N GLN D 18 -2.27 10.40 -13.33
CA GLN D 18 -1.06 9.59 -13.31
C GLN D 18 -1.40 8.15 -12.97
N SER D 19 -2.50 7.67 -13.54
CA SER D 19 -3.05 6.35 -13.26
C SER D 19 -2.83 5.49 -14.48
N GLY D 20 -2.34 4.28 -14.24
CA GLY D 20 -2.13 3.32 -15.30
C GLY D 20 -2.88 2.04 -15.05
N GLU D 21 -3.07 1.28 -16.13
CA GLU D 21 -3.65 -0.04 -16.03
C GLU D 21 -3.03 -0.92 -17.11
N PHE D 22 -2.82 -2.19 -16.78
CA PHE D 22 -2.42 -3.20 -17.75
C PHE D 22 -3.14 -4.48 -17.39
N MET D 23 -4.01 -4.96 -18.28
CA MET D 23 -4.75 -6.17 -18.00
C MET D 23 -4.85 -7.03 -19.26
N PHE D 24 -5.18 -8.29 -19.05
CA PHE D 24 -5.54 -9.20 -20.14
C PHE D 24 -7.00 -9.59 -20.03
N ASP D 25 -7.65 -9.73 -21.19
CA ASP D 25 -9.06 -10.03 -21.28
C ASP D 25 -9.30 -11.20 -22.24
N PHE D 26 -10.05 -12.20 -21.78
CA PHE D 26 -10.51 -13.33 -22.58
C PHE D 26 -12.03 -13.26 -22.65
N ASP D 27 -12.58 -13.00 -23.84
CA ASP D 27 -14.02 -13.09 -24.11
C ASP D 27 -14.84 -12.27 -23.13
N GLY D 28 -14.28 -11.17 -22.63
CA GLY D 28 -15.00 -10.31 -21.71
C GLY D 28 -14.67 -10.50 -20.24
N ASP D 29 -13.88 -11.50 -19.89
CA ASP D 29 -13.48 -11.70 -18.50
C ASP D 29 -11.99 -11.39 -18.35
N GLU D 30 -11.57 -11.08 -17.13
CA GLU D 30 -10.17 -10.70 -16.90
C GLU D 30 -9.34 -11.93 -16.52
N ILE D 31 -8.23 -12.15 -17.23
CA ILE D 31 -7.29 -13.17 -16.80
C ILE D 31 -6.48 -12.68 -15.62
N PHE D 32 -5.95 -11.47 -15.75
CA PHE D 32 -5.11 -10.86 -14.73
C PHE D 32 -5.01 -9.37 -15.02
N HIS D 33 -4.27 -8.69 -14.16
CA HIS D 33 -3.87 -7.31 -14.37
C HIS D 33 -2.63 -7.11 -13.53
N VAL D 34 -1.93 -6.01 -13.75
CA VAL D 34 -0.69 -5.74 -13.03
C VAL D 34 -0.96 -4.59 -12.07
N ASP D 35 -0.85 -4.88 -10.77
CA ASP D 35 -0.97 -3.87 -9.74
C ASP D 35 0.17 -2.86 -9.87
N MET D 36 -0.19 -1.61 -10.14
CA MET D 36 0.80 -0.56 -10.38
C MET D 36 1.53 -0.13 -9.10
N ALA D 37 0.94 -0.38 -7.93
CA ALA D 37 1.60 -0.04 -6.68
C ALA D 37 2.63 -1.09 -6.29
N LYS D 38 2.27 -2.37 -6.40
CA LYS D 38 3.14 -3.44 -5.98
C LYS D 38 3.89 -4.09 -7.14
N LYS D 39 3.67 -3.63 -8.37
CA LYS D 39 4.29 -4.17 -9.58
C LYS D 39 4.24 -5.71 -9.60
N GLU D 40 3.06 -6.26 -9.36
CA GLU D 40 2.89 -7.70 -9.31
C GLU D 40 1.72 -8.14 -10.18
N THR D 41 1.82 -9.36 -10.70
CA THR D 41 0.73 -9.95 -11.47
C THR D 41 -0.36 -10.40 -10.51
N VAL D 42 -1.58 -9.89 -10.70
CA VAL D 42 -2.73 -10.29 -9.92
C VAL D 42 -3.66 -11.10 -10.83
N TRP D 43 -3.83 -12.37 -10.51
CA TRP D 43 -4.73 -13.26 -11.24
C TRP D 43 -6.17 -13.09 -10.75
N ARG D 44 -7.10 -13.11 -11.70
CA ARG D 44 -8.50 -12.83 -11.38
C ARG D 44 -9.13 -13.97 -10.58
N LEU D 45 -8.76 -15.21 -10.88
CA LEU D 45 -9.05 -16.36 -10.01
C LEU D 45 -7.72 -16.94 -9.60
N GLU D 46 -7.57 -17.34 -8.34
CA GLU D 46 -6.23 -17.69 -7.90
C GLU D 46 -5.70 -18.93 -8.60
N GLU D 47 -6.59 -19.87 -8.94
CA GLU D 47 -6.19 -21.06 -9.69
C GLU D 47 -5.42 -20.72 -10.95
N PHE D 48 -5.72 -19.55 -11.55
CA PHE D 48 -5.03 -19.14 -12.77
C PHE D 48 -3.53 -19.10 -12.55
N GLY D 49 -3.10 -18.67 -11.36
CA GLY D 49 -1.67 -18.57 -11.07
C GLY D 49 -0.96 -19.90 -10.94
N ARG D 50 -1.71 -21.00 -10.92
CA ARG D 50 -1.10 -22.32 -10.98
C ARG D 50 -0.99 -22.85 -12.40
N PHE D 51 -1.66 -22.24 -13.36
CA PHE D 51 -1.61 -22.70 -14.75
C PHE D 51 -0.78 -21.82 -15.66
N ALA D 52 -0.40 -20.63 -15.20
CA ALA D 52 0.16 -19.63 -16.10
C ALA D 52 1.05 -18.69 -15.29
N SER D 53 1.92 -17.99 -16.02
CA SER D 53 2.75 -16.96 -15.43
C SER D 53 2.79 -15.78 -16.39
N PHE D 54 3.28 -14.65 -15.87
CA PHE D 54 3.40 -13.42 -16.63
C PHE D 54 4.46 -12.56 -15.94
N GLU D 55 5.33 -11.95 -16.74
CA GLU D 55 6.41 -11.10 -16.23
C GLU D 55 5.89 -9.68 -16.06
N ALA D 56 5.66 -9.27 -14.81
CA ALA D 56 5.04 -7.96 -14.59
C ALA D 56 5.91 -6.83 -15.12
N GLN D 57 7.24 -7.02 -15.12
CA GLN D 57 8.15 -5.97 -15.57
C GLN D 57 7.85 -5.56 -17.01
N GLY D 58 7.28 -6.47 -17.80
CA GLY D 58 6.95 -6.12 -19.18
C GLY D 58 5.74 -5.21 -19.26
N ALA D 59 4.74 -5.45 -18.40
CA ALA D 59 3.62 -4.52 -18.30
C ALA D 59 4.11 -3.12 -17.92
N LEU D 60 4.99 -3.03 -16.92
CA LEU D 60 5.49 -1.72 -16.51
C LEU D 60 6.21 -1.02 -17.66
N ALA D 61 6.99 -1.76 -18.46
CA ALA D 61 7.71 -1.14 -19.56
C ALA D 61 6.75 -0.66 -20.65
N ASN D 62 5.69 -1.43 -20.92
CA ASN D 62 4.59 -0.99 -21.77
C ASN D 62 3.91 0.28 -21.25
N ILE D 63 3.69 0.39 -19.94
CA ILE D 63 3.03 1.57 -19.41
C ILE D 63 3.90 2.80 -19.60
N ALA D 64 5.22 2.61 -19.48
CA ALA D 64 6.16 3.71 -19.72
C ALA D 64 5.99 4.29 -21.13
N VAL D 65 5.68 3.43 -22.10
CA VAL D 65 5.48 3.91 -23.46
C VAL D 65 4.14 4.61 -23.58
N ASP D 66 3.10 4.01 -23.00
CA ASP D 66 1.79 4.66 -22.98
C ASP D 66 1.89 6.05 -22.39
N LYS D 67 2.71 6.20 -21.34
CA LYS D 67 2.92 7.52 -20.75
C LYS D 67 3.60 8.46 -21.73
N ALA D 68 4.69 7.99 -22.36
CA ALA D 68 5.37 8.80 -23.35
C ALA D 68 4.47 9.12 -24.54
N ASN D 69 3.70 8.13 -24.98
CA ASN D 69 2.73 8.37 -26.03
C ASN D 69 1.68 9.39 -25.61
N LEU D 70 1.28 9.40 -24.33
CA LEU D 70 0.25 10.36 -23.89
C LEU D 70 0.77 11.81 -23.98
N GLU D 71 1.98 12.08 -23.46
CA GLU D 71 2.54 13.42 -23.61
C GLU D 71 2.62 13.83 -25.08
N ILE D 72 2.98 12.90 -25.95
CA ILE D 72 3.09 13.23 -27.36
C ILE D 72 1.72 13.57 -27.95
N MET D 73 0.72 12.75 -27.66
CA MET D 73 -0.58 12.94 -28.32
C MET D 73 -1.32 14.14 -27.76
N THR D 74 -1.14 14.45 -26.47
CA THR D 74 -1.79 15.62 -25.93
C THR D 74 -1.32 16.88 -26.65
N LYS D 75 -0.01 17.01 -26.87
CA LYS D 75 0.50 18.14 -27.65
C LYS D 75 -0.02 18.09 -29.08
N ARG D 76 0.06 16.93 -29.73
CA ARG D 76 -0.36 16.86 -31.13
C ARG D 76 -1.85 17.15 -31.31
N SER D 77 -2.68 16.78 -30.34
CA SER D 77 -4.10 17.06 -30.45
C SER D 77 -4.46 18.46 -29.98
N ASN D 78 -3.48 19.25 -29.49
CA ASN D 78 -3.73 20.61 -29.00
C ASN D 78 -4.55 20.57 -27.71
N TYR D 79 -4.23 19.63 -26.84
CA TYR D 79 -4.76 19.58 -25.48
C TYR D 79 -6.29 19.48 -25.44
N THR D 80 -6.92 18.92 -26.48
CA THR D 80 -8.35 18.64 -26.37
C THR D 80 -8.62 17.66 -25.24
N PRO D 81 -9.48 18.00 -24.28
CA PRO D 81 -9.77 17.09 -23.18
C PRO D 81 -10.73 15.99 -23.61
N ILE D 82 -10.68 14.88 -22.87
CA ILE D 82 -11.59 13.78 -23.13
C ILE D 82 -13.01 14.20 -22.78
N THR D 83 -13.98 13.77 -23.59
CA THR D 83 -15.37 14.00 -23.28
C THR D 83 -15.85 12.96 -22.26
N ASN D 84 -16.39 13.43 -21.11
CA ASN D 84 -16.94 12.52 -20.12
C ASN D 84 -18.16 11.81 -20.66
N VAL D 85 -18.23 10.50 -20.40
CA VAL D 85 -19.42 9.72 -20.71
C VAL D 85 -19.80 9.02 -19.41
N PRO D 86 -20.92 9.38 -18.78
CA PRO D 86 -21.23 8.83 -17.45
C PRO D 86 -21.71 7.40 -17.55
N PRO D 87 -21.60 6.63 -16.47
CA PRO D 87 -21.88 5.20 -16.54
C PRO D 87 -23.35 4.83 -16.35
N GLU D 88 -23.74 3.72 -16.97
CA GLU D 88 -24.89 2.98 -16.50
C GLU D 88 -24.49 2.11 -15.33
N VAL D 89 -25.36 2.04 -14.32
CA VAL D 89 -25.13 1.26 -13.11
C VAL D 89 -26.28 0.27 -12.95
N THR D 90 -25.93 -0.99 -12.66
CA THR D 90 -26.90 -2.04 -12.38
C THR D 90 -26.48 -2.73 -11.08
N VAL D 91 -27.47 -3.14 -10.28
CA VAL D 91 -27.23 -3.93 -9.09
C VAL D 91 -28.03 -5.21 -9.24
N LEU D 92 -27.37 -6.34 -9.11
CA LEU D 92 -28.05 -7.62 -9.15
C LEU D 92 -27.34 -8.56 -8.19
N THR D 93 -27.96 -9.70 -7.92
CA THR D 93 -27.36 -10.65 -7.01
C THR D 93 -26.69 -11.77 -7.80
N ASN D 94 -25.79 -12.45 -7.10
CA ASN D 94 -25.03 -13.54 -7.68
C ASN D 94 -25.94 -14.73 -8.01
N SER D 95 -26.80 -15.11 -7.07
CA SER D 95 -27.74 -16.21 -7.20
C SER D 95 -29.12 -15.73 -6.79
N PRO D 96 -30.17 -16.52 -7.08
CA PRO D 96 -31.51 -16.12 -6.62
C PRO D 96 -31.57 -16.00 -5.10
N VAL D 97 -32.18 -14.94 -4.63
CA VAL D 97 -32.15 -14.57 -3.23
C VAL D 97 -33.06 -15.51 -2.44
N GLU D 98 -32.52 -16.09 -1.36
CA GLU D 98 -33.27 -16.76 -0.31
C GLU D 98 -32.97 -16.06 1.00
N LEU D 99 -34.03 -15.71 1.75
CA LEU D 99 -33.80 -14.98 3.00
C LEU D 99 -32.91 -15.78 3.92
N ARG D 100 -31.90 -15.11 4.49
CA ARG D 100 -31.04 -15.68 5.50
C ARG D 100 -30.09 -16.76 4.96
N GLU D 101 -29.79 -16.72 3.65
CA GLU D 101 -28.77 -17.58 3.06
C GLU D 101 -27.74 -16.72 2.34
N PRO D 102 -26.44 -16.84 2.67
CA PRO D 102 -25.42 -15.99 2.06
C PRO D 102 -25.51 -15.89 0.55
N ASN D 103 -25.20 -14.70 0.05
CA ASN D 103 -25.36 -14.31 -1.34
C ASN D 103 -24.45 -13.12 -1.58
N VAL D 104 -24.47 -12.59 -2.79
CA VAL D 104 -23.54 -11.55 -3.20
C VAL D 104 -24.28 -10.50 -4.02
N LEU D 105 -24.09 -9.23 -3.66
CA LEU D 105 -24.58 -8.11 -4.47
C LEU D 105 -23.47 -7.72 -5.43
N ILE D 106 -23.85 -7.52 -6.70
CA ILE D 106 -22.94 -7.16 -7.78
C ILE D 106 -23.39 -5.81 -8.33
N CYS D 107 -22.52 -4.83 -8.22
CA CYS D 107 -22.70 -3.51 -8.82
C CYS D 107 -21.94 -3.47 -10.15
N PHE D 108 -22.68 -3.48 -11.27
CA PHE D 108 -22.08 -3.46 -12.61
C PHE D 108 -22.11 -2.03 -13.15
N ILE D 109 -20.94 -1.43 -13.31
CA ILE D 109 -20.73 -0.08 -13.82
C ILE D 109 -20.25 -0.21 -15.27
N ASP D 110 -20.97 0.41 -16.22
CA ASP D 110 -20.84 0.11 -17.64
C ASP D 110 -20.84 1.37 -18.50
N LYS D 111 -20.12 1.30 -19.64
CA LYS D 111 -20.22 2.27 -20.76
C LYS D 111 -19.84 3.68 -20.35
N PHE D 112 -18.68 3.83 -19.73
CA PHE D 112 -18.24 5.15 -19.27
C PHE D 112 -16.78 5.34 -19.62
N THR D 113 -16.40 6.61 -19.79
CA THR D 113 -15.01 7.04 -19.81
C THR D 113 -15.01 8.47 -19.29
N PRO D 114 -13.90 8.94 -18.67
CA PRO D 114 -12.61 8.30 -18.43
C PRO D 114 -12.71 7.24 -17.35
N PRO D 115 -11.72 6.33 -17.28
CA PRO D 115 -11.78 5.22 -16.32
C PRO D 115 -11.43 5.65 -14.90
N VAL D 116 -12.26 6.49 -14.32
CA VAL D 116 -12.15 6.86 -12.90
C VAL D 116 -13.53 6.84 -12.29
N VAL D 117 -13.68 6.15 -11.16
CA VAL D 117 -14.91 6.17 -10.39
C VAL D 117 -14.55 6.17 -8.92
N ASN D 118 -15.50 6.62 -8.12
CA ASN D 118 -15.53 6.37 -6.69
C ASN D 118 -16.80 5.56 -6.45
N VAL D 119 -16.66 4.39 -5.85
CA VAL D 119 -17.80 3.51 -5.61
C VAL D 119 -17.89 3.21 -4.13
N THR D 120 -19.09 3.30 -3.58
CA THR D 120 -19.35 3.01 -2.18
C THR D 120 -20.55 2.11 -2.09
N TRP D 121 -20.49 1.12 -1.20
CA TRP D 121 -21.66 0.33 -0.84
C TRP D 121 -22.35 0.94 0.39
N LEU D 122 -23.67 1.12 0.33
CA LEU D 122 -24.43 1.65 1.46
C LEU D 122 -25.41 0.58 1.94
N ARG D 123 -25.31 0.21 3.21
CA ARG D 123 -26.33 -0.60 3.87
C ARG D 123 -27.13 0.30 4.82
N ASN D 124 -28.43 0.45 4.51
CA ASN D 124 -29.31 1.34 5.28
C ASN D 124 -28.69 2.72 5.39
N GLY D 125 -28.15 3.20 4.28
CA GLY D 125 -27.59 4.53 4.21
C GLY D 125 -26.22 4.68 4.80
N LYS D 126 -25.67 3.66 5.46
CA LYS D 126 -24.34 3.68 6.08
C LYS D 126 -23.33 2.93 5.20
N PRO D 127 -22.10 3.42 5.10
CA PRO D 127 -21.09 2.72 4.28
C PRO D 127 -20.66 1.41 4.92
N VAL D 128 -20.38 0.42 4.06
CA VAL D 128 -19.98 -0.90 4.51
C VAL D 128 -18.81 -1.37 3.62
N THR D 129 -17.81 -2.02 4.27
CA THR D 129 -16.62 -2.55 3.59
C THR D 129 -16.28 -3.99 3.95
N THR D 130 -17.07 -4.64 4.82
CA THR D 130 -16.80 -6.01 5.19
C THR D 130 -16.84 -6.91 3.96
N GLY D 131 -15.67 -7.40 3.56
CA GLY D 131 -15.62 -8.37 2.49
C GLY D 131 -15.91 -7.84 1.11
N VAL D 132 -15.91 -6.52 0.89
CA VAL D 132 -16.07 -5.99 -0.46
C VAL D 132 -14.81 -6.28 -1.28
N SER D 133 -14.99 -6.44 -2.59
CA SER D 133 -13.91 -6.54 -3.56
C SER D 133 -14.34 -5.79 -4.82
N GLU D 134 -13.45 -5.74 -5.81
CA GLU D 134 -13.71 -5.03 -7.05
C GLU D 134 -12.70 -5.46 -8.11
N THR D 135 -13.12 -5.30 -9.38
CA THR D 135 -12.29 -5.41 -10.56
C THR D 135 -11.68 -4.05 -10.96
N VAL D 136 -10.67 -4.12 -11.84
CA VAL D 136 -10.10 -2.93 -12.45
C VAL D 136 -10.97 -2.61 -13.66
N PHE D 137 -10.58 -1.64 -14.46
CA PHE D 137 -11.43 -1.23 -15.58
C PHE D 137 -11.30 -2.19 -16.75
N LEU D 138 -12.44 -2.69 -17.25
CA LEU D 138 -12.42 -3.72 -18.28
C LEU D 138 -12.77 -3.14 -19.65
N PRO D 139 -12.15 -3.63 -20.72
CA PRO D 139 -12.35 -3.03 -22.05
C PRO D 139 -13.73 -3.31 -22.63
N ARG D 140 -14.10 -2.49 -23.62
CA ARG D 140 -15.32 -2.69 -24.39
C ARG D 140 -14.98 -2.48 -25.86
N GLU D 141 -15.69 -3.21 -26.71
CA GLU D 141 -15.50 -3.05 -28.16
C GLU D 141 -15.62 -1.59 -28.59
N ASP D 142 -16.46 -0.80 -27.89
CA ASP D 142 -16.63 0.62 -28.24
C ASP D 142 -15.66 1.53 -27.50
N HIS D 143 -14.78 0.98 -26.67
CA HIS D 143 -13.70 1.69 -26.00
C HIS D 143 -14.21 2.61 -24.88
N LEU D 144 -15.41 2.34 -24.38
CA LEU D 144 -15.78 2.73 -23.01
C LEU D 144 -15.34 1.61 -22.06
N PHE D 145 -15.60 1.78 -20.77
CA PHE D 145 -15.05 0.86 -19.78
C PHE D 145 -16.14 0.22 -18.94
N ARG D 146 -15.81 -0.92 -18.35
CA ARG D 146 -16.65 -1.71 -17.46
C ARG D 146 -15.93 -1.84 -16.10
N LYS D 147 -16.71 -2.06 -15.05
CA LYS D 147 -16.14 -2.33 -13.74
C LYS D 147 -17.16 -3.08 -12.91
N PHE D 148 -16.69 -3.95 -12.01
CA PHE D 148 -17.57 -4.66 -11.07
C PHE D 148 -17.14 -4.40 -9.63
N HIS D 149 -18.13 -4.17 -8.77
CA HIS D 149 -17.96 -4.15 -7.32
C HIS D 149 -18.86 -5.20 -6.66
N TYR D 150 -18.33 -5.84 -5.61
CA TYR D 150 -18.95 -6.99 -4.95
C TYR D 150 -19.14 -6.74 -3.46
N LEU D 151 -20.32 -7.09 -2.97
CA LEU D 151 -20.61 -7.06 -1.53
C LEU D 151 -21.28 -8.36 -1.12
N PRO D 152 -20.59 -9.25 -0.42
CA PRO D 152 -21.27 -10.38 0.23
C PRO D 152 -22.21 -9.87 1.30
N PHE D 153 -23.40 -10.48 1.36
CA PHE D 153 -24.36 -10.08 2.39
C PHE D 153 -25.24 -11.27 2.78
N LEU D 154 -26.06 -11.04 3.80
CA LEU D 154 -27.07 -11.99 4.24
C LEU D 154 -28.45 -11.40 3.94
N PRO D 155 -29.17 -11.92 2.95
CA PRO D 155 -30.44 -11.32 2.58
C PRO D 155 -31.42 -11.35 3.75
N SER D 156 -32.22 -10.30 3.85
CA SER D 156 -33.10 -10.08 4.99
C SER D 156 -34.17 -9.08 4.59
N THR D 157 -35.34 -9.18 5.21
CA THR D 157 -36.34 -8.15 4.94
C THR D 157 -35.98 -6.81 5.56
N GLU D 158 -34.90 -6.74 6.32
CA GLU D 158 -34.64 -5.65 7.24
C GLU D 158 -33.63 -4.65 6.73
N ASP D 159 -32.94 -4.94 5.63
CA ASP D 159 -31.92 -4.05 5.10
C ASP D 159 -32.24 -3.65 3.67
N VAL D 160 -31.74 -2.48 3.30
CA VAL D 160 -31.76 -1.98 1.93
C VAL D 160 -30.34 -1.59 1.59
N TYR D 161 -29.98 -1.71 0.31
CA TYR D 161 -28.62 -1.49 -0.14
C TYR D 161 -28.59 -0.59 -1.35
N ASP D 162 -27.59 0.28 -1.38
CA ASP D 162 -27.32 1.13 -2.52
C ASP D 162 -25.88 0.94 -2.97
N CYS D 163 -25.68 0.90 -4.29
CA CYS D 163 -24.38 1.11 -4.92
C CYS D 163 -24.29 2.58 -5.32
N ARG D 164 -23.30 3.30 -4.78
CA ARG D 164 -23.14 4.74 -4.99
C ARG D 164 -21.91 4.98 -5.86
N VAL D 165 -22.13 5.52 -7.07
CA VAL D 165 -21.09 5.74 -8.06
C VAL D 165 -20.91 7.24 -8.28
N GLU D 166 -19.68 7.73 -8.07
CA GLU D 166 -19.29 9.07 -8.52
C GLU D 166 -18.49 8.97 -9.81
N HIS D 167 -18.79 9.86 -10.75
CA HIS D 167 -18.08 9.92 -12.01
C HIS D 167 -18.22 11.33 -12.58
N TRP D 168 -17.17 11.80 -13.25
CA TRP D 168 -17.08 13.21 -13.62
C TRP D 168 -18.12 13.61 -14.64
N GLY D 169 -18.72 12.65 -15.33
CA GLY D 169 -19.78 12.93 -16.28
C GLY D 169 -21.15 12.92 -15.67
N LEU D 170 -21.24 12.76 -14.35
CA LEU D 170 -22.48 12.81 -13.58
C LEU D 170 -22.50 14.10 -12.79
N ASP D 171 -23.64 14.79 -12.81
CA ASP D 171 -23.68 16.04 -12.05
C ASP D 171 -23.80 15.77 -10.56
N GLU D 172 -24.37 14.64 -10.18
CA GLU D 172 -24.46 14.24 -8.79
C GLU D 172 -24.18 12.75 -8.68
N PRO D 173 -23.78 12.27 -7.50
CA PRO D 173 -23.60 10.84 -7.29
C PRO D 173 -24.86 10.05 -7.64
N LEU D 174 -24.65 8.88 -8.20
CA LEU D 174 -25.72 8.01 -8.68
C LEU D 174 -25.86 6.85 -7.72
N LEU D 175 -27.07 6.65 -7.20
CA LEU D 175 -27.39 5.55 -6.30
C LEU D 175 -28.22 4.50 -7.03
N LYS D 176 -27.83 3.24 -6.93
CA LYS D 176 -28.62 2.16 -7.50
C LYS D 176 -29.00 1.25 -6.36
N HIS D 177 -30.30 1.03 -6.24
CA HIS D 177 -30.88 0.56 -5.01
C HIS D 177 -31.13 -0.94 -5.14
N TRP D 178 -31.01 -1.64 -4.04
CA TRP D 178 -31.48 -3.02 -3.97
C TRP D 178 -32.14 -3.25 -2.62
N GLU D 179 -33.27 -3.96 -2.65
CA GLU D 179 -33.88 -4.48 -1.44
C GLU D 179 -34.69 -5.70 -1.83
N PHE D 180 -34.96 -6.53 -0.83
CA PHE D 180 -35.66 -7.79 -1.07
C PHE D 180 -37.08 -7.56 -1.59
N ARG E 1 -11.12 20.46 -14.46
CA ARG E 1 -9.71 20.09 -14.71
C ARG E 1 -9.64 19.00 -15.78
N PRO E 2 -8.97 19.31 -16.89
CA PRO E 2 -9.07 18.45 -18.08
C PRO E 2 -8.35 17.11 -17.90
N ARG E 3 -8.95 16.07 -18.47
CA ARG E 3 -8.38 14.72 -18.51
C ARG E 3 -7.92 14.34 -19.92
N PHE E 4 -6.77 13.66 -19.99
CA PHE E 4 -6.21 13.15 -21.24
C PHE E 4 -5.80 11.69 -21.05
N LEU E 5 -6.36 10.82 -21.90
CA LEU E 5 -6.29 9.37 -21.76
C LEU E 5 -5.59 8.76 -22.98
N GLU E 6 -4.54 7.99 -22.73
CA GLU E 6 -3.83 7.22 -23.76
C GLU E 6 -4.19 5.75 -23.59
N TYR E 7 -4.81 5.16 -24.61
CA TYR E 7 -5.36 3.80 -24.57
C TYR E 7 -4.80 2.97 -25.73
N SER E 8 -4.47 1.72 -25.46
CA SER E 8 -4.03 0.82 -26.52
C SER E 8 -4.54 -0.58 -26.24
N THR E 9 -4.82 -1.33 -27.31
CA THR E 9 -5.11 -2.75 -27.17
C THR E 9 -4.26 -3.56 -28.16
N SER E 10 -3.83 -4.74 -27.73
CA SER E 10 -3.32 -5.77 -28.63
C SER E 10 -4.31 -6.92 -28.60
N GLU E 11 -4.90 -7.23 -29.75
CA GLU E 11 -6.05 -8.12 -29.88
C GLU E 11 -5.69 -9.34 -30.70
N CYS E 12 -6.13 -10.50 -30.24
CA CYS E 12 -6.02 -11.75 -30.96
C CYS E 12 -7.42 -12.30 -31.15
N HIS E 13 -7.82 -12.42 -32.40
CA HIS E 13 -9.12 -12.95 -32.78
C HIS E 13 -8.93 -14.33 -33.39
N PHE E 14 -9.64 -15.30 -32.86
CA PHE E 14 -9.43 -16.69 -33.20
C PHE E 14 -10.64 -17.23 -33.94
N PHE E 15 -10.39 -17.94 -35.03
CA PHE E 15 -11.44 -18.54 -35.83
C PHE E 15 -11.09 -20.01 -36.00
N ASN E 16 -12.07 -20.88 -35.76
CA ASN E 16 -11.94 -22.29 -36.07
C ASN E 16 -10.69 -22.87 -35.37
N GLY E 17 -10.78 -22.90 -34.04
CA GLY E 17 -9.62 -23.25 -33.24
C GLY E 17 -8.56 -22.18 -33.42
N THR E 18 -7.39 -22.54 -33.94
CA THR E 18 -6.41 -21.53 -34.33
C THR E 18 -6.09 -21.60 -35.81
N GLU E 19 -6.99 -22.17 -36.63
CA GLU E 19 -6.81 -22.21 -38.07
C GLU E 19 -6.54 -20.81 -38.63
N ARG E 20 -7.39 -19.84 -38.28
CA ARG E 20 -7.27 -18.47 -38.78
C ARG E 20 -7.18 -17.52 -37.58
N VAL E 21 -6.18 -16.66 -37.60
CA VAL E 21 -5.94 -15.73 -36.51
C VAL E 21 -5.75 -14.33 -37.09
N ARG E 22 -6.36 -13.33 -36.46
CA ARG E 22 -6.18 -11.94 -36.82
C ARG E 22 -5.63 -11.18 -35.62
N TYR E 23 -4.51 -10.51 -35.83
CA TYR E 23 -3.84 -9.75 -34.78
C TYR E 23 -4.00 -8.27 -35.06
N LEU E 24 -4.27 -7.49 -34.02
CA LEU E 24 -4.37 -6.05 -34.13
C LEU E 24 -3.58 -5.42 -33.00
N ASP E 25 -2.84 -4.37 -33.32
CA ASP E 25 -2.20 -3.48 -32.36
C ASP E 25 -2.77 -2.08 -32.60
N ARG E 26 -3.58 -1.58 -31.66
CA ARG E 26 -4.43 -0.42 -31.86
C ARG E 26 -4.10 0.66 -30.85
N TYR E 27 -4.00 1.92 -31.31
CA TYR E 27 -3.61 3.01 -30.44
C TYR E 27 -4.69 4.10 -30.42
N PHE E 28 -5.12 4.49 -29.21
CA PHE E 28 -6.20 5.44 -29.01
C PHE E 28 -5.74 6.60 -28.15
N HIS E 29 -6.38 7.75 -28.35
CA HIS E 29 -6.24 8.91 -27.49
C HIS E 29 -7.64 9.47 -27.25
N ASN E 30 -8.02 9.62 -25.99
CA ASN E 30 -9.34 10.15 -25.62
C ASN E 30 -10.48 9.49 -26.40
N GLN E 31 -10.57 8.17 -26.36
CA GLN E 31 -11.64 7.43 -27.04
C GLN E 31 -11.52 7.35 -28.56
N GLU E 32 -10.46 7.92 -29.17
CA GLU E 32 -10.37 8.02 -30.63
C GLU E 32 -9.19 7.17 -31.12
N GLU E 33 -9.49 6.13 -31.89
CA GLU E 33 -8.46 5.31 -32.50
C GLU E 33 -7.84 6.07 -33.66
N ASN E 34 -6.53 6.25 -33.64
CA ASN E 34 -5.92 7.02 -34.70
C ASN E 34 -4.86 6.28 -35.51
N VAL E 35 -4.38 5.12 -35.06
CA VAL E 35 -3.40 4.36 -35.83
C VAL E 35 -3.46 2.89 -35.39
N ARG E 36 -3.32 1.98 -36.35
CA ARG E 36 -3.39 0.55 -36.02
C ARG E 36 -2.54 -0.26 -36.99
N PHE E 37 -2.06 -1.40 -36.50
CA PHE E 37 -1.52 -2.48 -37.32
C PHE E 37 -2.52 -3.62 -37.39
N ASP E 38 -2.90 -4.04 -38.59
CA ASP E 38 -3.82 -5.15 -38.83
C ASP E 38 -3.04 -6.26 -39.53
N SER E 39 -3.04 -7.47 -38.95
CA SER E 39 -2.31 -8.59 -39.55
C SER E 39 -2.84 -8.93 -40.94
N ASP E 40 -4.11 -8.61 -41.22
CA ASP E 40 -4.63 -8.81 -42.57
C ASP E 40 -4.10 -7.79 -43.58
N VAL E 41 -3.49 -6.70 -43.12
CA VAL E 41 -3.00 -5.65 -43.99
C VAL E 41 -1.48 -5.67 -44.10
N GLY E 42 -0.77 -6.01 -43.02
CA GLY E 42 0.67 -6.17 -43.07
C GLY E 42 1.50 -4.94 -42.72
N GLU E 43 0.87 -3.79 -42.50
CA GLU E 43 1.60 -2.60 -42.07
C GLU E 43 0.67 -1.76 -41.20
N PHE E 44 1.20 -0.62 -40.74
CA PHE E 44 0.41 0.31 -39.95
C PHE E 44 -0.41 1.24 -40.85
N ARG E 45 -1.63 1.53 -40.42
CA ARG E 45 -2.50 2.44 -41.15
C ARG E 45 -3.02 3.49 -40.18
N ALA E 46 -3.11 4.73 -40.66
CA ALA E 46 -3.75 5.78 -39.90
C ALA E 46 -5.25 5.56 -39.86
N VAL E 47 -5.81 5.55 -38.65
CA VAL E 47 -7.25 5.49 -38.51
C VAL E 47 -7.85 6.89 -38.64
N THR E 48 -7.12 7.89 -38.17
CA THR E 48 -7.47 9.29 -38.39
C THR E 48 -6.21 10.05 -38.77
N GLU E 49 -6.41 11.28 -39.25
CA GLU E 49 -5.28 12.14 -39.59
C GLU E 49 -4.34 12.34 -38.41
N LEU E 50 -4.86 12.31 -37.18
CA LEU E 50 -4.02 12.51 -36.00
C LEU E 50 -3.00 11.37 -35.82
N GLY E 51 -3.24 10.20 -36.41
CA GLY E 51 -2.27 9.13 -36.36
C GLY E 51 -1.41 8.96 -37.61
N ARG E 52 -1.58 9.84 -38.61
CA ARG E 52 -0.78 9.69 -39.83
C ARG E 52 0.70 9.92 -39.59
N PRO E 53 1.12 10.85 -38.72
CA PRO E 53 2.56 10.92 -38.37
C PRO E 53 3.11 9.61 -37.83
N ASP E 54 2.29 8.82 -37.15
CA ASP E 54 2.82 7.58 -36.59
C ASP E 54 2.82 6.46 -37.61
N ALA E 55 1.79 6.39 -38.47
CA ALA E 55 1.73 5.33 -39.47
C ALA E 55 2.87 5.47 -40.47
N GLU E 56 3.20 6.70 -40.84
CA GLU E 56 4.33 6.94 -41.73
C GLU E 56 5.65 6.62 -41.04
N TYR E 57 5.83 7.06 -39.79
CA TYR E 57 7.09 6.81 -39.10
C TYR E 57 7.27 5.34 -38.79
N TRP E 58 6.23 4.68 -38.32
CA TRP E 58 6.35 3.26 -37.96
C TRP E 58 6.62 2.41 -39.19
N ASN E 59 5.92 2.66 -40.30
CA ASN E 59 6.05 1.84 -41.50
C ASN E 59 7.43 1.99 -42.15
N SER E 60 8.18 3.01 -41.78
CA SER E 60 9.53 3.21 -42.29
C SER E 60 10.59 2.44 -41.49
N GLN E 61 10.20 1.72 -40.43
CA GLN E 61 11.11 0.93 -39.59
C GLN E 61 10.81 -0.53 -39.87
N LYS E 62 11.62 -1.16 -40.73
CA LYS E 62 11.25 -2.43 -41.31
C LYS E 62 11.44 -3.60 -40.34
N ASP E 63 12.33 -3.50 -39.36
CA ASP E 63 12.40 -4.55 -38.36
C ASP E 63 11.14 -4.55 -37.50
N LEU E 64 10.60 -3.37 -37.20
CA LEU E 64 9.34 -3.27 -36.48
C LEU E 64 8.20 -3.94 -37.26
N LEU E 65 8.17 -3.77 -38.58
CA LEU E 65 7.10 -4.38 -39.35
C LEU E 65 7.17 -5.89 -39.30
N GLU E 66 8.36 -6.46 -39.45
CA GLU E 66 8.48 -7.90 -39.41
C GLU E 66 8.23 -8.43 -38.00
N GLN E 67 8.67 -7.68 -36.98
CA GLN E 67 8.31 -8.04 -35.61
C GLN E 67 6.79 -8.13 -35.46
N LYS E 68 6.05 -7.11 -35.92
CA LYS E 68 4.59 -7.16 -35.77
C LYS E 68 3.94 -8.19 -36.70
N ARG E 69 4.60 -8.54 -37.81
CA ARG E 69 4.06 -9.56 -38.70
C ARG E 69 4.20 -10.97 -38.11
N GLY E 70 5.08 -11.16 -37.15
CA GLY E 70 5.15 -12.43 -36.46
C GLY E 70 4.23 -12.59 -35.25
N ARG E 71 3.47 -11.55 -34.88
CA ARG E 71 2.71 -11.63 -33.62
C ARG E 71 1.61 -12.67 -33.69
N VAL E 72 0.95 -12.81 -34.83
CA VAL E 72 -0.07 -13.85 -35.04
C VAL E 72 0.43 -15.22 -34.59
N ASP E 73 1.74 -15.47 -34.70
CA ASP E 73 2.29 -16.76 -34.32
C ASP E 73 2.85 -16.76 -32.90
N ASN E 74 3.76 -15.85 -32.58
CA ASN E 74 4.47 -15.92 -31.32
C ASN E 74 3.78 -15.17 -30.18
N TYR E 75 2.67 -14.48 -30.45
CA TYR E 75 1.86 -13.83 -29.43
C TYR E 75 0.46 -14.44 -29.40
N CYS E 76 -0.30 -14.33 -30.49
CA CYS E 76 -1.65 -14.87 -30.56
C CYS E 76 -1.69 -16.38 -30.35
N ARG E 77 -1.06 -17.15 -31.23
CA ARG E 77 -1.14 -18.60 -31.13
C ARG E 77 -0.39 -19.14 -29.92
N HIS E 78 0.67 -18.45 -29.51
CA HIS E 78 1.36 -18.84 -28.31
C HIS E 78 0.46 -18.71 -27.09
N ASN E 79 -0.15 -17.52 -26.93
CA ASN E 79 -0.91 -17.22 -25.71
C ASN E 79 -2.17 -18.07 -25.63
N TYR E 80 -2.88 -18.21 -26.76
CA TYR E 80 -3.95 -19.21 -26.83
C TYR E 80 -3.46 -20.57 -26.36
N GLY E 81 -2.24 -20.94 -26.78
CA GLY E 81 -1.71 -22.23 -26.40
C GLY E 81 -1.56 -22.39 -24.91
N VAL E 82 -0.99 -21.38 -24.24
CA VAL E 82 -0.72 -21.52 -22.82
C VAL E 82 -1.92 -21.22 -21.94
N VAL E 83 -2.97 -20.56 -22.44
CA VAL E 83 -4.16 -20.32 -21.59
C VAL E 83 -5.33 -21.20 -21.98
N GLU E 84 -5.22 -21.99 -23.05
CA GLU E 84 -6.35 -22.78 -23.57
C GLU E 84 -7.07 -23.58 -22.47
N SER E 85 -6.31 -24.14 -21.51
CA SER E 85 -6.84 -25.17 -20.64
C SER E 85 -7.78 -24.59 -19.58
N PHE E 86 -7.59 -23.34 -19.19
CA PHE E 86 -8.43 -22.77 -18.15
C PHE E 86 -9.29 -21.62 -18.66
N THR E 87 -9.35 -21.40 -19.97
CA THR E 87 -10.23 -20.40 -20.56
C THR E 87 -11.11 -21.04 -21.64
N VAL E 88 -10.54 -21.41 -22.79
CA VAL E 88 -11.26 -22.04 -23.89
C VAL E 88 -11.99 -23.31 -23.44
N GLN E 89 -11.41 -24.04 -22.48
CA GLN E 89 -11.95 -25.32 -22.05
C GLN E 89 -12.59 -25.23 -20.68
N ARG E 90 -12.71 -24.05 -20.12
CA ARG E 90 -13.42 -23.90 -18.86
C ARG E 90 -14.89 -24.23 -19.03
N ARG E 91 -15.39 -25.16 -18.24
CA ARG E 91 -16.82 -25.46 -18.23
C ARG E 91 -17.30 -25.45 -16.79
N VAL E 92 -18.39 -24.73 -16.53
CA VAL E 92 -19.01 -24.69 -15.20
C VAL E 92 -20.52 -24.85 -15.36
N HIS E 93 -21.10 -25.80 -14.62
CA HIS E 93 -22.50 -26.14 -14.79
C HIS E 93 -23.40 -24.95 -14.43
N PRO E 94 -24.54 -24.79 -15.12
CA PRO E 94 -25.52 -23.80 -14.67
C PRO E 94 -26.40 -24.34 -13.56
N LYS E 95 -26.69 -23.50 -12.57
CA LYS E 95 -27.77 -23.74 -11.60
C LYS E 95 -29.10 -23.24 -12.17
N VAL E 96 -30.05 -24.14 -12.32
CA VAL E 96 -31.38 -23.77 -12.81
C VAL E 96 -32.39 -23.83 -11.66
N THR E 97 -33.11 -22.75 -11.48
CA THR E 97 -34.26 -22.70 -10.60
C THR E 97 -35.41 -22.04 -11.33
N VAL E 98 -36.62 -22.55 -11.09
CA VAL E 98 -37.85 -22.02 -11.68
C VAL E 98 -38.78 -21.55 -10.57
N TYR E 99 -39.45 -20.42 -10.78
CA TYR E 99 -40.36 -19.90 -9.77
C TYR E 99 -41.28 -18.87 -10.40
N PRO E 100 -42.53 -18.77 -9.94
CA PRO E 100 -43.41 -17.71 -10.42
C PRO E 100 -42.98 -16.37 -9.90
N SER E 101 -43.16 -15.34 -10.74
CA SER E 101 -42.73 -14.00 -10.37
C SER E 101 -43.59 -13.43 -9.23
N LYS E 102 -44.90 -13.65 -9.27
CA LYS E 102 -45.81 -13.27 -8.20
C LYS E 102 -46.54 -14.52 -7.73
N THR E 103 -46.81 -14.59 -6.43
CA THR E 103 -47.72 -15.61 -5.92
C THR E 103 -49.14 -15.21 -6.27
N GLN E 104 -49.74 -15.93 -7.21
CA GLN E 104 -51.01 -15.62 -7.84
C GLN E 104 -51.92 -16.84 -7.78
N PRO E 105 -53.23 -16.65 -7.79
CA PRO E 105 -54.14 -17.77 -7.98
C PRO E 105 -54.18 -18.19 -9.44
N LEU E 106 -54.62 -19.43 -9.65
CA LEU E 106 -54.67 -19.98 -10.99
C LEU E 106 -55.68 -19.22 -11.84
N GLN E 107 -55.49 -19.31 -13.14
CA GLN E 107 -56.29 -18.69 -14.21
C GLN E 107 -56.11 -17.18 -14.28
N HIS E 108 -55.15 -16.62 -13.52
CA HIS E 108 -54.67 -15.26 -13.72
C HIS E 108 -53.32 -15.28 -14.44
N HIS E 109 -52.98 -14.17 -15.12
CA HIS E 109 -51.72 -14.11 -15.86
C HIS E 109 -50.55 -14.05 -14.89
N ASN E 110 -49.40 -14.57 -15.33
CA ASN E 110 -48.24 -14.63 -14.46
C ASN E 110 -46.98 -14.79 -15.32
N LEU E 111 -45.86 -14.31 -14.79
CA LEU E 111 -44.54 -14.51 -15.39
C LEU E 111 -43.86 -15.67 -14.66
N LEU E 112 -43.63 -16.77 -15.38
CA LEU E 112 -42.86 -17.89 -14.86
C LEU E 112 -41.38 -17.64 -15.12
N VAL E 113 -40.58 -17.53 -14.07
CA VAL E 113 -39.18 -17.16 -14.19
C VAL E 113 -38.30 -18.41 -14.03
N CYS E 114 -37.49 -18.66 -15.06
CA CYS E 114 -36.42 -19.65 -15.07
C CYS E 114 -35.10 -18.92 -14.88
N SER E 115 -34.53 -19.03 -13.68
CA SER E 115 -33.22 -18.46 -13.39
C SER E 115 -32.13 -19.47 -13.76
N VAL E 116 -31.12 -19.00 -14.49
CA VAL E 116 -29.96 -19.83 -14.89
C VAL E 116 -28.69 -19.07 -14.48
N SER E 117 -27.95 -19.61 -13.50
CA SER E 117 -26.85 -18.84 -12.90
C SER E 117 -25.59 -19.70 -12.71
N GLY E 118 -24.47 -19.03 -12.47
CA GLY E 118 -23.20 -19.67 -12.17
C GLY E 118 -22.45 -20.31 -13.33
N PHE E 119 -22.88 -20.15 -14.58
CA PHE E 119 -22.38 -20.99 -15.65
C PHE E 119 -21.29 -20.31 -16.47
N TYR E 120 -20.44 -21.15 -17.09
CA TYR E 120 -19.41 -20.74 -18.06
C TYR E 120 -19.23 -21.89 -19.04
N PRO E 121 -19.11 -21.61 -20.35
CA PRO E 121 -19.09 -20.26 -20.94
C PRO E 121 -20.46 -19.66 -21.19
N GLY E 122 -20.46 -18.48 -21.84
CA GLY E 122 -21.66 -17.68 -22.02
C GLY E 122 -22.68 -18.30 -22.94
N SER E 123 -22.25 -19.20 -23.81
CA SER E 123 -23.14 -19.79 -24.80
C SER E 123 -24.11 -20.77 -24.12
N ILE E 124 -25.40 -20.60 -24.39
CA ILE E 124 -26.44 -21.30 -23.66
C ILE E 124 -27.76 -21.09 -24.40
N GLU E 125 -28.60 -22.12 -24.48
CA GLU E 125 -29.96 -21.88 -24.93
C GLU E 125 -30.97 -22.39 -23.91
N VAL E 126 -31.99 -21.57 -23.67
CA VAL E 126 -33.01 -21.84 -22.66
C VAL E 126 -34.35 -21.87 -23.39
N ARG E 127 -35.02 -23.02 -23.35
CA ARG E 127 -36.36 -23.15 -23.93
C ARG E 127 -37.43 -23.33 -22.85
N TRP E 128 -38.68 -23.01 -23.19
CA TRP E 128 -39.83 -23.19 -22.28
C TRP E 128 -40.83 -24.16 -22.89
N PHE E 129 -41.33 -25.09 -22.08
CA PHE E 129 -42.32 -26.07 -22.53
C PHE E 129 -43.56 -26.04 -21.64
N ARG E 130 -44.71 -26.31 -22.25
CA ARG E 130 -45.98 -26.41 -21.55
C ARG E 130 -46.64 -27.74 -21.91
N ASN E 131 -46.82 -28.61 -20.91
CA ASN E 131 -47.28 -29.98 -21.13
C ASN E 131 -46.52 -30.61 -22.30
N GLY E 132 -45.19 -30.48 -22.27
CA GLY E 132 -44.33 -31.15 -23.23
C GLY E 132 -44.15 -30.45 -24.56
N GLN E 133 -44.91 -29.39 -24.86
CA GLN E 133 -44.81 -28.71 -26.15
C GLN E 133 -44.10 -27.36 -25.99
N GLU E 134 -43.24 -27.03 -26.95
CA GLU E 134 -42.36 -25.86 -26.77
C GLU E 134 -43.12 -24.57 -26.97
N GLU E 135 -42.90 -23.62 -26.06
CA GLU E 135 -43.54 -22.31 -26.10
C GLU E 135 -42.61 -21.37 -26.84
N LYS E 136 -42.97 -21.01 -28.06
CA LYS E 136 -42.16 -20.10 -28.86
C LYS E 136 -42.63 -18.67 -28.77
N THR E 137 -43.87 -18.43 -28.35
CA THR E 137 -44.37 -17.09 -28.03
C THR E 137 -44.37 -16.87 -26.53
N GLY E 138 -44.36 -15.60 -26.14
CA GLY E 138 -44.49 -15.23 -24.76
C GLY E 138 -43.20 -15.24 -23.95
N VAL E 139 -42.05 -15.40 -24.59
CA VAL E 139 -40.78 -15.56 -23.90
C VAL E 139 -40.08 -14.21 -23.83
N VAL E 140 -39.67 -13.83 -22.62
CA VAL E 140 -38.96 -12.58 -22.35
C VAL E 140 -37.64 -12.94 -21.69
N SER E 141 -36.53 -12.43 -22.22
CA SER E 141 -35.21 -12.78 -21.73
C SER E 141 -34.41 -11.53 -21.41
N THR E 142 -33.78 -11.51 -20.22
CA THR E 142 -32.85 -10.46 -19.78
C THR E 142 -31.56 -10.44 -20.58
N GLY E 143 -31.30 -11.46 -21.39
CA GLY E 143 -30.01 -11.60 -22.03
C GLY E 143 -28.94 -12.21 -21.11
N LEU E 144 -27.82 -12.51 -21.75
CA LEU E 144 -26.62 -12.97 -21.06
C LEU E 144 -25.98 -11.85 -20.22
N ILE E 145 -25.65 -12.16 -18.98
CA ILE E 145 -25.14 -11.17 -18.05
C ILE E 145 -23.81 -11.66 -17.50
N HIS E 146 -22.75 -10.87 -17.72
CA HIS E 146 -21.44 -11.15 -17.14
C HIS E 146 -21.47 -10.82 -15.68
N ASN E 147 -21.12 -11.78 -14.82
CA ASN E 147 -20.90 -11.45 -13.42
C ASN E 147 -19.51 -10.88 -13.12
N GLY E 148 -18.59 -10.88 -14.12
CA GLY E 148 -17.25 -10.35 -13.97
C GLY E 148 -16.27 -11.25 -13.23
N ASP E 149 -16.64 -12.50 -13.00
CA ASP E 149 -15.88 -13.42 -12.17
C ASP E 149 -15.83 -14.77 -12.83
N TRP E 150 -15.94 -14.77 -14.16
CA TRP E 150 -15.87 -15.96 -15.00
C TRP E 150 -17.08 -16.85 -14.84
N THR E 151 -18.23 -16.24 -14.51
CA THR E 151 -19.51 -16.90 -14.52
C THR E 151 -20.53 -15.94 -15.14
N PHE E 152 -21.60 -16.52 -15.69
CA PHE E 152 -22.67 -15.78 -16.31
C PHE E 152 -23.96 -16.06 -15.55
N GLN E 153 -24.98 -15.23 -15.80
CA GLN E 153 -26.35 -15.59 -15.46
C GLN E 153 -27.30 -15.02 -16.51
N THR E 154 -28.52 -15.55 -16.49
CA THR E 154 -29.59 -15.08 -17.38
C THR E 154 -30.92 -15.44 -16.72
N LEU E 155 -31.93 -14.61 -16.96
CA LEU E 155 -33.31 -14.89 -16.58
C LEU E 155 -34.13 -14.97 -17.84
N VAL E 156 -34.89 -16.04 -17.99
CA VAL E 156 -35.78 -16.24 -19.14
C VAL E 156 -37.18 -16.46 -18.59
N MET E 157 -38.11 -15.59 -18.99
CA MET E 157 -39.44 -15.59 -18.41
C MET E 157 -40.47 -16.06 -19.43
N LEU E 158 -41.49 -16.75 -18.95
CA LEU E 158 -42.62 -17.20 -19.77
C LEU E 158 -43.89 -16.45 -19.34
N GLU E 159 -44.59 -15.88 -20.32
CA GLU E 159 -45.91 -15.32 -20.06
C GLU E 159 -46.92 -16.45 -20.08
N THR E 160 -47.64 -16.64 -18.97
CA THR E 160 -48.54 -17.78 -18.83
C THR E 160 -49.89 -17.32 -18.31
N VAL E 161 -50.92 -18.11 -18.60
CA VAL E 161 -52.13 -18.16 -17.78
C VAL E 161 -52.21 -19.57 -17.22
N PRO E 162 -51.63 -19.80 -16.03
CA PRO E 162 -51.60 -21.15 -15.45
C PRO E 162 -53.00 -21.68 -15.13
N ARG E 163 -53.26 -22.91 -15.56
CA ARG E 163 -54.44 -23.66 -15.18
C ARG E 163 -53.99 -24.95 -14.50
N SER E 164 -54.80 -25.41 -13.54
CA SER E 164 -54.45 -26.60 -12.77
C SER E 164 -54.20 -27.81 -13.67
N GLY E 165 -53.22 -28.62 -13.30
CA GLY E 165 -52.84 -29.77 -14.08
C GLY E 165 -51.69 -29.53 -15.04
N GLU E 166 -51.39 -28.27 -15.34
CA GLU E 166 -50.37 -27.96 -16.32
C GLU E 166 -48.98 -28.15 -15.73
N VAL E 167 -48.06 -28.65 -16.56
CA VAL E 167 -46.64 -28.75 -16.22
C VAL E 167 -45.85 -27.85 -17.16
N TYR E 168 -45.08 -26.94 -16.58
CA TYR E 168 -44.15 -26.09 -17.31
C TYR E 168 -42.72 -26.57 -17.05
N THR E 169 -41.93 -26.62 -18.12
CA THR E 169 -40.56 -27.12 -18.02
C THR E 169 -39.61 -26.12 -18.67
N CYS E 170 -38.62 -25.72 -17.90
CA CYS E 170 -37.48 -24.91 -18.35
C CYS E 170 -36.34 -25.86 -18.71
N GLN E 171 -35.95 -25.88 -20.01
CA GLN E 171 -34.91 -26.78 -20.52
C GLN E 171 -33.68 -25.99 -20.91
N VAL E 172 -32.50 -26.44 -20.47
CA VAL E 172 -31.25 -25.68 -20.62
C VAL E 172 -30.21 -26.56 -21.32
N GLU E 173 -29.67 -26.08 -22.45
CA GLU E 173 -28.57 -26.74 -23.13
C GLU E 173 -27.32 -25.88 -23.04
N HIS E 174 -26.21 -26.49 -22.64
CA HIS E 174 -24.95 -25.82 -22.33
C HIS E 174 -23.82 -26.77 -22.72
N PRO E 175 -22.61 -26.24 -22.98
CA PRO E 175 -21.49 -27.14 -23.28
C PRO E 175 -21.02 -27.94 -22.07
N SER E 176 -21.39 -27.52 -20.86
CA SER E 176 -20.96 -28.23 -19.66
C SER E 176 -21.79 -29.47 -19.38
N VAL E 177 -22.89 -29.67 -20.10
CA VAL E 177 -23.81 -30.76 -19.75
C VAL E 177 -24.03 -31.69 -20.93
N THR E 178 -23.84 -32.98 -20.66
CA THR E 178 -24.14 -34.07 -21.57
C THR E 178 -25.61 -34.05 -22.02
N SER E 179 -26.53 -34.24 -21.06
CA SER E 179 -27.99 -34.20 -20.99
C SER E 179 -28.46 -32.76 -20.80
N PRO E 180 -29.49 -32.31 -21.52
CA PRO E 180 -30.11 -31.02 -21.20
C PRO E 180 -30.76 -31.03 -19.82
N LEU E 181 -30.49 -29.99 -19.03
CA LEU E 181 -31.13 -29.87 -17.72
C LEU E 181 -32.56 -29.42 -17.89
N THR E 182 -33.44 -30.00 -17.08
CA THR E 182 -34.85 -29.63 -17.07
C THR E 182 -35.29 -29.43 -15.64
N VAL E 183 -35.98 -28.34 -15.40
CA VAL E 183 -36.64 -28.08 -14.13
C VAL E 183 -38.12 -27.91 -14.42
N GLU E 184 -38.96 -28.46 -13.55
CA GLU E 184 -40.41 -28.47 -13.70
C GLU E 184 -41.04 -27.49 -12.73
N TRP E 185 -42.12 -26.84 -13.16
CA TRP E 185 -43.00 -26.15 -12.24
C TRP E 185 -44.42 -26.65 -12.51
N ARG E 186 -45.09 -27.13 -11.46
CA ARG E 186 -46.42 -27.71 -11.57
C ARG E 186 -47.46 -26.68 -11.10
N ALA E 187 -48.54 -26.53 -11.87
CA ALA E 187 -49.57 -25.54 -11.56
C ALA E 187 -50.44 -25.97 -10.37
N GLY F 1 4.43 -21.92 -18.88
CA GLY F 1 4.94 -20.60 -18.57
C GLY F 1 4.98 -19.58 -19.72
N GLY F 2 5.35 -18.35 -19.39
CA GLY F 2 5.36 -17.27 -20.35
C GLY F 2 4.06 -17.04 -21.12
N ILE F 3 2.95 -16.53 -20.48
CA ILE F 3 2.01 -15.65 -21.21
C ILE F 3 2.81 -14.41 -21.56
N GLY F 4 2.80 -14.05 -22.84
CA GLY F 4 3.67 -12.99 -23.33
C GLY F 4 2.88 -11.73 -23.59
N SER F 5 3.53 -10.58 -23.42
CA SER F 5 2.96 -9.29 -23.74
C SER F 5 3.47 -8.77 -25.08
N ASP F 6 2.59 -8.10 -25.80
CA ASP F 6 2.95 -7.43 -27.05
C ASP F 6 3.58 -6.08 -26.72
N ASN F 7 4.57 -5.67 -27.51
CA ASN F 7 5.27 -4.42 -27.22
C ASN F 7 4.50 -3.24 -27.81
N LYS F 8 4.53 -2.12 -27.10
CA LYS F 8 3.85 -0.90 -27.51
C LYS F 8 4.86 0.00 -28.18
N VAL F 9 4.48 0.58 -29.31
CA VAL F 9 5.40 1.38 -30.10
C VAL F 9 5.27 2.84 -29.69
N THR F 10 6.41 3.51 -29.51
CA THR F 10 6.40 4.94 -29.17
C THR F 10 6.07 5.77 -30.40
N ARG F 11 5.18 6.74 -30.22
CA ARG F 11 4.77 7.61 -31.32
C ARG F 11 5.91 8.54 -31.71
N ARG F 12 5.74 9.16 -32.88
CA ARG F 12 6.67 10.19 -33.35
C ARG F 12 6.36 11.49 -32.66
N GLY F 13 7.37 12.11 -32.06
CA GLY F 13 7.21 13.42 -31.44
C GLY F 13 7.65 14.55 -32.36
N LYS G 2 -20.13 26.43 -20.60
CA LYS G 2 -20.74 25.40 -21.44
C LYS G 2 -21.63 26.08 -22.48
N GLU G 3 -22.73 25.42 -22.85
CA GLU G 3 -23.52 25.74 -24.02
C GLU G 3 -25.00 25.70 -23.67
N GLU G 4 -25.78 26.60 -24.27
CA GLU G 4 -27.18 26.73 -23.90
C GLU G 4 -28.12 25.95 -24.82
N HIS G 5 -27.91 25.97 -26.13
CA HIS G 5 -28.80 25.23 -27.03
C HIS G 5 -28.01 24.73 -28.23
N VAL G 6 -28.55 23.68 -28.85
CA VAL G 6 -28.03 23.06 -30.06
C VAL G 6 -29.20 22.86 -31.02
N ILE G 7 -28.99 23.18 -32.27
CA ILE G 7 -29.92 22.83 -33.33
C ILE G 7 -29.12 21.99 -34.32
N ILE G 8 -29.68 20.87 -34.74
CA ILE G 8 -29.00 19.95 -35.64
C ILE G 8 -29.94 19.61 -36.77
N GLN G 9 -29.44 19.69 -37.99
CA GLN G 9 -30.10 19.18 -39.17
C GLN G 9 -29.40 17.86 -39.49
N ALA G 10 -30.11 16.75 -39.31
CA ALA G 10 -29.55 15.43 -39.46
C ALA G 10 -30.21 14.72 -40.63
N GLU G 11 -29.40 14.05 -41.44
CA GLU G 11 -29.92 13.43 -42.64
C GLU G 11 -29.04 12.27 -43.04
N PHE G 12 -29.66 11.27 -43.66
CA PHE G 12 -28.93 10.07 -44.05
C PHE G 12 -29.61 9.40 -45.22
N TYR G 13 -28.83 8.65 -45.99
CA TYR G 13 -29.36 7.78 -47.03
C TYR G 13 -28.74 6.40 -46.88
N LEU G 14 -29.57 5.36 -47.01
CA LEU G 14 -29.17 3.99 -46.65
C LEU G 14 -29.46 3.05 -47.81
N ASN G 15 -28.40 2.34 -48.28
CA ASN G 15 -28.44 1.31 -49.31
C ASN G 15 -28.19 -0.07 -48.71
N PRO G 16 -28.87 -1.13 -49.20
CA PRO G 16 -29.76 -1.07 -50.37
C PRO G 16 -31.23 -0.76 -50.06
N ASP G 17 -31.55 -0.40 -48.82
CA ASP G 17 -32.95 -0.17 -48.45
C ASP G 17 -33.58 0.98 -49.22
N GLN G 18 -32.76 1.90 -49.74
CA GLN G 18 -33.24 3.09 -50.43
C GLN G 18 -34.21 3.87 -49.55
N SER G 19 -33.83 4.04 -48.29
CA SER G 19 -34.58 4.85 -47.35
C SER G 19 -33.73 6.06 -46.95
N GLY G 20 -34.37 7.23 -46.91
CA GLY G 20 -33.68 8.45 -46.58
C GLY G 20 -34.40 9.16 -45.45
N GLU G 21 -33.68 10.08 -44.83
CA GLU G 21 -34.26 10.85 -43.74
C GLU G 21 -33.64 12.23 -43.71
N PHE G 22 -34.46 13.21 -43.36
CA PHE G 22 -34.03 14.58 -43.15
C PHE G 22 -34.86 15.10 -41.97
N MET G 23 -34.22 15.69 -40.97
CA MET G 23 -34.96 16.14 -39.80
C MET G 23 -34.20 17.23 -39.07
N PHE G 24 -34.90 17.95 -38.20
CA PHE G 24 -34.33 18.99 -37.37
C PHE G 24 -34.50 18.65 -35.90
N ASP G 25 -33.43 18.86 -35.13
CA ASP G 25 -33.38 18.52 -33.72
C ASP G 25 -33.03 19.76 -32.91
N PHE G 26 -33.84 20.04 -31.90
CA PHE G 26 -33.55 21.10 -30.92
C PHE G 26 -33.41 20.43 -29.57
N ASP G 27 -32.19 20.51 -29.00
CA ASP G 27 -31.92 20.04 -27.63
C ASP G 27 -32.45 18.63 -27.37
N GLY G 28 -32.35 17.76 -28.37
CA GLY G 28 -32.75 16.37 -28.24
C GLY G 28 -34.13 16.04 -28.80
N ASP G 29 -34.96 17.05 -29.06
CA ASP G 29 -36.30 16.84 -29.56
C ASP G 29 -36.37 17.23 -31.03
N GLU G 30 -37.29 16.58 -31.74
CA GLU G 30 -37.51 16.81 -33.15
C GLU G 30 -38.44 18.00 -33.35
N ILE G 31 -38.02 18.94 -34.20
CA ILE G 31 -38.91 20.00 -34.69
C ILE G 31 -39.80 19.48 -35.81
N PHE G 32 -39.19 18.86 -36.83
CA PHE G 32 -39.89 18.29 -37.96
C PHE G 32 -38.95 17.31 -38.67
N HIS G 33 -39.56 16.50 -39.55
CA HIS G 33 -38.83 15.74 -40.56
C HIS G 33 -39.58 15.91 -41.87
N VAL G 34 -39.00 15.39 -42.94
CA VAL G 34 -39.61 15.46 -44.27
C VAL G 34 -39.92 14.05 -44.75
N ASP G 35 -41.20 13.75 -44.92
CA ASP G 35 -41.61 12.49 -45.53
C ASP G 35 -41.13 12.44 -46.97
N MET G 36 -40.27 11.46 -47.28
CA MET G 36 -39.74 11.36 -48.64
C MET G 36 -40.82 10.93 -49.62
N ALA G 37 -41.72 10.04 -49.19
CA ALA G 37 -42.78 9.55 -50.07
C ALA G 37 -43.70 10.69 -50.53
N LYS G 38 -44.27 11.44 -49.58
CA LYS G 38 -45.23 12.49 -49.90
C LYS G 38 -44.62 13.87 -50.04
N LYS G 39 -43.29 14.00 -49.90
CA LYS G 39 -42.57 15.25 -50.15
C LYS G 39 -43.11 16.42 -49.34
N GLU G 40 -43.50 16.18 -48.09
CA GLU G 40 -44.04 17.24 -47.24
C GLU G 40 -43.37 17.26 -45.87
N THR G 41 -43.31 18.45 -45.30
CA THR G 41 -42.83 18.64 -43.94
C THR G 41 -43.83 18.07 -42.95
N VAL G 42 -43.34 17.32 -41.95
CA VAL G 42 -44.16 16.76 -40.88
C VAL G 42 -43.68 17.30 -39.56
N TRP G 43 -44.52 18.07 -38.88
CA TRP G 43 -44.16 18.70 -37.61
C TRP G 43 -44.41 17.75 -36.44
N ARG G 44 -43.47 17.74 -35.49
CA ARG G 44 -43.53 16.77 -34.40
C ARG G 44 -44.73 17.03 -33.48
N LEU G 45 -45.01 18.29 -33.19
CA LEU G 45 -46.29 18.72 -32.63
C LEU G 45 -46.96 19.64 -33.65
N GLU G 46 -48.28 19.46 -33.86
CA GLU G 46 -48.93 20.19 -34.95
C GLU G 46 -48.88 21.68 -34.73
N GLU G 47 -48.87 22.12 -33.48
CA GLU G 47 -48.75 23.53 -33.16
C GLU G 47 -47.56 24.18 -33.86
N PHE G 48 -46.49 23.42 -34.08
CA PHE G 48 -45.32 23.97 -34.74
C PHE G 48 -45.62 24.40 -36.17
N GLY G 49 -46.59 23.76 -36.83
CA GLY G 49 -46.89 24.08 -38.21
C GLY G 49 -47.41 25.50 -38.41
N ARG G 50 -48.01 26.08 -37.38
CA ARG G 50 -48.49 27.45 -37.44
C ARG G 50 -47.46 28.48 -36.95
N PHE G 51 -46.31 28.06 -36.40
CA PHE G 51 -45.28 28.99 -35.96
C PHE G 51 -44.09 29.06 -36.91
N ALA G 52 -44.01 28.14 -37.87
CA ALA G 52 -42.84 28.01 -38.70
C ALA G 52 -43.23 27.35 -40.03
N SER G 53 -42.30 27.41 -40.97
CA SER G 53 -42.49 26.76 -42.25
C SER G 53 -41.15 26.19 -42.69
N PHE G 54 -41.21 25.12 -43.48
CA PHE G 54 -39.99 24.59 -44.08
C PHE G 54 -40.28 24.10 -45.49
N GLU G 55 -39.57 24.64 -46.48
CA GLU G 55 -39.70 24.19 -47.86
C GLU G 55 -39.14 22.77 -47.98
N ALA G 56 -40.03 21.80 -48.25
CA ALA G 56 -39.64 20.40 -48.27
C ALA G 56 -38.63 20.09 -49.37
N GLN G 57 -38.82 20.64 -50.58
CA GLN G 57 -37.94 20.26 -51.68
C GLN G 57 -36.49 20.58 -51.37
N GLY G 58 -36.22 21.54 -50.48
CA GLY G 58 -34.86 21.73 -50.00
C GLY G 58 -34.29 20.51 -49.32
N ALA G 59 -35.09 19.86 -48.47
CA ALA G 59 -34.64 18.61 -47.87
C ALA G 59 -34.39 17.55 -48.92
N LEU G 60 -35.26 17.45 -49.93
CA LEU G 60 -35.13 16.37 -50.89
C LEU G 60 -33.93 16.56 -51.78
N ALA G 61 -33.63 17.81 -52.12
CA ALA G 61 -32.39 18.12 -52.82
C ALA G 61 -31.18 17.70 -52.00
N ASN G 62 -31.25 17.87 -50.68
CA ASN G 62 -30.16 17.42 -49.83
C ASN G 62 -30.11 15.90 -49.76
N ILE G 63 -31.25 15.23 -49.82
CA ILE G 63 -31.24 13.77 -49.85
C ILE G 63 -30.58 13.27 -51.13
N ALA G 64 -30.82 13.95 -52.26
CA ALA G 64 -30.20 13.54 -53.51
C ALA G 64 -28.69 13.66 -53.43
N VAL G 65 -28.19 14.71 -52.77
CA VAL G 65 -26.74 14.86 -52.58
C VAL G 65 -26.20 13.75 -51.67
N ASP G 66 -26.86 13.53 -50.52
CA ASP G 66 -26.48 12.42 -49.65
C ASP G 66 -26.42 11.10 -50.42
N LYS G 67 -27.45 10.84 -51.24
CA LYS G 67 -27.49 9.62 -52.04
C LYS G 67 -26.29 9.56 -52.98
N ALA G 68 -26.00 10.67 -53.67
CA ALA G 68 -24.86 10.70 -54.59
C ALA G 68 -23.55 10.55 -53.84
N ASN G 69 -23.46 11.13 -52.64
CA ASN G 69 -22.28 10.94 -51.81
C ASN G 69 -22.12 9.50 -51.36
N LEU G 70 -23.23 8.78 -51.18
CA LEU G 70 -23.12 7.40 -50.72
C LEU G 70 -22.55 6.50 -51.80
N GLU G 71 -23.01 6.66 -53.04
CA GLU G 71 -22.43 5.90 -54.14
C GLU G 71 -20.94 6.21 -54.29
N ILE G 72 -20.57 7.48 -54.17
CA ILE G 72 -19.16 7.86 -54.22
C ILE G 72 -18.39 7.22 -53.07
N MET G 73 -18.92 7.34 -51.84
CA MET G 73 -18.15 6.97 -50.66
C MET G 73 -17.98 5.47 -50.52
N THR G 74 -18.95 4.69 -50.97
CA THR G 74 -18.79 3.25 -50.81
C THR G 74 -17.92 2.63 -51.91
N LYS G 75 -17.83 3.25 -53.10
CA LYS G 75 -16.77 2.87 -54.03
C LYS G 75 -15.41 3.28 -53.49
N ARG G 76 -15.29 4.51 -53.00
CA ARG G 76 -14.03 4.98 -52.44
C ARG G 76 -13.63 4.20 -51.19
N SER G 77 -14.59 3.67 -50.44
CA SER G 77 -14.22 2.83 -49.31
C SER G 77 -13.96 1.37 -49.70
N ASN G 78 -14.19 0.99 -50.96
CA ASN G 78 -14.10 -0.40 -51.43
C ASN G 78 -15.17 -1.31 -50.80
N TYR G 79 -16.39 -0.78 -50.73
CA TYR G 79 -17.58 -1.56 -50.30
C TYR G 79 -17.41 -2.19 -48.93
N THR G 80 -16.65 -1.55 -48.05
CA THR G 80 -16.72 -1.89 -46.64
C THR G 80 -18.14 -1.76 -46.12
N PRO G 81 -18.76 -2.83 -45.67
CA PRO G 81 -20.11 -2.73 -45.10
C PRO G 81 -20.10 -2.21 -43.67
N ILE G 82 -21.27 -1.71 -43.26
CA ILE G 82 -21.43 -1.13 -41.94
C ILE G 82 -21.55 -2.23 -40.90
N THR G 83 -20.93 -2.01 -39.75
CA THR G 83 -21.05 -2.90 -38.60
C THR G 83 -22.34 -2.61 -37.84
N ASN G 84 -23.21 -3.61 -37.76
CA ASN G 84 -24.41 -3.49 -36.95
C ASN G 84 -24.03 -3.21 -35.51
N VAL G 85 -24.83 -2.36 -34.85
CA VAL G 85 -24.73 -2.12 -33.43
C VAL G 85 -26.14 -2.26 -32.89
N PRO G 86 -26.42 -3.25 -32.02
CA PRO G 86 -27.80 -3.53 -31.62
C PRO G 86 -28.27 -2.54 -30.57
N PRO G 87 -29.58 -2.34 -30.44
CA PRO G 87 -30.09 -1.32 -29.54
C PRO G 87 -30.27 -1.81 -28.13
N GLU G 88 -30.22 -0.84 -27.20
CA GLU G 88 -30.91 -0.95 -25.92
C GLU G 88 -32.39 -0.65 -26.11
N VAL G 89 -33.23 -1.24 -25.26
CA VAL G 89 -34.67 -1.02 -25.31
C VAL G 89 -35.21 -0.85 -23.90
N THR G 90 -35.93 0.24 -23.68
CA THR G 90 -36.61 0.53 -22.43
C THR G 90 -38.09 0.72 -22.70
N VAL G 91 -38.91 0.25 -21.77
CA VAL G 91 -40.35 0.48 -21.80
C VAL G 91 -40.70 1.20 -20.51
N LEU G 92 -41.44 2.29 -20.64
CA LEU G 92 -41.88 3.06 -19.49
C LEU G 92 -43.21 3.69 -19.87
N THR G 93 -43.90 4.17 -18.85
CA THR G 93 -45.11 4.92 -19.03
C THR G 93 -44.80 6.39 -18.84
N ASN G 94 -45.59 7.26 -19.46
CA ASN G 94 -45.28 8.69 -19.37
C ASN G 94 -45.82 9.35 -18.11
N SER G 95 -46.70 8.67 -17.37
CA SER G 95 -47.18 9.14 -16.08
C SER G 95 -47.21 7.96 -15.10
N PRO G 96 -47.42 8.18 -13.81
CA PRO G 96 -47.69 7.05 -12.91
C PRO G 96 -49.01 6.37 -13.25
N VAL G 97 -49.00 5.05 -13.22
CA VAL G 97 -50.14 4.27 -13.69
C VAL G 97 -51.17 4.14 -12.58
N GLU G 98 -52.38 4.63 -12.85
CA GLU G 98 -53.53 4.49 -11.97
C GLU G 98 -54.63 3.77 -12.73
N LEU G 99 -55.34 2.87 -12.07
CA LEU G 99 -56.24 2.00 -12.80
C LEU G 99 -57.43 2.80 -13.34
N ARG G 100 -57.77 2.57 -14.61
CA ARG G 100 -58.86 3.22 -15.31
C ARG G 100 -58.59 4.69 -15.66
N GLU G 101 -57.33 5.12 -15.66
CA GLU G 101 -56.97 6.46 -16.15
C GLU G 101 -56.07 6.34 -17.37
N PRO G 102 -56.44 6.90 -18.51
CA PRO G 102 -55.65 6.70 -19.73
C PRO G 102 -54.19 7.11 -19.57
N ASN G 103 -53.32 6.34 -20.20
CA ASN G 103 -51.87 6.51 -20.08
C ASN G 103 -51.25 6.08 -21.40
N VAL G 104 -49.93 6.21 -21.51
CA VAL G 104 -49.22 5.85 -22.72
C VAL G 104 -47.99 5.01 -22.37
N LEU G 105 -47.84 3.85 -23.03
CA LEU G 105 -46.60 3.11 -22.96
C LEU G 105 -45.61 3.68 -23.96
N ILE G 106 -44.41 4.03 -23.47
CA ILE G 106 -43.29 4.47 -24.29
C ILE G 106 -42.27 3.34 -24.38
N CYS G 107 -41.85 3.02 -25.60
CA CYS G 107 -40.80 2.06 -25.89
C CYS G 107 -39.62 2.80 -26.54
N PHE G 108 -38.55 3.02 -25.76
CA PHE G 108 -37.41 3.86 -26.18
C PHE G 108 -36.28 2.95 -26.70
N ILE G 109 -35.96 3.07 -27.99
CA ILE G 109 -34.97 2.26 -28.67
C ILE G 109 -33.77 3.14 -28.97
N ASP G 110 -32.60 2.78 -28.43
CA ASP G 110 -31.48 3.69 -28.23
C ASP G 110 -30.17 3.02 -28.61
N LYS G 111 -29.22 3.84 -29.09
CA LYS G 111 -27.81 3.46 -29.27
C LYS G 111 -27.61 2.38 -30.33
N PHE G 112 -28.18 2.58 -31.52
CA PHE G 112 -28.12 1.53 -32.53
C PHE G 112 -27.84 2.11 -33.90
N THR G 113 -27.28 1.24 -34.76
CA THR G 113 -27.11 1.52 -36.17
C THR G 113 -26.97 0.17 -36.87
N PRO G 114 -27.35 0.08 -38.16
CA PRO G 114 -27.98 1.09 -39.02
C PRO G 114 -29.41 1.49 -38.56
N PRO G 115 -29.92 2.64 -39.03
CA PRO G 115 -31.22 3.14 -38.57
C PRO G 115 -32.38 2.44 -39.27
N VAL G 116 -32.56 1.18 -38.91
CA VAL G 116 -33.64 0.33 -39.39
C VAL G 116 -34.06 -0.53 -38.21
N VAL G 117 -35.36 -0.54 -37.89
CA VAL G 117 -35.91 -1.47 -36.92
C VAL G 117 -37.27 -1.93 -37.42
N ASN G 118 -37.71 -3.06 -36.89
CA ASN G 118 -39.12 -3.43 -36.89
C ASN G 118 -39.57 -3.47 -35.44
N VAL G 119 -40.67 -2.79 -35.15
CA VAL G 119 -41.17 -2.67 -33.78
C VAL G 119 -42.64 -3.08 -33.79
N THR G 120 -43.04 -3.82 -32.75
CA THR G 120 -44.37 -4.37 -32.64
C THR G 120 -44.80 -4.24 -31.18
N TRP G 121 -46.02 -3.79 -30.96
CA TRP G 121 -46.60 -3.75 -29.63
C TRP G 121 -47.47 -4.99 -29.47
N LEU G 122 -47.18 -5.80 -28.43
CA LEU G 122 -47.95 -6.99 -28.10
C LEU G 122 -48.74 -6.75 -26.81
N ARG G 123 -50.05 -6.90 -26.87
CA ARG G 123 -50.89 -6.97 -25.67
C ARG G 123 -51.42 -8.39 -25.53
N ASN G 124 -51.11 -9.03 -24.40
CA ASN G 124 -51.34 -10.45 -24.18
C ASN G 124 -50.85 -11.29 -25.36
N GLY G 125 -49.63 -10.98 -25.82
CA GLY G 125 -49.01 -11.74 -26.89
C GLY G 125 -49.59 -11.53 -28.27
N LYS G 126 -50.59 -10.64 -28.43
CA LYS G 126 -51.22 -10.36 -29.72
C LYS G 126 -50.87 -8.95 -30.15
N PRO G 127 -50.69 -8.69 -31.45
CA PRO G 127 -50.27 -7.37 -31.90
C PRO G 127 -51.40 -6.37 -31.85
N VAL G 128 -51.03 -5.12 -31.54
CA VAL G 128 -52.00 -4.05 -31.37
C VAL G 128 -51.56 -2.87 -32.22
N THR G 129 -52.54 -2.23 -32.88
CA THR G 129 -52.25 -1.07 -33.71
C THR G 129 -53.08 0.15 -33.38
N THR G 130 -54.07 0.04 -32.47
CA THR G 130 -54.97 1.13 -32.14
C THR G 130 -54.28 2.28 -31.43
N GLY G 131 -54.12 3.41 -32.14
CA GLY G 131 -53.63 4.61 -31.50
C GLY G 131 -52.13 4.72 -31.39
N VAL G 132 -51.38 3.80 -32.00
CA VAL G 132 -49.93 3.82 -31.86
C VAL G 132 -49.34 4.91 -32.76
N SER G 133 -48.16 5.36 -32.40
CA SER G 133 -47.42 6.29 -33.22
C SER G 133 -45.93 6.08 -32.96
N GLU G 134 -45.11 6.67 -33.81
CA GLU G 134 -43.67 6.49 -33.69
C GLU G 134 -42.95 7.71 -34.23
N THR G 135 -41.75 7.94 -33.73
CA THR G 135 -40.88 8.95 -34.29
C THR G 135 -40.06 8.34 -35.41
N VAL G 136 -39.36 9.21 -36.15
CA VAL G 136 -38.35 8.75 -37.10
C VAL G 136 -37.09 8.43 -36.30
N PHE G 137 -35.95 8.33 -36.96
CA PHE G 137 -34.69 8.07 -36.29
C PHE G 137 -34.07 9.38 -35.85
N LEU G 138 -33.69 9.45 -34.59
CA LEU G 138 -33.24 10.71 -34.03
C LEU G 138 -31.75 10.67 -33.69
N PRO G 139 -31.04 11.79 -33.80
CA PRO G 139 -29.58 11.75 -33.75
C PRO G 139 -29.02 11.67 -32.33
N ARG G 140 -27.79 11.18 -32.25
CA ARG G 140 -27.05 11.12 -30.99
C ARG G 140 -25.67 11.70 -31.22
N GLU G 141 -25.09 12.23 -30.14
CA GLU G 141 -23.75 12.80 -30.22
C GLU G 141 -22.69 11.76 -30.56
N ASP G 142 -22.94 10.47 -30.29
CA ASP G 142 -22.05 9.42 -30.73
C ASP G 142 -22.46 8.83 -32.07
N HIS G 143 -23.43 9.45 -32.75
CA HIS G 143 -23.81 9.16 -34.13
C HIS G 143 -24.51 7.81 -34.30
N LEU G 144 -24.94 7.20 -33.20
CA LEU G 144 -25.94 6.14 -33.20
C LEU G 144 -27.33 6.79 -33.21
N PHE G 145 -28.39 5.98 -33.23
CA PHE G 145 -29.73 6.50 -33.44
C PHE G 145 -30.67 6.15 -32.29
N ARG G 146 -31.63 7.04 -32.05
CA ARG G 146 -32.75 6.85 -31.13
C ARG G 146 -34.04 6.67 -31.92
N LYS G 147 -35.08 6.23 -31.22
CA LYS G 147 -36.40 6.07 -31.81
C LYS G 147 -37.38 5.80 -30.68
N PHE G 148 -38.56 6.43 -30.76
CA PHE G 148 -39.64 6.24 -29.80
C PHE G 148 -40.87 5.67 -30.49
N HIS G 149 -41.49 4.67 -29.86
CA HIS G 149 -42.82 4.19 -30.21
C HIS G 149 -43.76 4.38 -29.03
N TYR G 150 -45.05 4.60 -29.34
CA TYR G 150 -46.04 4.97 -28.34
C TYR G 150 -47.30 4.13 -28.46
N LEU G 151 -47.89 3.80 -27.31
CA LEU G 151 -49.10 2.99 -27.26
C LEU G 151 -50.01 3.53 -26.15
N PRO G 152 -51.02 4.30 -26.49
CA PRO G 152 -52.03 4.66 -25.49
C PRO G 152 -52.74 3.41 -25.01
N PHE G 153 -53.17 3.44 -23.75
CA PHE G 153 -53.80 2.26 -23.18
C PHE G 153 -54.54 2.66 -21.91
N LEU G 154 -55.49 1.81 -21.53
CA LEU G 154 -56.26 2.04 -20.33
C LEU G 154 -55.85 0.99 -19.31
N PRO G 155 -55.12 1.37 -18.25
CA PRO G 155 -54.54 0.37 -17.32
C PRO G 155 -55.58 -0.59 -16.76
N SER G 156 -55.14 -1.82 -16.53
CA SER G 156 -56.00 -2.93 -16.12
C SER G 156 -55.11 -4.06 -15.61
N THR G 157 -55.59 -4.76 -14.58
CA THR G 157 -54.87 -5.89 -14.05
C THR G 157 -54.93 -7.11 -14.97
N GLU G 158 -55.63 -7.01 -16.08
CA GLU G 158 -55.85 -8.16 -16.95
C GLU G 158 -54.82 -8.28 -18.06
N ASP G 159 -54.17 -7.18 -18.43
CA ASP G 159 -53.33 -7.13 -19.60
C ASP G 159 -51.86 -7.09 -19.21
N VAL G 160 -51.02 -7.59 -20.13
CA VAL G 160 -49.57 -7.50 -20.06
C VAL G 160 -49.12 -7.00 -21.42
N TYR G 161 -48.02 -6.25 -21.44
CA TYR G 161 -47.55 -5.69 -22.70
C TYR G 161 -46.08 -6.03 -22.92
N ASP G 162 -45.73 -6.12 -24.19
CA ASP G 162 -44.35 -6.22 -24.64
C ASP G 162 -44.17 -5.30 -25.82
N CYS G 163 -43.03 -4.63 -25.85
CA CYS G 163 -42.50 -3.99 -27.04
C CYS G 163 -41.48 -4.95 -27.63
N ARG G 164 -41.61 -5.28 -28.93
CA ARG G 164 -40.75 -6.28 -29.56
C ARG G 164 -39.97 -5.61 -30.68
N VAL G 165 -38.64 -5.70 -30.60
CA VAL G 165 -37.73 -4.99 -31.49
C VAL G 165 -36.90 -6.02 -32.27
N GLU G 166 -36.97 -5.97 -33.59
CA GLU G 166 -36.04 -6.70 -34.44
C GLU G 166 -34.97 -5.73 -34.94
N HIS G 167 -33.71 -6.11 -34.81
CA HIS G 167 -32.60 -5.35 -35.36
C HIS G 167 -31.53 -6.32 -35.88
N TRP G 168 -30.86 -5.95 -36.98
CA TRP G 168 -29.90 -6.86 -37.58
C TRP G 168 -28.69 -7.12 -36.69
N GLY G 169 -28.48 -6.33 -35.64
CA GLY G 169 -27.41 -6.59 -34.71
C GLY G 169 -27.77 -7.55 -33.59
N LEU G 170 -29.02 -7.96 -33.51
CA LEU G 170 -29.48 -8.88 -32.48
C LEU G 170 -29.72 -10.26 -33.08
N ASP G 171 -29.33 -11.29 -32.34
CA ASP G 171 -29.48 -12.64 -32.84
C ASP G 171 -30.90 -13.17 -32.69
N GLU G 172 -31.73 -12.52 -31.88
CA GLU G 172 -33.14 -12.84 -31.87
C GLU G 172 -33.91 -11.56 -31.59
N PRO G 173 -35.22 -11.54 -31.85
CA PRO G 173 -36.01 -10.38 -31.48
C PRO G 173 -35.94 -10.14 -29.99
N LEU G 174 -35.90 -8.87 -29.62
CA LEU G 174 -35.79 -8.44 -28.24
C LEU G 174 -37.15 -8.00 -27.74
N LEU G 175 -37.60 -8.58 -26.63
CA LEU G 175 -38.87 -8.24 -26.00
C LEU G 175 -38.63 -7.62 -24.64
N LYS G 176 -39.27 -6.49 -24.37
CA LYS G 176 -39.24 -5.90 -23.04
C LYS G 176 -40.67 -5.76 -22.55
N HIS G 177 -40.90 -6.22 -21.33
CA HIS G 177 -42.21 -6.48 -20.78
C HIS G 177 -42.65 -5.32 -19.90
N TRP G 178 -43.96 -5.07 -19.89
CA TRP G 178 -44.57 -4.15 -18.95
C TRP G 178 -45.92 -4.70 -18.53
N GLU G 179 -46.25 -4.58 -17.25
CA GLU G 179 -47.55 -4.96 -16.74
C GLU G 179 -47.82 -4.23 -15.44
N PHE G 180 -49.10 -4.01 -15.15
CA PHE G 180 -49.49 -3.42 -13.87
C PHE G 180 -49.27 -4.38 -12.71
N ARG H 1 -27.07 -9.45 -45.89
CA ARG H 1 -26.91 -8.44 -46.93
C ARG H 1 -26.26 -7.15 -46.38
N PRO H 2 -25.26 -6.62 -47.09
CA PRO H 2 -24.52 -5.47 -46.56
C PRO H 2 -25.32 -4.16 -46.67
N ARG H 3 -25.19 -3.34 -45.64
CA ARG H 3 -25.77 -2.01 -45.64
C ARG H 3 -24.68 -0.95 -45.71
N PHE H 4 -24.98 0.14 -46.41
CA PHE H 4 -24.07 1.27 -46.56
C PHE H 4 -24.84 2.54 -46.25
N LEU H 5 -24.34 3.33 -45.30
CA LEU H 5 -25.06 4.45 -44.72
C LEU H 5 -24.24 5.72 -44.87
N GLU H 6 -24.78 6.70 -45.59
CA GLU H 6 -24.23 8.05 -45.60
C GLU H 6 -25.04 8.89 -44.62
N TYR H 7 -24.35 9.60 -43.75
CA TYR H 7 -24.99 10.39 -42.72
C TYR H 7 -24.29 11.73 -42.65
N SER H 8 -25.03 12.75 -42.21
CA SER H 8 -24.46 14.09 -42.19
C SER H 8 -25.25 14.96 -41.24
N THR H 9 -24.56 15.86 -40.53
CA THR H 9 -25.19 16.86 -39.69
C THR H 9 -24.69 18.27 -40.02
N SER H 10 -25.61 19.23 -39.98
CA SER H 10 -25.27 20.63 -39.83
C SER H 10 -25.69 21.03 -38.42
N GLU H 11 -24.76 21.64 -37.68
CA GLU H 11 -24.89 21.79 -36.24
C GLU H 11 -24.69 23.25 -35.87
N CYS H 12 -25.55 23.71 -34.96
CA CYS H 12 -25.57 25.09 -34.52
C CYS H 12 -25.49 25.08 -32.99
N HIS H 13 -24.37 25.53 -32.44
CA HIS H 13 -24.19 25.51 -30.98
C HIS H 13 -24.19 26.94 -30.45
N PHE H 14 -25.03 27.20 -29.45
CA PHE H 14 -25.35 28.55 -29.00
C PHE H 14 -24.86 28.77 -27.58
N PHE H 15 -24.13 29.87 -27.36
CA PHE H 15 -23.56 30.25 -26.08
C PHE H 15 -23.94 31.70 -25.78
N ASN H 16 -24.39 31.98 -24.55
CA ASN H 16 -24.76 33.34 -24.09
C ASN H 16 -25.75 33.96 -25.07
N GLY H 17 -26.94 33.35 -25.12
CA GLY H 17 -27.94 33.73 -26.09
C GLY H 17 -27.50 33.39 -27.50
N THR H 18 -27.13 34.40 -28.29
CA THR H 18 -26.52 34.19 -29.59
C THR H 18 -25.18 34.89 -29.72
N GLU H 19 -24.60 35.35 -28.60
CA GLU H 19 -23.34 36.08 -28.66
C GLU H 19 -22.25 35.25 -29.32
N ARG H 20 -22.08 34.00 -28.89
CA ARG H 20 -21.10 33.06 -29.44
C ARG H 20 -21.85 31.91 -30.10
N VAL H 21 -21.50 31.60 -31.34
CA VAL H 21 -22.13 30.53 -32.09
C VAL H 21 -21.06 29.76 -32.84
N ARG H 22 -21.16 28.43 -32.81
CA ARG H 22 -20.25 27.56 -33.56
C ARG H 22 -21.07 26.73 -34.55
N TYR H 23 -20.70 26.82 -35.83
CA TYR H 23 -21.36 26.09 -36.90
C TYR H 23 -20.46 24.95 -37.37
N LEU H 24 -21.06 23.78 -37.58
CA LEU H 24 -20.35 22.62 -38.09
C LEU H 24 -21.15 21.98 -39.21
N ASP H 25 -20.45 21.56 -40.26
CA ASP H 25 -21.00 20.74 -41.32
C ASP H 25 -20.17 19.46 -41.37
N ARG H 26 -20.79 18.32 -41.08
CA ARG H 26 -20.06 17.08 -40.80
C ARG H 26 -20.57 15.98 -41.70
N TYR H 27 -19.65 15.22 -42.30
CA TYR H 27 -19.99 14.20 -43.27
C TYR H 27 -19.42 12.86 -42.83
N PHE H 28 -20.30 11.85 -42.74
CA PHE H 28 -20.00 10.54 -42.19
C PHE H 28 -20.30 9.47 -43.22
N HIS H 29 -19.48 8.41 -43.24
CA HIS H 29 -19.79 7.19 -43.98
C HIS H 29 -19.65 6.02 -43.04
N ASN H 30 -20.70 5.21 -42.93
CA ASN H 30 -20.77 4.06 -42.02
C ASN H 30 -20.20 4.38 -40.64
N GLN H 31 -20.71 5.45 -40.04
CA GLN H 31 -20.41 5.89 -38.68
C GLN H 31 -19.08 6.59 -38.58
N GLU H 32 -18.33 6.73 -39.67
CA GLU H 32 -17.01 7.34 -39.66
C GLU H 32 -17.09 8.78 -40.18
N GLU H 33 -16.84 9.76 -39.30
CA GLU H 33 -16.64 11.14 -39.74
C GLU H 33 -15.34 11.23 -40.53
N ASN H 34 -15.42 11.66 -41.79
CA ASN H 34 -14.21 11.76 -42.59
C ASN H 34 -13.87 13.16 -43.11
N VAL H 35 -14.81 14.10 -43.08
CA VAL H 35 -14.54 15.47 -43.48
C VAL H 35 -15.55 16.37 -42.79
N ARG H 36 -15.13 17.60 -42.47
CA ARG H 36 -16.00 18.53 -41.77
C ARG H 36 -15.58 19.97 -42.04
N PHE H 37 -16.54 20.87 -41.89
CA PHE H 37 -16.29 22.31 -41.85
C PHE H 37 -16.59 22.78 -40.44
N ASP H 38 -15.71 23.61 -39.90
CA ASP H 38 -15.83 24.15 -38.56
C ASP H 38 -15.74 25.67 -38.63
N SER H 39 -16.81 26.34 -38.19
CA SER H 39 -16.84 27.79 -38.03
C SER H 39 -15.53 28.36 -37.47
N ASP H 40 -15.01 27.74 -36.40
CA ASP H 40 -13.80 28.22 -35.72
C ASP H 40 -12.53 27.98 -36.53
N VAL H 41 -12.58 27.17 -37.58
CA VAL H 41 -11.42 26.91 -38.42
C VAL H 41 -11.52 27.68 -39.73
N GLY H 42 -12.73 27.84 -40.26
CA GLY H 42 -12.93 28.59 -41.47
C GLY H 42 -12.83 27.80 -42.76
N GLU H 43 -12.43 26.53 -42.73
CA GLU H 43 -12.35 25.74 -43.94
C GLU H 43 -12.64 24.27 -43.64
N PHE H 44 -12.70 23.48 -44.72
CA PHE H 44 -12.92 22.05 -44.60
C PHE H 44 -11.61 21.35 -44.24
N ARG H 45 -11.69 20.47 -43.26
CA ARG H 45 -10.59 19.63 -42.80
C ARG H 45 -11.00 18.17 -42.89
N ALA H 46 -10.16 17.35 -43.51
CA ALA H 46 -10.36 15.90 -43.49
C ALA H 46 -10.20 15.36 -42.07
N VAL H 47 -11.06 14.42 -41.71
CA VAL H 47 -10.95 13.74 -40.41
C VAL H 47 -10.18 12.44 -40.53
N THR H 48 -10.49 11.64 -41.54
CA THR H 48 -9.77 10.43 -41.90
C THR H 48 -9.15 10.60 -43.28
N GLU H 49 -8.48 9.55 -43.75
CA GLU H 49 -7.82 9.63 -45.04
C GLU H 49 -8.82 9.56 -46.19
N LEU H 50 -9.92 8.83 -46.02
CA LEU H 50 -10.93 8.76 -47.07
C LEU H 50 -11.66 10.09 -47.26
N GLY H 51 -11.57 11.01 -46.29
CA GLY H 51 -12.10 12.34 -46.42
C GLY H 51 -11.18 13.35 -47.11
N ARG H 52 -9.91 12.99 -47.29
CA ARG H 52 -8.95 13.92 -47.85
C ARG H 52 -9.30 14.41 -49.26
N PRO H 53 -9.74 13.57 -50.21
CA PRO H 53 -10.08 14.12 -51.53
C PRO H 53 -11.15 15.19 -51.47
N ASP H 54 -12.07 15.12 -50.50
CA ASP H 54 -13.14 16.10 -50.43
C ASP H 54 -12.67 17.41 -49.82
N ALA H 55 -11.91 17.33 -48.72
CA ALA H 55 -11.34 18.52 -48.10
C ALA H 55 -10.59 19.37 -49.12
N GLU H 56 -9.74 18.73 -49.92
CA GLU H 56 -8.95 19.49 -50.88
C GLU H 56 -9.80 19.96 -52.05
N TYR H 57 -10.76 19.14 -52.50
CA TYR H 57 -11.64 19.56 -53.59
C TYR H 57 -12.59 20.67 -53.14
N TRP H 58 -13.10 20.60 -51.91
CA TRP H 58 -14.04 21.62 -51.44
C TRP H 58 -13.32 22.93 -51.11
N ASN H 59 -12.14 22.85 -50.49
CA ASN H 59 -11.37 24.05 -50.18
C ASN H 59 -10.89 24.77 -51.43
N SER H 60 -11.02 24.15 -52.61
CA SER H 60 -10.63 24.74 -53.87
C SER H 60 -11.79 25.45 -54.56
N GLN H 61 -12.98 25.43 -53.96
CA GLN H 61 -14.14 26.17 -54.43
C GLN H 61 -14.31 27.34 -53.47
N LYS H 62 -13.86 28.53 -53.87
CA LYS H 62 -13.82 29.61 -52.90
C LYS H 62 -15.22 30.20 -52.65
N ASP H 63 -16.14 30.09 -53.62
N ASP H 63 -16.12 30.09 -53.63
CA ASP H 63 -17.49 30.57 -53.36
CA ASP H 63 -17.50 30.53 -53.42
C ASP H 63 -18.21 29.66 -52.37
C ASP H 63 -18.18 29.67 -52.37
N LEU H 64 -17.87 28.37 -52.34
CA LEU H 64 -18.37 27.49 -51.28
C LEU H 64 -17.83 27.90 -49.92
N LEU H 65 -16.54 28.24 -49.85
CA LEU H 65 -15.99 28.67 -48.57
C LEU H 65 -16.72 29.91 -48.07
N GLU H 66 -16.87 30.90 -48.95
CA GLU H 66 -17.68 32.09 -48.69
C GLU H 66 -19.04 31.71 -48.11
N GLN H 67 -19.77 30.85 -48.82
CA GLN H 67 -21.11 30.42 -48.40
C GLN H 67 -21.09 29.78 -47.02
N LYS H 68 -20.15 28.86 -46.78
CA LYS H 68 -20.13 28.15 -45.50
C LYS H 68 -19.65 29.04 -44.36
N ARG H 69 -18.85 30.07 -44.66
CA ARG H 69 -18.43 30.97 -43.60
C ARG H 69 -19.55 31.92 -43.16
N GLY H 70 -20.63 32.04 -43.92
CA GLY H 70 -21.75 32.86 -43.50
C GLY H 70 -22.82 32.11 -42.74
N ARG H 71 -22.73 30.78 -42.69
CA ARG H 71 -23.78 29.96 -42.09
C ARG H 71 -24.03 30.32 -40.63
N VAL H 72 -22.99 30.79 -39.94
CA VAL H 72 -23.11 31.12 -38.52
C VAL H 72 -24.18 32.21 -38.32
N ASP H 73 -24.34 33.08 -39.32
CA ASP H 73 -25.28 34.19 -39.25
C ASP H 73 -26.60 33.90 -39.96
N ASN H 74 -26.56 33.48 -41.23
CA ASN H 74 -27.77 33.28 -42.02
C ASN H 74 -28.37 31.88 -41.92
N TYR H 75 -27.87 31.04 -41.03
CA TYR H 75 -28.43 29.71 -40.82
C TYR H 75 -28.75 29.48 -39.35
N CYS H 76 -27.71 29.52 -38.52
CA CYS H 76 -27.85 29.24 -37.10
C CYS H 76 -28.61 30.36 -36.40
N ARG H 77 -28.07 31.59 -36.48
CA ARG H 77 -28.70 32.74 -35.84
C ARG H 77 -30.07 33.01 -36.44
N HIS H 78 -30.18 32.85 -37.76
CA HIS H 78 -31.48 32.95 -38.40
C HIS H 78 -32.46 31.96 -37.79
N ASN H 79 -32.14 30.67 -37.85
CA ASN H 79 -33.06 29.65 -37.36
C ASN H 79 -33.32 29.77 -35.86
N TYR H 80 -32.33 30.24 -35.09
CA TYR H 80 -32.56 30.49 -33.68
C TYR H 80 -33.70 31.50 -33.48
N GLY H 81 -33.67 32.60 -34.25
CA GLY H 81 -34.69 33.62 -34.10
C GLY H 81 -36.03 33.16 -34.59
N VAL H 82 -36.04 32.32 -35.60
CA VAL H 82 -37.30 31.87 -36.18
C VAL H 82 -38.03 30.89 -35.27
N VAL H 83 -37.31 30.10 -34.46
CA VAL H 83 -37.91 29.04 -33.65
C VAL H 83 -37.88 29.33 -32.15
N GLU H 84 -37.08 30.28 -31.70
CA GLU H 84 -36.99 30.72 -30.31
C GLU H 84 -38.31 30.73 -29.54
N SER H 85 -39.40 31.15 -30.19
CA SER H 85 -40.63 31.45 -29.47
C SER H 85 -41.34 30.20 -28.96
N PHE H 86 -41.12 29.05 -29.58
CA PHE H 86 -41.76 27.81 -29.14
C PHE H 86 -40.77 26.69 -28.79
N THR H 87 -39.48 27.01 -28.71
CA THR H 87 -38.48 26.04 -28.26
C THR H 87 -37.73 26.62 -27.06
N VAL H 88 -36.91 27.64 -27.30
CA VAL H 88 -36.08 28.22 -26.24
C VAL H 88 -36.95 28.73 -25.10
N GLN H 89 -38.19 29.15 -25.40
CA GLN H 89 -39.06 29.73 -24.40
C GLN H 89 -40.19 28.80 -24.01
N ARG H 90 -40.29 27.63 -24.63
CA ARG H 90 -41.25 26.62 -24.21
C ARG H 90 -41.09 26.34 -22.72
N ARG H 91 -42.23 26.32 -22.03
CA ARG H 91 -42.28 26.05 -20.60
C ARG H 91 -43.47 25.14 -20.35
N VAL H 92 -43.24 23.97 -19.77
CA VAL H 92 -44.33 23.07 -19.41
C VAL H 92 -44.20 22.67 -17.95
N HIS H 93 -45.29 22.81 -17.20
CA HIS H 93 -45.30 22.59 -15.76
C HIS H 93 -45.05 21.13 -15.42
N PRO H 94 -44.24 20.84 -14.40
CA PRO H 94 -44.14 19.46 -13.92
C PRO H 94 -45.35 19.09 -13.08
N LYS H 95 -45.85 17.86 -13.29
CA LYS H 95 -46.88 17.26 -12.45
C LYS H 95 -46.20 16.43 -11.35
N VAL H 96 -46.46 16.79 -10.09
CA VAL H 96 -45.76 16.20 -8.95
C VAL H 96 -46.72 15.33 -8.15
N THR H 97 -46.30 14.08 -7.89
CA THR H 97 -47.12 13.11 -7.19
C THR H 97 -46.21 12.33 -6.24
N VAL H 98 -46.66 12.14 -5.00
CA VAL H 98 -45.87 11.46 -3.98
C VAL H 98 -46.68 10.27 -3.46
N TYR H 99 -46.05 9.10 -3.44
CA TYR H 99 -46.72 7.89 -2.96
C TYR H 99 -45.71 6.93 -2.38
N PRO H 100 -46.08 6.18 -1.34
CA PRO H 100 -45.21 5.09 -0.87
C PRO H 100 -45.12 4.00 -1.90
N SER H 101 -43.93 3.40 -2.01
CA SER H 101 -43.69 2.40 -3.05
C SER H 101 -44.46 1.12 -2.77
N LYS H 102 -44.46 0.67 -1.51
CA LYS H 102 -45.27 -0.46 -1.07
C LYS H 102 -46.06 -0.04 0.16
N THR H 103 -47.21 -0.68 0.36
CA THR H 103 -48.12 -0.27 1.44
C THR H 103 -47.72 -0.93 2.77
N GLN H 104 -46.47 -0.67 3.15
CA GLN H 104 -45.94 -1.12 4.43
C GLN H 104 -46.61 -0.35 5.57
N PRO H 105 -46.68 -0.96 6.76
CA PRO H 105 -47.02 -0.20 7.96
C PRO H 105 -45.76 0.43 8.55
N LEU H 106 -45.98 1.29 9.53
CA LEU H 106 -44.94 2.16 10.00
C LEU H 106 -43.82 1.36 10.67
N GLN H 107 -42.69 2.04 10.90
CA GLN H 107 -41.50 1.53 11.58
C GLN H 107 -40.77 0.45 10.79
N HIS H 108 -41.12 0.24 9.52
CA HIS H 108 -40.36 -0.60 8.61
C HIS H 108 -39.90 0.25 7.41
N HIS H 109 -38.81 -0.15 6.78
CA HIS H 109 -38.24 0.64 5.68
C HIS H 109 -39.23 0.77 4.52
N ASN H 110 -39.16 1.91 3.85
CA ASN H 110 -39.99 2.12 2.68
C ASN H 110 -39.32 3.07 1.70
N LEU H 111 -39.74 2.99 0.44
CA LEU H 111 -39.29 3.94 -0.58
C LEU H 111 -40.42 4.95 -0.81
N LEU H 112 -40.16 6.21 -0.49
CA LEU H 112 -41.07 7.31 -0.78
C LEU H 112 -40.78 7.85 -2.17
N VAL H 113 -41.75 7.74 -3.07
CA VAL H 113 -41.56 8.05 -4.49
C VAL H 113 -42.11 9.45 -4.77
N CYS H 114 -41.26 10.31 -5.30
CA CYS H 114 -41.72 11.59 -5.84
C CYS H 114 -41.63 11.52 -7.35
N SER H 115 -42.78 11.35 -8.01
CA SER H 115 -42.86 11.33 -9.47
C SER H 115 -43.08 12.74 -10.02
N VAL H 116 -42.26 13.13 -11.00
CA VAL H 116 -42.28 14.47 -11.60
C VAL H 116 -42.33 14.29 -13.12
N SER H 117 -43.51 14.43 -13.71
CA SER H 117 -43.68 14.11 -15.12
C SER H 117 -44.21 15.30 -15.93
N GLY H 118 -43.93 15.23 -17.23
CA GLY H 118 -44.54 16.10 -18.20
C GLY H 118 -43.94 17.47 -18.35
N PHE H 119 -42.81 17.76 -17.73
CA PHE H 119 -42.25 19.10 -17.76
C PHE H 119 -41.38 19.33 -19.00
N TYR H 120 -41.25 20.62 -19.38
CA TYR H 120 -40.24 21.05 -20.38
C TYR H 120 -39.79 22.45 -19.99
N PRO H 121 -38.50 22.79 -20.12
CA PRO H 121 -37.38 21.93 -20.55
C PRO H 121 -36.83 21.06 -19.41
N GLY H 122 -35.65 20.45 -19.65
CA GLY H 122 -35.24 19.30 -18.85
C GLY H 122 -34.67 19.63 -17.48
N SER H 123 -34.00 20.76 -17.35
CA SER H 123 -33.27 21.03 -16.12
C SER H 123 -34.23 21.31 -14.96
N ILE H 124 -33.97 20.68 -13.82
CA ILE H 124 -34.92 20.60 -12.71
C ILE H 124 -34.19 20.18 -11.45
N GLU H 125 -34.66 20.63 -10.29
CA GLU H 125 -34.14 20.23 -8.99
C GLU H 125 -35.26 19.62 -8.18
N VAL H 126 -35.02 18.44 -7.65
CA VAL H 126 -35.98 17.74 -6.80
C VAL H 126 -35.29 17.44 -5.49
N ARG H 127 -35.84 17.96 -4.41
CA ARG H 127 -35.27 17.79 -3.08
C ARG H 127 -36.31 17.20 -2.14
N TRP H 128 -35.82 16.49 -1.12
CA TRP H 128 -36.67 15.84 -0.13
C TRP H 128 -36.47 16.47 1.24
N PHE H 129 -37.54 16.51 2.01
CA PHE H 129 -37.53 17.13 3.33
C PHE H 129 -38.29 16.26 4.33
N ARG H 130 -37.68 16.03 5.47
CA ARG H 130 -38.31 15.35 6.59
C ARG H 130 -38.48 16.37 7.71
N ASN H 131 -39.73 16.62 8.11
CA ASN H 131 -40.09 17.59 9.14
C ASN H 131 -39.33 18.92 8.96
N GLY H 132 -39.32 19.41 7.72
CA GLY H 132 -38.73 20.70 7.41
C GLY H 132 -37.22 20.73 7.26
N GLN H 133 -36.52 19.63 7.51
CA GLN H 133 -35.08 19.55 7.27
C GLN H 133 -34.84 18.77 5.99
N GLU H 134 -33.92 19.27 5.15
CA GLU H 134 -33.64 18.61 3.89
C GLU H 134 -32.88 17.32 4.12
N GLU H 135 -33.33 16.24 3.48
CA GLU H 135 -32.65 14.95 3.54
C GLU H 135 -31.56 14.93 2.48
N LYS H 136 -30.30 14.87 2.91
CA LYS H 136 -29.21 14.79 1.96
C LYS H 136 -28.83 13.35 1.63
N THR H 137 -29.13 12.42 2.54
CA THR H 137 -28.78 11.01 2.36
C THR H 137 -30.03 10.18 2.10
N GLY H 138 -29.84 9.09 1.37
CA GLY H 138 -30.92 8.15 1.11
C GLY H 138 -31.75 8.43 -0.11
N VAL H 139 -31.26 9.29 -1.01
CA VAL H 139 -32.03 9.76 -2.16
C VAL H 139 -31.59 8.98 -3.39
N VAL H 140 -32.55 8.36 -4.07
CA VAL H 140 -32.30 7.51 -5.22
C VAL H 140 -33.09 8.09 -6.39
N SER H 141 -32.37 8.59 -7.39
CA SER H 141 -32.94 9.30 -8.53
C SER H 141 -32.66 8.52 -9.79
N THR H 142 -33.69 8.34 -10.63
CA THR H 142 -33.50 7.79 -11.96
C THR H 142 -32.81 8.76 -12.91
N GLY H 143 -32.53 9.98 -12.49
CA GLY H 143 -32.06 11.02 -13.39
C GLY H 143 -33.17 11.45 -14.35
N LEU H 144 -32.74 12.17 -15.38
CA LEU H 144 -33.65 12.82 -16.32
C LEU H 144 -33.98 11.90 -17.50
N ILE H 145 -35.27 11.71 -17.75
CA ILE H 145 -35.78 10.84 -18.81
C ILE H 145 -36.51 11.68 -19.86
N HIS H 146 -36.14 11.47 -21.12
CA HIS H 146 -36.69 12.15 -22.29
C HIS H 146 -37.83 11.31 -22.84
N ASN H 147 -39.03 11.90 -22.95
CA ASN H 147 -40.18 11.16 -23.45
C ASN H 147 -40.30 11.20 -24.97
N GLY H 148 -39.41 11.94 -25.65
CA GLY H 148 -39.40 11.99 -27.08
C GLY H 148 -40.44 12.89 -27.69
N ASP H 149 -41.24 13.60 -26.88
CA ASP H 149 -42.39 14.36 -27.32
C ASP H 149 -42.41 15.77 -26.72
N TRP H 150 -41.22 16.37 -26.53
CA TRP H 150 -41.05 17.68 -25.91
C TRP H 150 -41.51 17.71 -24.45
N THR H 151 -41.57 16.55 -23.78
CA THR H 151 -41.68 16.52 -22.32
C THR H 151 -40.63 15.59 -21.72
N PHE H 152 -40.52 15.67 -20.39
CA PHE H 152 -39.53 14.94 -19.60
C PHE H 152 -40.20 14.38 -18.36
N GLN H 153 -39.53 13.41 -17.73
CA GLN H 153 -39.93 12.97 -16.40
C GLN H 153 -38.71 12.58 -15.58
N THR H 154 -38.95 12.39 -14.28
CA THR H 154 -37.94 11.89 -13.36
C THR H 154 -38.66 11.34 -12.13
N LEU H 155 -38.03 10.32 -11.52
CA LEU H 155 -38.48 9.74 -10.27
C LEU H 155 -37.35 9.90 -9.27
N VAL H 156 -37.66 10.47 -8.12
CA VAL H 156 -36.69 10.63 -7.04
C VAL H 156 -37.25 9.96 -5.81
N MET H 157 -36.51 9.01 -5.26
CA MET H 157 -36.99 8.19 -4.17
C MET H 157 -36.23 8.52 -2.90
N LEU H 158 -36.95 8.58 -1.78
CA LEU H 158 -36.34 8.77 -0.48
C LEU H 158 -36.39 7.45 0.27
N GLU H 159 -35.24 7.04 0.82
CA GLU H 159 -35.22 5.94 1.78
C GLU H 159 -35.71 6.43 3.15
N THR H 160 -36.83 5.90 3.59
CA THR H 160 -37.41 6.25 4.87
C THR H 160 -37.61 5.01 5.71
N VAL H 161 -37.69 5.22 7.01
CA VAL H 161 -38.41 4.29 7.88
C VAL H 161 -39.35 5.18 8.68
N PRO H 162 -40.56 5.41 8.19
CA PRO H 162 -41.42 6.44 8.77
C PRO H 162 -41.89 6.07 10.18
N ARG H 163 -41.95 7.09 11.03
CA ARG H 163 -42.59 7.00 12.33
C ARG H 163 -43.84 7.88 12.30
N SER H 164 -44.87 7.45 13.03
CA SER H 164 -46.14 8.15 13.00
C SER H 164 -45.95 9.62 13.37
N GLY H 165 -46.67 10.49 12.65
CA GLY H 165 -46.58 11.91 12.85
C GLY H 165 -45.69 12.66 11.86
N GLU H 166 -44.78 11.96 11.18
CA GLU H 166 -43.82 12.63 10.32
C GLU H 166 -44.49 13.12 9.04
N VAL H 167 -44.12 14.33 8.59
CA VAL H 167 -44.47 14.80 7.26
C VAL H 167 -43.21 14.86 6.41
N TYR H 168 -43.28 14.22 5.24
CA TYR H 168 -42.24 14.27 4.22
C TYR H 168 -42.77 15.10 3.06
N THR H 169 -41.94 16.00 2.53
CA THR H 169 -42.35 16.83 1.43
C THR H 169 -41.30 16.82 0.32
N CYS H 170 -41.77 16.61 -0.90
CA CYS H 170 -40.98 16.72 -2.12
C CYS H 170 -41.09 18.14 -2.69
N GLN H 171 -39.97 18.86 -2.75
CA GLN H 171 -39.91 20.22 -3.29
C GLN H 171 -39.27 20.20 -4.67
N VAL H 172 -39.87 20.92 -5.62
CA VAL H 172 -39.47 20.90 -7.03
C VAL H 172 -39.19 22.33 -7.50
N GLU H 173 -38.09 22.52 -8.22
CA GLU H 173 -37.74 23.80 -8.82
C GLU H 173 -37.50 23.63 -10.31
N HIS H 174 -38.05 24.55 -11.12
CA HIS H 174 -38.11 24.41 -12.57
C HIS H 174 -38.36 25.78 -13.19
N PRO H 175 -37.86 26.05 -14.41
CA PRO H 175 -38.10 27.37 -15.03
C PRO H 175 -39.56 27.78 -15.14
N SER H 176 -40.48 26.82 -15.25
CA SER H 176 -41.92 27.10 -15.38
C SER H 176 -42.61 27.44 -14.07
N VAL H 177 -41.92 27.44 -12.93
CA VAL H 177 -42.52 27.83 -11.66
C VAL H 177 -41.65 28.88 -11.02
N THR H 178 -42.28 29.79 -10.26
CA THR H 178 -41.54 30.79 -9.51
C THR H 178 -41.35 30.39 -8.05
N SER H 179 -42.45 30.32 -7.27
CA SER H 179 -42.37 29.68 -5.96
C SER H 179 -42.31 28.17 -6.13
N PRO H 180 -41.52 27.46 -5.31
CA PRO H 180 -41.32 26.02 -5.54
C PRO H 180 -42.58 25.21 -5.32
N LEU H 181 -42.77 24.22 -6.18
CA LEU H 181 -43.78 23.19 -5.99
C LEU H 181 -43.41 22.30 -4.80
N THR H 182 -44.37 22.02 -3.92
CA THR H 182 -44.13 21.09 -2.81
C THR H 182 -45.33 20.16 -2.66
N VAL H 183 -45.07 18.87 -2.50
CA VAL H 183 -46.12 17.89 -2.27
C VAL H 183 -45.77 17.13 -0.99
N GLU H 184 -46.77 16.94 -0.11
CA GLU H 184 -46.62 16.35 1.21
C GLU H 184 -47.04 14.89 1.22
N TRP H 185 -46.42 14.11 2.10
CA TRP H 185 -46.93 12.80 2.46
C TRP H 185 -46.85 12.63 3.96
N ARG H 186 -47.96 12.21 4.56
CA ARG H 186 -48.09 12.10 6.01
C ARG H 186 -48.08 10.64 6.40
N ALA H 187 -47.35 10.32 7.47
CA ALA H 187 -47.20 8.95 7.95
C ALA H 187 -48.47 8.46 8.66
N GLY I 1 -39.07 29.13 -45.70
CA GLY I 1 -39.17 30.58 -45.80
C GLY I 1 -38.80 31.24 -44.50
N GLY I 2 -39.33 30.69 -43.41
CA GLY I 2 -38.75 30.95 -42.11
C GLY I 2 -37.48 30.13 -41.95
N ILE I 3 -37.61 28.84 -41.55
CA ILE I 3 -36.50 27.94 -41.23
C ILE I 3 -35.74 27.57 -42.51
N GLY I 4 -34.44 27.88 -42.55
CA GLY I 4 -33.60 27.55 -43.68
C GLY I 4 -32.83 26.24 -43.49
N SER I 5 -32.60 25.55 -44.59
CA SER I 5 -31.77 24.35 -44.60
C SER I 5 -30.37 24.69 -45.06
N ASP I 6 -29.40 23.96 -44.53
CA ASP I 6 -28.02 24.07 -44.97
C ASP I 6 -27.80 23.16 -46.16
N ASN I 7 -26.88 23.53 -47.04
CA ASN I 7 -26.72 22.82 -48.31
C ASN I 7 -25.65 21.75 -48.18
N LYS I 8 -26.01 20.52 -48.56
CA LYS I 8 -25.10 19.41 -48.50
C LYS I 8 -24.18 19.44 -49.72
N VAL I 9 -22.88 19.33 -49.46
CA VAL I 9 -21.89 19.41 -50.52
C VAL I 9 -21.75 18.05 -51.19
N THR I 10 -21.59 18.06 -52.51
CA THR I 10 -21.35 16.83 -53.24
C THR I 10 -19.86 16.50 -53.23
N ARG I 11 -19.55 15.25 -52.90
CA ARG I 11 -18.19 14.76 -52.79
C ARG I 11 -17.53 14.63 -54.17
N ARG I 12 -16.21 14.52 -54.18
CA ARG I 12 -15.49 14.31 -55.43
C ARG I 12 -15.70 12.88 -55.92
N GLY I 13 -16.16 12.74 -57.15
CA GLY I 13 -16.56 11.45 -57.68
C GLY I 13 -15.67 10.86 -58.76
N LYS J 2 12.05 -22.94 29.46
CA LYS J 2 12.88 -21.89 30.06
C LYS J 2 14.19 -22.48 30.57
N GLU J 3 14.74 -21.86 31.60
CA GLU J 3 15.93 -22.33 32.30
C GLU J 3 15.92 -21.61 33.65
N GLU J 4 16.28 -22.32 34.72
CA GLU J 4 16.10 -21.74 36.05
C GLU J 4 17.36 -21.07 36.57
N HIS J 5 18.51 -21.74 36.47
CA HIS J 5 19.75 -21.15 36.99
C HIS J 5 20.91 -21.55 36.08
N VAL J 6 21.96 -20.72 36.12
CA VAL J 6 23.22 -20.95 35.42
C VAL J 6 24.34 -20.71 36.43
N ILE J 7 25.33 -21.57 36.41
CA ILE J 7 26.60 -21.32 37.10
C ILE J 7 27.66 -21.32 36.02
N ILE J 8 28.54 -20.32 36.04
CA ILE J 8 29.60 -20.21 35.06
C ILE J 8 30.92 -20.05 35.79
N GLN J 9 31.91 -20.80 35.35
CA GLN J 9 33.28 -20.65 35.79
C GLN J 9 33.99 -19.98 34.63
N ALA J 10 34.45 -18.75 34.83
CA ALA J 10 34.91 -17.87 33.77
C ALA J 10 36.35 -17.49 34.04
N GLU J 11 37.21 -17.69 33.05
CA GLU J 11 38.63 -17.45 33.25
C GLU J 11 39.26 -16.95 31.96
N PHE J 12 40.29 -16.14 32.12
CA PHE J 12 40.97 -15.56 30.99
C PHE J 12 42.40 -15.21 31.38
N TYR J 13 43.28 -15.21 30.39
CA TYR J 13 44.64 -14.72 30.53
C TYR J 13 44.93 -13.78 29.36
N LEU J 14 45.61 -12.67 29.66
CA LEU J 14 45.72 -11.54 28.72
C LEU J 14 47.18 -11.13 28.59
N ASN J 15 47.70 -11.17 27.34
CA ASN J 15 49.05 -10.73 26.99
C ASN J 15 48.98 -9.43 26.20
N PRO J 16 49.95 -8.52 26.38
CA PRO J 16 51.15 -8.67 27.21
C PRO J 16 51.00 -8.22 28.67
N ASP J 17 49.77 -7.91 29.10
CA ASP J 17 49.57 -7.41 30.46
C ASP J 17 49.93 -8.45 31.51
N GLN J 18 49.91 -9.74 31.15
CA GLN J 18 50.15 -10.83 32.09
C GLN J 18 49.19 -10.76 33.27
N SER J 19 47.93 -10.45 32.98
CA SER J 19 46.89 -10.48 33.99
C SER J 19 45.97 -11.67 33.73
N GLY J 20 45.56 -12.33 34.81
CA GLY J 20 44.68 -13.47 34.72
C GLY J 20 43.48 -13.28 35.61
N GLU J 21 42.48 -14.11 35.38
CA GLU J 21 41.30 -14.07 36.22
C GLU J 21 40.64 -15.44 36.21
N PHE J 22 40.07 -15.78 37.35
CA PHE J 22 39.30 -17.00 37.51
C PHE J 22 38.20 -16.65 38.49
N MET J 23 36.94 -16.97 38.15
CA MET J 23 35.82 -16.57 39.00
C MET J 23 34.61 -17.48 38.74
N PHE J 24 33.64 -17.39 39.64
CA PHE J 24 32.40 -18.15 39.55
C PHE J 24 31.22 -17.20 39.54
N ASP J 25 30.27 -17.46 38.64
CA ASP J 25 29.11 -16.61 38.42
C ASP J 25 27.85 -17.44 38.60
N PHE J 26 26.95 -16.96 39.45
CA PHE J 26 25.61 -17.53 39.62
C PHE J 26 24.61 -16.48 39.19
N ASP J 27 23.87 -16.76 38.12
CA ASP J 27 22.76 -15.92 37.66
C ASP J 27 23.15 -14.43 37.55
N GLY J 28 24.39 -14.17 37.13
CA GLY J 28 24.87 -12.81 36.92
C GLY J 28 25.65 -12.21 38.09
N ASP J 29 25.66 -12.85 39.24
CA ASP J 29 26.42 -12.36 40.39
C ASP J 29 27.62 -13.27 40.61
N GLU J 30 28.67 -12.68 41.17
CA GLU J 30 29.93 -13.38 41.44
C GLU J 30 29.83 -14.08 42.79
N ILE J 31 30.13 -15.39 42.79
CA ILE J 31 30.33 -16.15 44.03
C ILE J 31 31.68 -15.83 44.64
N PHE J 32 32.74 -15.97 43.85
CA PHE J 32 34.10 -15.69 44.29
C PHE J 32 34.98 -15.52 43.05
N HIS J 33 36.20 -15.04 43.29
CA HIS J 33 37.27 -15.07 42.32
C HIS J 33 38.53 -15.41 43.10
N VAL J 34 39.62 -15.69 42.37
CA VAL J 34 40.89 -16.06 42.97
C VAL J 34 41.89 -14.97 42.68
N ASP J 35 42.38 -14.31 43.72
CA ASP J 35 43.49 -13.37 43.59
C ASP J 35 44.73 -14.15 43.19
N MET J 36 45.20 -13.94 41.96
CA MET J 36 46.36 -14.72 41.54
C MET J 36 47.66 -14.21 42.18
N ALA J 37 47.69 -12.96 42.62
CA ALA J 37 48.86 -12.44 43.35
C ALA J 37 49.02 -13.15 44.70
N LYS J 38 47.98 -13.14 45.54
CA LYS J 38 48.06 -13.74 46.86
C LYS J 38 47.57 -15.19 46.91
N LYS J 39 47.16 -15.76 45.77
CA LYS J 39 46.85 -17.18 45.64
C LYS J 39 45.78 -17.63 46.64
N GLU J 40 44.77 -16.81 46.86
CA GLU J 40 43.68 -17.16 47.77
C GLU J 40 42.32 -16.83 47.15
N THR J 41 41.32 -17.60 47.58
CA THR J 41 39.94 -17.37 47.17
C THR J 41 39.40 -16.11 47.85
N VAL J 42 38.72 -15.26 47.07
CA VAL J 42 38.08 -14.04 47.59
C VAL J 42 36.57 -14.13 47.39
N TRP J 43 35.81 -14.17 48.48
CA TRP J 43 34.36 -14.28 48.38
C TRP J 43 33.71 -12.92 48.19
N ARG J 44 32.73 -12.87 47.29
CA ARG J 44 32.09 -11.60 46.94
C ARG J 44 31.36 -11.00 48.13
N LEU J 45 30.65 -11.84 48.90
CA LEU J 45 30.20 -11.49 50.24
C LEU J 45 30.92 -12.38 51.24
N GLU J 46 31.37 -11.80 52.36
CA GLU J 46 32.18 -12.57 53.29
C GLU J 46 31.41 -13.75 53.85
N GLU J 47 30.10 -13.59 54.04
CA GLU J 47 29.27 -14.68 54.55
C GLU J 47 29.40 -15.96 53.72
N PHE J 48 29.73 -15.83 52.44
CA PHE J 48 29.94 -17.02 51.61
C PHE J 48 31.13 -17.84 52.09
N GLY J 49 32.14 -17.19 52.70
CA GLY J 49 33.34 -17.92 53.09
C GLY J 49 33.09 -18.98 54.14
N ARG J 50 32.03 -18.82 54.93
CA ARG J 50 31.62 -19.80 55.93
C ARG J 50 30.65 -20.85 55.42
N PHE J 51 30.03 -20.66 54.25
CA PHE J 51 29.11 -21.64 53.67
C PHE J 51 29.77 -22.54 52.63
N ALA J 52 30.98 -22.21 52.19
CA ALA J 52 31.57 -22.89 51.04
C ALA J 52 33.09 -22.77 51.12
N SER J 53 33.75 -23.55 50.29
CA SER J 53 35.20 -23.52 50.20
C SER J 53 35.60 -23.72 48.75
N PHE J 54 36.76 -23.21 48.40
CA PHE J 54 37.32 -23.43 47.06
C PHE J 54 38.83 -23.46 47.15
N GLU J 55 39.43 -24.55 46.68
CA GLU J 55 40.88 -24.70 46.66
C GLU J 55 41.45 -23.83 45.54
N ALA J 56 42.17 -22.76 45.94
CA ALA J 56 42.68 -21.78 45.00
C ALA J 56 43.71 -22.38 44.04
N GLN J 57 44.49 -23.37 44.48
CA GLN J 57 45.52 -23.90 43.60
C GLN J 57 44.91 -24.50 42.34
N GLY J 58 43.66 -24.99 42.43
CA GLY J 58 42.97 -25.46 41.24
C GLY J 58 42.71 -24.35 40.23
N ALA J 59 42.34 -23.17 40.72
CA ALA J 59 42.21 -22.03 39.81
C ALA J 59 43.55 -21.70 39.17
N LEU J 60 44.62 -21.65 39.97
CA LEU J 60 45.92 -21.26 39.44
C LEU J 60 46.40 -22.25 38.39
N ALA J 61 46.13 -23.54 38.62
CA ALA J 61 46.51 -24.56 37.65
C ALA J 61 45.76 -24.37 36.34
N ASN J 62 44.50 -23.95 36.43
CA ASN J 62 43.74 -23.67 35.23
C ASN J 62 44.26 -22.44 34.51
N ILE J 63 44.73 -21.43 35.25
CA ILE J 63 45.24 -20.23 34.59
C ILE J 63 46.52 -20.55 33.84
N ALA J 64 47.34 -21.44 34.39
CA ALA J 64 48.52 -21.91 33.68
C ALA J 64 48.13 -22.55 32.36
N VAL J 65 47.01 -23.28 32.32
CA VAL J 65 46.56 -23.87 31.07
C VAL J 65 46.08 -22.78 30.10
N ASP J 66 45.26 -21.84 30.58
CA ASP J 66 44.85 -20.71 29.75
C ASP J 66 46.05 -19.96 29.18
N LYS J 67 47.09 -19.79 30.01
CA LYS J 67 48.28 -19.08 29.55
C LYS J 67 48.99 -19.87 28.47
N ALA J 68 49.12 -21.19 28.65
CA ALA J 68 49.73 -22.03 27.63
C ALA J 68 48.87 -22.07 26.37
N ASN J 69 47.54 -22.09 26.52
CA ASN J 69 46.65 -22.01 25.38
C ASN J 69 46.74 -20.68 24.66
N LEU J 70 47.03 -19.59 25.39
CA LEU J 70 47.09 -18.28 24.74
C LEU J 70 48.30 -18.21 23.80
N GLU J 71 49.46 -18.68 24.25
CA GLU J 71 50.63 -18.64 23.37
C GLU J 71 50.43 -19.56 22.18
N ILE J 72 49.80 -20.72 22.38
CA ILE J 72 49.46 -21.60 21.27
C ILE J 72 48.53 -20.90 20.30
N MET J 73 47.46 -20.29 20.82
CA MET J 73 46.40 -19.79 19.96
C MET J 73 46.84 -18.59 19.14
N THR J 74 47.71 -17.75 19.67
CA THR J 74 48.07 -16.57 18.90
C THR J 74 49.21 -16.87 17.90
N LYS J 75 50.07 -17.86 18.18
CA LYS J 75 50.93 -18.40 17.14
C LYS J 75 50.11 -19.02 16.02
N ARG J 76 49.15 -19.87 16.37
CA ARG J 76 48.28 -20.51 15.38
C ARG J 76 47.34 -19.50 14.70
N SER J 77 47.03 -18.37 15.34
CA SER J 77 46.24 -17.31 14.69
C SER J 77 47.09 -16.38 13.83
N ASN J 78 48.42 -16.55 13.87
CA ASN J 78 49.40 -15.62 13.27
C ASN J 78 49.29 -14.19 13.83
N TYR J 79 49.16 -14.09 15.16
CA TYR J 79 49.28 -12.81 15.89
C TYR J 79 48.24 -11.77 15.45
N THR J 80 47.07 -12.21 15.04
CA THR J 80 45.98 -11.27 14.86
C THR J 80 45.62 -10.64 16.21
N PRO J 81 45.67 -9.33 16.35
CA PRO J 81 45.34 -8.70 17.63
C PRO J 81 43.84 -8.60 17.85
N ILE J 82 43.47 -8.46 19.13
CA ILE J 82 42.07 -8.30 19.54
C ILE J 82 41.57 -6.92 19.16
N THR J 83 40.36 -6.87 18.62
CA THR J 83 39.67 -5.61 18.38
C THR J 83 39.07 -5.08 19.67
N ASN J 84 39.55 -3.91 20.10
CA ASN J 84 38.95 -3.21 21.23
C ASN J 84 37.47 -2.96 20.99
N VAL J 85 36.69 -3.11 22.06
CA VAL J 85 35.28 -2.71 22.03
C VAL J 85 35.05 -1.84 23.26
N PRO J 86 34.71 -0.56 23.10
CA PRO J 86 34.69 0.35 24.26
C PRO J 86 33.42 0.17 25.07
N PRO J 87 33.43 0.55 26.35
CA PRO J 87 32.30 0.28 27.22
C PRO J 87 31.24 1.37 27.21
N GLU J 88 30.01 0.96 27.50
CA GLU J 88 29.01 1.84 28.08
C GLU J 88 29.30 2.04 29.57
N VAL J 89 28.89 3.19 30.11
CA VAL J 89 29.15 3.53 31.50
C VAL J 89 27.93 4.23 32.09
N THR J 90 27.32 3.61 33.10
CA THR J 90 26.20 4.21 33.81
C THR J 90 26.57 4.49 35.26
N VAL J 91 26.13 5.62 35.79
CA VAL J 91 26.26 5.94 37.20
C VAL J 91 24.86 5.97 37.80
N LEU J 92 24.70 5.35 38.96
CA LEU J 92 23.43 5.32 39.65
C LEU J 92 23.69 5.12 41.14
N THR J 93 22.68 5.39 41.94
CA THR J 93 22.78 5.22 43.37
C THR J 93 22.14 3.92 43.82
N ASN J 94 22.56 3.48 45.01
CA ASN J 94 22.06 2.24 45.62
C ASN J 94 20.60 2.37 46.00
N SER J 95 20.20 3.54 46.48
CA SER J 95 18.87 3.80 47.00
C SER J 95 18.41 5.16 46.46
N PRO J 96 17.15 5.55 46.67
CA PRO J 96 16.82 6.96 46.48
C PRO J 96 17.58 7.83 47.46
N VAL J 97 18.07 8.96 46.98
CA VAL J 97 19.01 9.80 47.73
C VAL J 97 18.23 10.79 48.61
N GLU J 98 18.42 10.68 49.92
CA GLU J 98 17.88 11.62 50.90
C GLU J 98 19.04 12.40 51.51
N LEU J 99 18.75 13.59 52.03
CA LEU J 99 19.80 14.60 52.15
C LEU J 99 20.94 14.16 53.08
N ARG J 100 20.65 13.45 54.16
CA ARG J 100 21.77 13.04 55.00
C ARG J 100 21.72 11.57 55.38
N GLU J 101 21.07 10.73 54.57
CA GLU J 101 21.22 9.30 54.78
C GLU J 101 22.38 8.78 53.94
N PRO J 102 23.35 8.07 54.52
CA PRO J 102 24.46 7.54 53.70
C PRO J 102 23.96 6.65 52.56
N ASN J 103 24.68 6.70 51.43
CA ASN J 103 24.27 6.04 50.21
C ASN J 103 25.53 5.57 49.47
N VAL J 104 25.33 4.92 48.32
CA VAL J 104 26.45 4.44 47.51
C VAL J 104 26.26 4.85 46.06
N LEU J 105 27.30 5.43 45.47
CA LEU J 105 27.35 5.61 44.02
C LEU J 105 27.86 4.33 43.37
N ILE J 106 27.10 3.83 42.39
CA ILE J 106 27.46 2.67 41.60
C ILE J 106 27.87 3.14 40.19
N CYS J 107 29.06 2.73 39.75
CA CYS J 107 29.53 2.98 38.39
C CYS J 107 29.59 1.65 37.63
N PHE J 108 28.66 1.46 36.70
CA PHE J 108 28.52 0.19 35.99
C PHE J 108 29.15 0.30 34.59
N ILE J 109 30.16 -0.51 34.33
CA ILE J 109 30.95 -0.49 33.11
C ILE J 109 30.69 -1.80 32.36
N ASP J 110 30.15 -1.69 31.15
CA ASP J 110 29.46 -2.79 30.50
C ASP J 110 29.87 -2.94 29.03
N LYS J 111 29.78 -4.18 28.53
CA LYS J 111 29.86 -4.50 27.09
C LYS J 111 31.20 -4.09 26.47
N PHE J 112 32.31 -4.54 27.06
CA PHE J 112 33.62 -4.10 26.58
C PHE J 112 34.61 -5.26 26.62
N THR J 113 35.63 -5.14 25.76
CA THR J 113 36.82 -5.98 25.84
C THR J 113 37.91 -5.25 25.09
N PRO J 114 39.20 -5.52 25.39
CA PRO J 114 39.77 -6.39 26.43
C PRO J 114 39.35 -5.99 27.87
N PRO J 115 39.43 -6.96 28.82
CA PRO J 115 39.02 -6.71 30.22
C PRO J 115 40.12 -5.99 30.98
N VAL J 116 40.28 -4.71 30.61
CA VAL J 116 41.21 -3.80 31.27
C VAL J 116 40.57 -2.43 31.26
N VAL J 117 40.43 -1.82 32.43
CA VAL J 117 40.02 -0.44 32.54
C VAL J 117 40.87 0.24 33.61
N ASN J 118 40.92 1.56 33.55
CA ASN J 118 41.26 2.41 34.68
C ASN J 118 40.02 3.19 35.07
N VAL J 119 39.67 3.17 36.34
CA VAL J 119 38.48 3.84 36.83
C VAL J 119 38.88 4.74 37.98
N THR J 120 38.22 5.88 38.07
CA THR J 120 38.55 6.94 39.01
C THR J 120 37.26 7.59 39.45
N TRP J 121 37.12 7.79 40.74
CA TRP J 121 36.00 8.54 41.31
C TRP J 121 36.45 9.96 41.57
N LEU J 122 35.74 10.93 40.99
CA LEU J 122 36.02 12.35 41.20
C LEU J 122 34.90 12.96 42.05
N ARG J 123 35.27 13.57 43.17
CA ARG J 123 34.37 14.48 43.88
C ARG J 123 34.87 15.90 43.70
N ASN J 124 34.02 16.75 43.12
CA ASN J 124 34.37 18.12 42.75
C ASN J 124 35.67 18.17 41.96
N GLY J 125 35.79 17.28 40.97
CA GLY J 125 36.95 17.24 40.10
C GLY J 125 38.19 16.60 40.68
N LYS J 126 38.21 16.30 41.99
CA LYS J 126 39.40 15.75 42.63
C LYS J 126 39.19 14.28 42.98
N PRO J 127 40.23 13.44 42.89
CA PRO J 127 40.02 12.00 43.07
C PRO J 127 39.81 11.63 44.54
N VAL J 128 38.99 10.61 44.75
CA VAL J 128 38.66 10.12 46.07
C VAL J 128 38.82 8.60 46.09
N THR J 129 39.35 8.07 47.20
CA THR J 129 39.46 6.63 47.39
C THR J 129 38.94 6.16 48.73
N THR J 130 38.33 7.03 49.53
CA THR J 130 37.81 6.66 50.85
C THR J 130 36.60 5.75 50.70
N GLY J 131 36.78 4.46 50.97
CA GLY J 131 35.69 3.52 51.01
C GLY J 131 35.33 2.89 49.69
N VAL J 132 36.10 3.15 48.64
CA VAL J 132 35.77 2.60 47.33
C VAL J 132 36.07 1.10 47.31
N SER J 133 35.30 0.39 46.50
CA SER J 133 35.58 -1.01 46.22
C SER J 133 35.16 -1.28 44.79
N GLU J 134 35.60 -2.42 44.26
CA GLU J 134 35.31 -2.76 42.88
C GLU J 134 35.22 -4.27 42.74
N THR J 135 34.51 -4.71 41.71
CA THR J 135 34.48 -6.12 41.37
C THR J 135 35.57 -6.41 40.34
N VAL J 136 35.76 -7.69 40.07
CA VAL J 136 36.66 -8.07 38.99
C VAL J 136 35.86 -7.95 37.68
N PHE J 137 36.34 -8.58 36.61
CA PHE J 137 35.63 -8.53 35.34
C PHE J 137 34.59 -9.65 35.28
N LEU J 138 33.39 -9.29 34.99
CA LEU J 138 32.28 -10.21 35.05
C LEU J 138 31.86 -10.68 33.65
N PRO J 139 31.41 -11.92 33.52
CA PRO J 139 31.11 -12.47 32.19
C PRO J 139 29.76 -12.03 31.64
N ARG J 140 29.64 -12.10 30.31
CA ARG J 140 28.40 -11.80 29.59
C ARG J 140 28.17 -12.88 28.56
N GLU J 141 26.90 -13.07 28.21
CA GLU J 141 26.56 -14.11 27.24
C GLU J 141 27.14 -13.80 25.86
N ASP J 142 27.36 -12.52 25.54
CA ASP J 142 28.03 -12.15 24.30
C ASP J 142 29.54 -12.08 24.47
N HIS J 143 30.07 -12.50 25.62
CA HIS J 143 31.49 -12.69 25.86
C HIS J 143 32.26 -11.37 25.93
N LEU J 144 31.56 -10.24 26.04
CA LEU J 144 32.13 -9.00 26.53
C LEU J 144 32.14 -9.02 28.06
N PHE J 145 32.60 -7.94 28.69
CA PHE J 145 32.83 -7.94 30.13
C PHE J 145 32.07 -6.84 30.85
N ARG J 146 31.75 -7.11 32.12
CA ARG J 146 31.12 -6.19 33.06
C ARG J 146 32.10 -5.82 34.17
N LYS J 147 31.76 -4.78 34.93
CA LYS J 147 32.57 -4.37 36.06
C LYS J 147 31.80 -3.31 36.85
N PHE J 148 31.93 -3.35 38.17
CA PHE J 148 31.24 -2.44 39.08
C PHE J 148 32.26 -1.78 39.99
N HIS J 149 32.15 -0.46 40.15
CA HIS J 149 32.90 0.29 41.14
C HIS J 149 31.92 0.99 42.07
N TYR J 150 32.33 1.16 43.34
CA TYR J 150 31.43 1.66 44.37
C TYR J 150 32.09 2.78 45.16
N LEU J 151 31.29 3.78 45.52
CA LEU J 151 31.76 4.91 46.33
C LEU J 151 30.67 5.28 47.33
N PRO J 152 30.82 4.89 48.60
CA PRO J 152 29.89 5.38 49.62
C PRO J 152 30.04 6.87 49.78
N PHE J 153 28.96 7.54 50.22
CA PHE J 153 29.02 8.98 50.35
C PHE J 153 27.84 9.47 51.18
N LEU J 154 27.98 10.68 51.71
CA LEU J 154 26.89 11.31 52.44
C LEU J 154 26.30 12.43 51.59
N PRO J 155 25.11 12.27 51.03
CA PRO J 155 24.60 13.23 50.05
C PRO J 155 24.60 14.66 50.59
N SER J 156 24.70 15.60 49.66
CA SER J 156 24.88 17.00 50.02
C SER J 156 24.70 17.85 48.76
N THR J 157 24.10 19.03 48.93
CA THR J 157 23.92 19.93 47.81
C THR J 157 25.22 20.57 47.33
N GLU J 158 26.34 20.27 47.96
CA GLU J 158 27.59 20.96 47.70
C GLU J 158 28.51 20.21 46.75
N ASP J 159 28.31 18.91 46.57
CA ASP J 159 29.25 18.06 45.87
C ASP J 159 28.66 17.60 44.54
N VAL J 160 29.54 17.35 43.58
CA VAL J 160 29.22 16.70 42.31
C VAL J 160 30.22 15.56 42.15
N TYR J 161 29.79 14.49 41.48
CA TYR J 161 30.66 13.35 41.28
C TYR J 161 30.70 12.96 39.81
N ASP J 162 31.85 12.43 39.41
CA ASP J 162 32.00 11.77 38.12
C ASP J 162 32.67 10.44 38.34
N CYS J 163 32.29 9.46 37.54
CA CYS J 163 33.05 8.24 37.35
C CYS J 163 33.82 8.40 36.05
N ARG J 164 35.13 8.16 36.08
CA ARG J 164 36.01 8.44 34.94
C ARG J 164 36.63 7.13 34.49
N VAL J 165 36.42 6.76 33.24
CA VAL J 165 36.80 5.45 32.73
C VAL J 165 37.74 5.62 31.54
N GLU J 166 38.92 5.02 31.63
CA GLU J 166 39.82 4.93 30.48
C GLU J 166 39.75 3.53 29.90
N HIS J 167 39.61 3.44 28.58
CA HIS J 167 39.62 2.15 27.91
C HIS J 167 40.25 2.31 26.53
N TRP J 168 41.00 1.29 26.09
CA TRP J 168 41.74 1.43 24.83
C TRP J 168 40.82 1.52 23.62
N GLY J 169 39.55 1.19 23.78
CA GLY J 169 38.58 1.41 22.73
C GLY J 169 38.02 2.82 22.65
N LEU J 170 38.41 3.70 23.57
CA LEU J 170 37.86 5.05 23.67
C LEU J 170 38.88 6.07 23.20
N ASP J 171 38.40 7.08 22.47
CA ASP J 171 39.28 8.15 21.99
C ASP J 171 39.72 9.07 23.12
N GLU J 172 38.93 9.17 24.17
CA GLU J 172 39.29 9.99 25.32
C GLU J 172 38.71 9.35 26.57
N PRO J 173 39.19 9.75 27.75
CA PRO J 173 38.53 9.31 28.98
C PRO J 173 37.05 9.66 28.92
N LEU J 174 36.22 8.77 29.46
CA LEU J 174 34.78 8.93 29.48
C LEU J 174 34.34 9.27 30.90
N LEU J 175 33.61 10.37 31.06
CA LEU J 175 33.11 10.82 32.37
C LEU J 175 31.59 10.76 32.39
N LYS J 176 31.04 10.15 33.43
CA LYS J 176 29.60 10.18 33.63
C LYS J 176 29.32 10.80 35.00
N HIS J 177 28.47 11.81 34.98
CA HIS J 177 28.30 12.76 36.06
C HIS J 177 27.12 12.36 36.94
N TRP J 178 27.23 12.70 38.22
CA TRP J 178 26.11 12.59 39.15
C TRP J 178 26.17 13.72 40.15
N GLU J 179 25.00 14.26 40.48
CA GLU J 179 24.89 15.26 41.53
C GLU J 179 23.48 15.22 42.09
N PHE J 180 23.33 15.66 43.33
CA PHE J 180 22.01 15.83 43.91
C PHE J 180 21.27 17.03 43.30
N ARG K 1 49.76 -0.94 21.30
CA ARG K 1 50.31 -2.27 21.55
C ARG K 1 49.23 -3.35 21.47
N PRO K 2 49.50 -4.42 20.70
CA PRO K 2 48.47 -5.46 20.50
C PRO K 2 48.23 -6.28 21.76
N ARG K 3 46.96 -6.57 22.03
CA ARG K 3 46.55 -7.41 23.14
C ARG K 3 46.02 -8.74 22.61
N PHE K 4 46.30 -9.82 23.34
CA PHE K 4 45.85 -11.15 22.97
C PHE K 4 45.21 -11.80 24.19
N LEU K 5 43.96 -12.23 24.05
CA LEU K 5 43.13 -12.66 25.16
C LEU K 5 42.67 -14.10 24.93
N GLU K 6 43.03 -15.00 25.84
CA GLU K 6 42.46 -16.32 25.88
C GLU K 6 41.38 -16.34 26.95
N TYR K 7 40.20 -16.85 26.59
CA TYR K 7 39.05 -16.85 27.48
C TYR K 7 38.39 -18.22 27.41
N SER K 8 37.73 -18.60 28.50
CA SER K 8 37.05 -19.87 28.56
C SER K 8 35.96 -19.85 29.63
N THR K 9 34.83 -20.49 29.35
CA THR K 9 33.81 -20.77 30.36
C THR K 9 33.57 -22.28 30.50
N SER K 10 33.24 -22.68 31.72
CA SER K 10 32.52 -23.93 31.97
C SER K 10 31.14 -23.56 32.49
N GLU K 11 30.10 -24.13 31.87
CA GLU K 11 28.76 -23.61 32.03
C GLU K 11 27.84 -24.73 32.48
N CYS K 12 27.01 -24.42 33.47
CA CYS K 12 26.08 -25.37 34.07
C CYS K 12 24.69 -24.74 33.97
N HIS K 13 23.83 -25.31 33.13
CA HIS K 13 22.48 -24.77 32.92
C HIS K 13 21.46 -25.74 33.51
N PHE K 14 20.59 -25.21 34.38
CA PHE K 14 19.73 -26.01 35.23
C PHE K 14 18.26 -25.79 34.87
N PHE K 15 17.56 -26.89 34.59
CA PHE K 15 16.14 -26.89 34.26
C PHE K 15 15.40 -27.78 35.24
N ASN K 16 14.29 -27.28 35.80
CA ASN K 16 13.38 -28.11 36.59
C ASN K 16 14.14 -28.68 37.78
N GLY K 17 14.63 -27.79 38.64
CA GLY K 17 15.57 -28.19 39.68
C GLY K 17 16.89 -28.64 39.08
N THR K 18 17.20 -29.94 39.20
CA THR K 18 18.38 -30.51 38.56
C THR K 18 18.02 -31.69 37.66
N GLU K 19 16.75 -31.88 37.32
CA GLU K 19 16.42 -33.07 36.54
C GLU K 19 17.00 -32.99 35.12
N ARG K 20 17.11 -31.78 34.56
CA ARG K 20 17.74 -31.54 33.27
C ARG K 20 18.89 -30.57 33.46
N VAL K 21 20.08 -30.95 33.01
CA VAL K 21 21.27 -30.13 33.14
C VAL K 21 22.09 -30.26 31.86
N ARG K 22 22.53 -29.13 31.30
CA ARG K 22 23.43 -29.12 30.16
C ARG K 22 24.74 -28.47 30.54
N TYR K 23 25.84 -29.19 30.30
CA TYR K 23 27.18 -28.74 30.63
C TYR K 23 27.93 -28.37 29.35
N LEU K 24 28.61 -27.22 29.37
CA LEU K 24 29.41 -26.76 28.24
C LEU K 24 30.82 -26.40 28.73
N ASP K 25 31.83 -26.75 27.93
CA ASP K 25 33.19 -26.30 28.12
C ASP K 25 33.60 -25.58 26.84
N ARG K 26 33.93 -24.29 26.95
CA ARG K 26 33.97 -23.39 25.79
C ARG K 26 35.26 -22.60 25.78
N TYR K 27 35.98 -22.66 24.66
CA TYR K 27 37.31 -22.08 24.57
C TYR K 27 37.34 -21.01 23.49
N PHE K 28 37.75 -19.80 23.89
CA PHE K 28 37.70 -18.60 23.05
C PHE K 28 39.10 -18.02 22.90
N HIS K 29 39.38 -17.47 21.71
CA HIS K 29 40.57 -16.64 21.50
C HIS K 29 40.12 -15.34 20.87
N ASN K 30 40.51 -14.21 21.49
CA ASN K 30 40.13 -12.85 21.06
C ASN K 30 38.67 -12.78 20.65
N GLN K 31 37.79 -13.17 21.56
CA GLN K 31 36.33 -13.11 21.45
C GLN K 31 35.74 -14.18 20.53
N GLU K 32 36.55 -15.03 19.91
CA GLU K 32 36.07 -16.05 18.98
C GLU K 32 36.04 -17.41 19.68
N GLU K 33 34.84 -17.97 19.80
CA GLU K 33 34.69 -19.37 20.20
C GLU K 33 35.14 -20.27 19.05
N ASN K 34 36.11 -21.16 19.29
CA ASN K 34 36.61 -22.02 18.22
C ASN K 34 36.52 -23.52 18.51
N VAL K 35 36.25 -23.92 19.75
CA VAL K 35 36.07 -25.33 20.08
C VAL K 35 35.31 -25.40 21.40
N ARG K 36 34.44 -26.41 21.51
CA ARG K 36 33.59 -26.56 22.68
C ARG K 36 33.25 -28.03 22.91
N PHE K 37 32.91 -28.34 24.16
CA PHE K 37 32.29 -29.61 24.52
C PHE K 37 30.88 -29.32 25.01
N ASP K 38 29.92 -30.09 24.53
CA ASP K 38 28.51 -29.91 24.85
C ASP K 38 27.98 -31.24 25.38
N SER K 39 27.53 -31.22 26.64
CA SER K 39 26.87 -32.36 27.26
C SER K 39 25.95 -33.10 26.28
N ASP K 40 25.09 -32.35 25.60
CA ASP K 40 24.11 -32.93 24.68
C ASP K 40 24.74 -33.57 23.44
N VAL K 41 26.01 -33.31 23.15
CA VAL K 41 26.64 -33.83 21.94
C VAL K 41 27.56 -34.98 22.31
N GLY K 42 28.18 -34.87 23.48
CA GLY K 42 29.01 -35.93 23.99
C GLY K 42 30.48 -35.84 23.65
N GLU K 43 30.88 -34.93 22.78
CA GLU K 43 32.28 -34.81 22.38
C GLU K 43 32.60 -33.37 22.02
N PHE K 44 33.88 -33.13 21.75
CA PHE K 44 34.36 -31.81 21.36
C PHE K 44 34.09 -31.57 19.88
N ARG K 45 33.49 -30.42 19.57
CA ARG K 45 33.22 -29.97 18.21
C ARG K 45 33.92 -28.64 17.98
N ALA K 46 34.63 -28.54 16.86
CA ALA K 46 35.21 -27.26 16.46
C ALA K 46 34.10 -26.28 16.07
N VAL K 47 34.26 -25.02 16.48
CA VAL K 47 33.33 -23.96 16.08
C VAL K 47 33.82 -23.25 14.82
N THR K 48 35.09 -22.90 14.80
CA THR K 48 35.80 -22.33 13.66
C THR K 48 36.90 -23.29 13.22
N GLU K 49 37.62 -22.93 12.15
CA GLU K 49 38.67 -23.81 11.65
C GLU K 49 39.90 -23.75 12.52
N LEU K 50 40.15 -22.61 13.18
CA LEU K 50 41.25 -22.52 14.13
C LEU K 50 41.08 -23.49 15.30
N GLY K 51 39.85 -23.94 15.57
CA GLY K 51 39.58 -24.89 16.62
C GLY K 51 39.65 -26.36 16.22
N ARG K 52 39.73 -26.64 14.91
CA ARG K 52 39.70 -28.03 14.45
C ARG K 52 40.89 -28.87 14.92
N PRO K 53 42.12 -28.37 14.99
CA PRO K 53 43.21 -29.21 15.54
C PRO K 53 42.92 -29.68 16.95
N ASP K 54 42.22 -28.87 17.76
CA ASP K 54 41.95 -29.24 19.13
C ASP K 54 40.83 -30.27 19.23
N ALA K 55 39.74 -30.05 18.48
CA ALA K 55 38.67 -31.04 18.40
C ALA K 55 39.21 -32.42 18.06
N GLU K 56 40.02 -32.52 17.00
CA GLU K 56 40.58 -33.80 16.61
C GLU K 56 41.48 -34.35 17.71
N TYR K 57 42.32 -33.50 18.29
CA TYR K 57 43.29 -33.95 19.28
C TYR K 57 42.61 -34.34 20.59
N TRP K 58 41.59 -33.58 21.02
CA TRP K 58 40.91 -33.89 22.28
C TRP K 58 39.98 -35.09 22.13
N ASN K 59 39.24 -35.17 21.02
CA ASN K 59 38.38 -36.32 20.81
C ASN K 59 39.13 -37.63 20.65
N SER K 60 40.47 -37.58 20.60
CA SER K 60 41.31 -38.77 20.48
C SER K 60 41.90 -39.21 21.82
N GLN K 61 41.51 -38.55 22.92
CA GLN K 61 41.88 -38.95 24.27
C GLN K 61 40.60 -39.50 24.88
N LYS K 62 40.49 -40.83 24.97
CA LYS K 62 39.21 -41.39 25.39
C LYS K 62 38.94 -41.14 26.85
N ASP K 63 39.98 -41.03 27.68
CA ASP K 63 39.74 -40.82 29.11
C ASP K 63 39.31 -39.38 29.37
N LEU K 64 39.76 -38.42 28.55
CA LEU K 64 39.24 -37.06 28.64
C LEU K 64 37.77 -37.01 28.27
N LEU K 65 37.35 -37.77 27.26
CA LEU K 65 35.94 -37.80 26.92
C LEU K 65 35.12 -38.31 28.10
N GLU K 66 35.56 -39.42 28.70
CA GLU K 66 34.88 -39.98 29.86
C GLU K 66 34.80 -38.96 31.00
N GLN K 67 35.92 -38.29 31.29
CA GLN K 67 35.96 -37.23 32.28
C GLN K 67 34.93 -36.14 31.99
N LYS K 68 34.91 -35.65 30.76
CA LYS K 68 34.02 -34.54 30.44
C LYS K 68 32.57 -34.97 30.37
N ARG K 69 32.30 -36.23 30.07
CA ARG K 69 30.92 -36.71 30.04
C ARG K 69 30.32 -36.86 31.44
N GLY K 70 31.15 -36.92 32.48
CA GLY K 70 30.62 -36.98 33.83
C GLY K 70 30.41 -35.63 34.51
N ARG K 71 30.89 -34.54 33.90
CA ARG K 71 30.85 -33.23 34.54
C ARG K 71 29.43 -32.82 34.93
N VAL K 72 28.44 -33.26 34.15
CA VAL K 72 27.06 -32.85 34.39
C VAL K 72 26.61 -33.32 35.78
N ASP K 73 27.23 -34.38 36.29
CA ASP K 73 26.93 -34.93 37.61
C ASP K 73 27.90 -34.44 38.67
N ASN K 74 29.20 -34.66 38.47
CA ASN K 74 30.19 -34.38 39.52
C ASN K 74 30.69 -32.94 39.52
N TYR K 75 30.19 -32.09 38.62
CA TYR K 75 30.59 -30.69 38.60
C TYR K 75 29.38 -29.77 38.77
N CYS K 76 28.40 -29.88 37.87
CA CYS K 76 27.25 -28.99 37.87
C CYS K 76 26.31 -29.34 39.02
N ARG K 77 25.79 -30.57 39.03
CA ARG K 77 24.88 -31.01 40.09
C ARG K 77 25.59 -30.99 41.44
N HIS K 78 26.88 -31.35 41.45
CA HIS K 78 27.64 -31.20 42.68
C HIS K 78 27.61 -29.75 43.15
N ASN K 79 28.09 -28.82 42.31
CA ASN K 79 28.21 -27.44 42.74
C ASN K 79 26.85 -26.82 43.03
N TYR K 80 25.80 -27.23 42.32
CA TYR K 80 24.46 -26.75 42.61
C TYR K 80 24.09 -27.09 44.06
N GLY K 81 24.40 -28.30 44.52
CA GLY K 81 24.02 -28.72 45.86
C GLY K 81 24.83 -28.05 46.94
N VAL K 82 26.09 -27.75 46.67
CA VAL K 82 26.91 -27.17 47.71
C VAL K 82 26.72 -25.67 47.85
N VAL K 83 26.16 -25.00 46.82
CA VAL K 83 25.89 -23.57 46.89
C VAL K 83 24.40 -23.21 46.97
N GLU K 84 23.50 -24.16 46.69
CA GLU K 84 22.06 -23.96 46.73
C GLU K 84 21.56 -23.15 47.92
N SER K 85 22.13 -23.37 49.11
CA SER K 85 21.51 -22.85 50.33
C SER K 85 21.59 -21.34 50.43
N PHE K 86 22.60 -20.72 49.82
CA PHE K 86 22.78 -19.27 49.91
C PHE K 86 22.71 -18.57 48.56
N THR K 87 22.29 -19.26 47.49
CA THR K 87 22.12 -18.66 46.17
C THR K 87 20.71 -18.92 45.69
N VAL K 88 20.41 -20.17 45.33
CA VAL K 88 19.08 -20.53 44.84
C VAL K 88 18.00 -20.16 45.86
N GLN K 89 18.34 -20.16 47.15
CA GLN K 89 17.36 -19.88 48.19
C GLN K 89 17.54 -18.51 48.82
N ARG K 90 18.55 -17.76 48.39
CA ARG K 90 18.70 -16.38 48.83
C ARG K 90 17.42 -15.60 48.60
N ARG K 91 16.97 -14.90 49.64
CA ARG K 91 15.78 -14.07 49.57
C ARG K 91 16.10 -12.77 50.27
N VAL K 92 15.95 -11.64 49.57
CA VAL K 92 16.16 -10.33 50.17
C VAL K 92 14.98 -9.43 49.87
N HIS K 93 14.36 -8.89 50.92
CA HIS K 93 13.15 -8.08 50.80
C HIS K 93 13.41 -6.84 49.94
N PRO K 94 12.41 -6.39 49.18
CA PRO K 94 12.52 -5.08 48.52
C PRO K 94 12.05 -3.96 49.44
N LYS K 95 12.82 -2.86 49.43
CA LYS K 95 12.44 -1.61 50.08
C LYS K 95 11.64 -0.73 49.10
N VAL K 96 10.39 -0.42 49.46
CA VAL K 96 9.48 0.26 48.54
C VAL K 96 9.18 1.65 49.06
N THR K 97 9.31 2.64 48.18
CA THR K 97 9.20 4.06 48.52
C THR K 97 8.52 4.74 47.35
N VAL K 98 7.57 5.62 47.64
CA VAL K 98 6.80 6.29 46.60
C VAL K 98 6.89 7.78 46.85
N TYR K 99 7.21 8.53 45.79
CA TYR K 99 7.34 9.98 45.90
C TYR K 99 7.05 10.63 44.54
N PRO K 100 6.42 11.80 44.53
CA PRO K 100 6.34 12.56 43.28
C PRO K 100 7.73 12.99 42.84
N SER K 101 7.93 13.03 41.52
CA SER K 101 9.25 13.38 41.01
C SER K 101 9.49 14.89 41.02
N LYS K 102 8.43 15.69 40.89
CA LYS K 102 8.48 17.14 41.03
C LYS K 102 7.34 17.58 41.94
N THR K 103 7.59 18.61 42.75
CA THR K 103 6.60 19.05 43.74
C THR K 103 5.59 20.01 43.09
N GLN K 104 4.97 19.50 42.03
CA GLN K 104 3.85 20.17 41.40
C GLN K 104 2.70 20.32 42.39
N PRO K 105 1.82 21.30 42.18
CA PRO K 105 0.49 21.28 42.79
C PRO K 105 -0.47 20.53 41.88
N LEU K 106 -1.66 20.27 42.43
CA LEU K 106 -2.56 19.33 41.79
C LEU K 106 -3.08 19.88 40.46
N GLN K 107 -3.71 18.99 39.69
CA GLN K 107 -4.32 19.24 38.38
C GLN K 107 -3.29 19.54 37.29
N HIS K 108 -1.99 19.34 37.56
CA HIS K 108 -0.96 19.38 36.55
C HIS K 108 -0.27 18.02 36.51
N HIS K 109 0.25 17.65 35.33
CA HIS K 109 0.85 16.32 35.15
C HIS K 109 2.05 16.12 36.07
N ASN K 110 2.23 14.88 36.51
CA ASN K 110 3.34 14.53 37.38
C ASN K 110 3.72 13.06 37.16
N LEU K 111 4.96 12.75 37.52
CA LEU K 111 5.44 11.39 37.51
C LEU K 111 5.47 10.90 38.95
N LEU K 112 4.67 9.88 39.25
CA LEU K 112 4.69 9.21 40.55
C LEU K 112 5.72 8.09 40.50
N VAL K 113 6.74 8.18 41.34
CA VAL K 113 7.87 7.26 41.33
C VAL K 113 7.67 6.19 42.39
N CYS K 114 7.61 4.95 41.97
CA CYS K 114 7.72 3.82 42.90
C CYS K 114 9.12 3.24 42.79
N SER K 115 9.96 3.49 43.82
CA SER K 115 11.31 2.97 43.88
C SER K 115 11.34 1.67 44.68
N VAL K 116 11.98 0.64 44.12
CA VAL K 116 11.99 -0.71 44.68
C VAL K 116 13.44 -1.19 44.67
N SER K 117 14.08 -1.18 45.85
CA SER K 117 15.52 -1.37 45.89
C SER K 117 15.91 -2.50 46.83
N GLY K 118 17.08 -3.08 46.53
CA GLY K 118 17.77 -3.95 47.45
C GLY K 118 17.25 -5.38 47.52
N PHE K 119 16.39 -5.81 46.59
CA PHE K 119 15.83 -7.14 46.63
C PHE K 119 16.74 -8.15 45.92
N TYR K 120 16.58 -9.42 46.31
CA TYR K 120 17.16 -10.57 45.60
C TYR K 120 16.18 -11.72 45.76
N PRO K 121 15.96 -12.53 44.71
CA PRO K 121 16.49 -12.46 43.35
C PRO K 121 15.71 -11.50 42.43
N GLY K 122 16.01 -11.54 41.12
CA GLY K 122 15.63 -10.45 40.23
C GLY K 122 14.15 -10.37 39.90
N SER K 123 13.47 -11.51 39.81
CA SER K 123 12.09 -11.53 39.32
C SER K 123 11.13 -10.83 40.28
N ILE K 124 10.33 -9.93 39.73
CA ILE K 124 9.52 -9.01 40.53
C ILE K 124 8.41 -8.46 39.64
N GLU K 125 7.26 -8.19 40.25
CA GLU K 125 6.13 -7.56 39.60
C GLU K 125 5.80 -6.28 40.35
N VAL K 126 5.63 -5.19 39.60
CA VAL K 126 5.33 -3.89 40.18
C VAL K 126 4.15 -3.32 39.41
N ARG K 127 3.07 -3.06 40.13
CA ARG K 127 1.83 -2.59 39.52
C ARG K 127 1.37 -1.31 40.23
N TRP K 128 0.65 -0.48 39.49
CA TRP K 128 0.16 0.79 40.00
C TRP K 128 -1.36 0.74 40.07
N PHE K 129 -1.91 1.35 41.11
CA PHE K 129 -3.35 1.42 41.32
C PHE K 129 -3.79 2.84 41.65
N ARG K 130 -4.86 3.27 40.98
CA ARG K 130 -5.53 4.53 41.27
C ARG K 130 -6.93 4.21 41.79
N ASN K 131 -7.19 4.63 43.03
CA ASN K 131 -8.47 4.41 43.72
C ASN K 131 -8.93 2.95 43.58
N GLY K 132 -8.00 2.02 43.78
CA GLY K 132 -8.32 0.61 43.77
C GLY K 132 -8.34 -0.07 42.43
N GLN K 133 -8.31 0.68 41.33
CA GLN K 133 -8.25 0.08 39.99
C GLN K 133 -6.82 0.10 39.48
N GLU K 134 -6.42 -0.98 38.81
CA GLU K 134 -5.06 -1.06 38.28
C GLU K 134 -4.89 -0.15 37.07
N GLU K 135 -3.86 0.68 37.10
CA GLU K 135 -3.51 1.51 35.96
C GLU K 135 -2.70 0.69 34.97
N LYS K 136 -3.31 0.34 33.84
CA LYS K 136 -2.60 -0.39 32.81
C LYS K 136 -1.81 0.52 31.89
N THR K 137 -2.27 1.76 31.72
CA THR K 137 -1.62 2.72 30.84
C THR K 137 -0.84 3.76 31.64
N GLY K 138 0.20 4.30 31.01
CA GLY K 138 0.94 5.39 31.60
C GLY K 138 2.09 4.99 32.49
N VAL K 139 2.57 3.75 32.36
CA VAL K 139 3.56 3.18 33.26
C VAL K 139 4.91 3.17 32.54
N VAL K 140 5.92 3.75 33.19
CA VAL K 140 7.26 3.89 32.64
C VAL K 140 8.23 3.24 33.60
N SER K 141 8.86 2.15 33.16
CA SER K 141 9.67 1.29 33.99
C SER K 141 11.08 1.21 33.40
N THR K 142 12.09 1.44 34.25
CA THR K 142 13.48 1.24 33.88
C THR K 142 13.85 -0.22 33.65
N GLY K 143 12.96 -1.14 33.96
CA GLY K 143 13.31 -2.54 33.97
C GLY K 143 14.22 -2.86 35.16
N LEU K 144 14.77 -4.06 35.11
CA LEU K 144 15.51 -4.61 36.23
C LEU K 144 16.98 -4.22 36.15
N ILE K 145 17.49 -3.63 37.23
CA ILE K 145 18.88 -3.18 37.31
C ILE K 145 19.63 -4.03 38.32
N HIS K 146 20.77 -4.56 37.90
CA HIS K 146 21.69 -5.36 38.69
C HIS K 146 22.67 -4.43 39.40
N ASN K 147 22.81 -4.57 40.71
CA ASN K 147 23.71 -3.70 41.47
C ASN K 147 25.11 -4.28 41.59
N GLY K 148 25.33 -5.51 41.14
CA GLY K 148 26.62 -6.15 41.21
C GLY K 148 26.98 -6.75 42.55
N ASP K 149 26.07 -6.69 43.53
CA ASP K 149 26.35 -7.10 44.91
C ASP K 149 25.25 -8.02 45.45
N TRP K 150 24.67 -8.86 44.60
CA TRP K 150 23.59 -9.77 44.97
C TRP K 150 22.33 -9.02 45.41
N THR K 151 22.18 -7.75 45.04
CA THR K 151 20.89 -7.06 45.11
C THR K 151 20.57 -6.42 43.76
N PHE K 152 19.31 -5.99 43.64
CA PHE K 152 18.70 -5.46 42.43
C PHE K 152 17.85 -4.24 42.78
N GLN K 153 17.54 -3.43 41.76
CA GLN K 153 16.56 -2.35 41.93
C GLN K 153 15.77 -2.14 40.63
N THR K 154 14.68 -1.39 40.77
CA THR K 154 13.85 -0.99 39.64
C THR K 154 13.04 0.25 40.03
N LEU K 155 12.82 1.13 39.05
CA LEU K 155 11.93 2.27 39.20
C LEU K 155 10.79 2.10 38.23
N VAL K 156 9.57 2.20 38.74
CA VAL K 156 8.38 2.15 37.92
C VAL K 156 7.60 3.44 38.15
N MET K 157 7.38 4.19 37.08
CA MET K 157 6.78 5.51 37.18
C MET K 157 5.36 5.49 36.61
N LEU K 158 4.46 6.19 37.28
CA LEU K 158 3.10 6.33 36.81
C LEU K 158 2.89 7.75 36.29
N GLU K 159 2.40 7.86 35.05
CA GLU K 159 1.96 9.14 34.53
C GLU K 159 0.60 9.48 35.14
N THR K 160 0.53 10.59 35.84
CA THR K 160 -0.69 10.94 36.53
C THR K 160 -0.96 12.43 36.36
N VAL K 161 -2.20 12.81 36.61
CA VAL K 161 -2.50 14.21 36.88
C VAL K 161 -3.39 14.20 38.13
N PRO K 162 -2.80 14.36 39.31
CA PRO K 162 -3.56 14.13 40.54
C PRO K 162 -4.64 15.18 40.77
N ARG K 163 -5.80 14.71 41.16
CA ARG K 163 -6.87 15.55 41.69
C ARG K 163 -6.96 15.29 43.19
N SER K 164 -7.26 16.35 43.96
CA SER K 164 -7.35 16.22 45.42
C SER K 164 -8.29 15.10 45.82
N GLY K 165 -7.84 14.32 46.81
CA GLY K 165 -8.58 13.19 47.30
C GLY K 165 -8.14 11.85 46.75
N GLU K 166 -7.41 11.83 45.63
CA GLU K 166 -7.02 10.58 45.01
C GLU K 166 -5.94 9.87 45.82
N VAL K 167 -6.04 8.54 45.86
CA VAL K 167 -5.05 7.68 46.53
C VAL K 167 -4.44 6.76 45.47
N TYR K 168 -3.12 6.80 45.36
CA TYR K 168 -2.36 5.93 44.48
C TYR K 168 -1.55 4.94 45.31
N THR K 169 -1.51 3.68 44.86
CA THR K 169 -0.74 2.63 45.54
C THR K 169 0.16 1.88 44.57
N CYS K 170 1.41 1.74 44.97
CA CYS K 170 2.35 0.85 44.31
C CYS K 170 2.32 -0.52 45.02
N GLN K 171 1.93 -1.57 44.29
CA GLN K 171 1.91 -2.94 44.80
C GLN K 171 3.06 -3.74 44.20
N VAL K 172 3.74 -4.51 45.05
CA VAL K 172 4.98 -5.24 44.71
C VAL K 172 4.80 -6.73 45.03
N GLU K 173 5.22 -7.60 44.12
CA GLU K 173 5.19 -9.04 44.34
C GLU K 173 6.56 -9.63 44.05
N HIS K 174 7.05 -10.46 44.98
CA HIS K 174 8.43 -10.93 45.01
C HIS K 174 8.49 -12.23 45.81
N PRO K 175 9.40 -13.17 45.47
CA PRO K 175 9.47 -14.43 46.25
C PRO K 175 9.66 -14.22 47.75
N SER K 176 10.31 -13.14 48.18
CA SER K 176 10.58 -12.82 49.59
C SER K 176 9.36 -12.29 50.35
N VAL K 177 8.21 -12.11 49.71
CA VAL K 177 7.02 -11.66 50.42
C VAL K 177 5.88 -12.59 50.08
N THR K 178 4.94 -12.74 51.01
CA THR K 178 3.75 -13.54 50.80
C THR K 178 2.55 -12.65 50.51
N SER K 179 2.10 -11.89 51.51
CA SER K 179 1.15 -10.82 51.26
C SER K 179 1.85 -9.71 50.46
N PRO K 180 1.17 -9.10 49.48
CA PRO K 180 1.84 -8.10 48.65
C PRO K 180 2.18 -6.84 49.43
N LEU K 181 3.39 -6.33 49.17
CA LEU K 181 3.79 -5.02 49.63
C LEU K 181 3.00 -3.95 48.89
N THR K 182 2.38 -3.02 49.63
CA THR K 182 1.73 -1.87 49.03
C THR K 182 2.22 -0.61 49.73
N VAL K 183 2.40 0.47 48.97
CA VAL K 183 2.78 1.77 49.52
C VAL K 183 1.90 2.82 48.87
N GLU K 184 1.28 3.66 49.71
CA GLU K 184 0.29 4.67 49.33
C GLU K 184 0.94 6.02 49.07
N TRP K 185 0.39 6.77 48.12
CA TRP K 185 0.64 8.20 48.07
C TRP K 185 -0.71 8.90 47.91
N ARG K 186 -0.94 9.90 48.75
CA ARG K 186 -2.22 10.61 48.78
C ARG K 186 -2.03 11.99 48.19
N ALA K 187 -2.99 12.42 47.37
CA ALA K 187 -2.91 13.72 46.72
C ALA K 187 -3.25 14.85 47.69
N GLY L 1 32.46 -27.94 51.08
CA GLY L 1 32.60 -29.34 50.68
C GLY L 1 33.41 -29.44 49.41
N GLY L 2 34.25 -28.44 49.23
CA GLY L 2 34.79 -28.21 47.91
C GLY L 2 33.67 -27.87 46.94
N ILE L 3 33.56 -26.57 46.57
CA ILE L 3 33.11 -26.22 45.24
C ILE L 3 34.16 -26.74 44.26
N GLY L 4 33.74 -27.59 43.32
CA GLY L 4 34.67 -28.19 42.37
C GLY L 4 34.90 -27.28 41.18
N SER L 5 36.12 -27.31 40.67
CA SER L 5 36.42 -26.60 39.43
C SER L 5 36.56 -27.60 38.31
N ASP L 6 36.16 -27.16 37.12
CA ASP L 6 36.37 -27.91 35.90
C ASP L 6 37.79 -27.70 35.38
N ASN L 7 38.36 -28.73 34.76
CA ASN L 7 39.75 -28.68 34.31
C ASN L 7 39.82 -28.20 32.87
N LYS L 8 40.62 -27.16 32.66
CA LYS L 8 40.82 -26.63 31.32
C LYS L 8 41.77 -27.54 30.53
N VAL L 9 41.39 -27.85 29.30
CA VAL L 9 42.17 -28.73 28.46
C VAL L 9 43.28 -27.93 27.79
N THR L 10 44.46 -28.54 27.64
CA THR L 10 45.54 -27.88 26.94
C THR L 10 45.46 -28.16 25.45
N ARG L 11 45.52 -27.08 24.67
CA ARG L 11 45.41 -27.13 23.21
C ARG L 11 46.60 -27.86 22.60
N ARG L 12 46.42 -28.30 21.36
CA ARG L 12 47.53 -28.92 20.63
C ARG L 12 48.55 -27.87 20.22
N GLY L 13 49.82 -28.17 20.45
CA GLY L 13 50.92 -27.28 20.08
C GLY L 13 51.72 -27.81 18.91
#